data_4Z0W
# 
_entry.id   4Z0W 
# 
_audit_conform.dict_name       mmcif_pdbx.dic 
_audit_conform.dict_version    5.403 
_audit_conform.dict_location   http://mmcif.pdb.org/dictionaries/ascii/mmcif_pdbx.dic 
# 
loop_
_database_2.database_id 
_database_2.database_code 
_database_2.pdbx_database_accession 
_database_2.pdbx_DOI 
PDB   4Z0W         pdb_00004z0w 10.2210/pdb4z0w/pdb 
WWPDB D_1000208412 ?            ?                   
# 
loop_
_pdbx_audit_revision_history.ordinal 
_pdbx_audit_revision_history.data_content_type 
_pdbx_audit_revision_history.major_revision 
_pdbx_audit_revision_history.minor_revision 
_pdbx_audit_revision_history.revision_date 
_pdbx_audit_revision_history.part_number 
1 'Structure model' 1 0 2016-03-30 ? 
2 'Structure model' 1 1 2017-09-06 ? 
3 'Structure model' 1 2 2019-12-25 ? 
4 'Structure model' 1 3 2025-04-02 ? 
# 
_pdbx_audit_revision_details.ordinal             1 
_pdbx_audit_revision_details.revision_ordinal    1 
_pdbx_audit_revision_details.data_content_type   'Structure model' 
_pdbx_audit_revision_details.provider            repository 
_pdbx_audit_revision_details.type                'Initial release' 
_pdbx_audit_revision_details.description         ? 
_pdbx_audit_revision_details.details             ? 
# 
loop_
_pdbx_audit_revision_group.ordinal 
_pdbx_audit_revision_group.revision_ordinal 
_pdbx_audit_revision_group.data_content_type 
_pdbx_audit_revision_group.group 
1 2 'Structure model' 'Author supporting evidence' 
2 2 'Structure model' 'Derived calculations'       
3 3 'Structure model' 'Author supporting evidence' 
4 4 'Structure model' 'Data collection'            
5 4 'Structure model' 'Database references'        
6 4 'Structure model' 'Structure summary'          
# 
loop_
_pdbx_audit_revision_category.ordinal 
_pdbx_audit_revision_category.revision_ordinal 
_pdbx_audit_revision_category.data_content_type 
_pdbx_audit_revision_category.category 
1 2 'Structure model' pdbx_audit_support        
2 2 'Structure model' pdbx_struct_oper_list     
3 3 'Structure model' pdbx_audit_support        
4 4 'Structure model' chem_comp_atom            
5 4 'Structure model' chem_comp_bond            
6 4 'Structure model' database_2                
7 4 'Structure model' pdbx_entry_details        
8 4 'Structure model' pdbx_modification_feature 
# 
loop_
_pdbx_audit_revision_item.ordinal 
_pdbx_audit_revision_item.revision_ordinal 
_pdbx_audit_revision_item.data_content_type 
_pdbx_audit_revision_item.item 
1 2 'Structure model' '_pdbx_audit_support.funding_organization'     
2 2 'Structure model' '_pdbx_struct_oper_list.symmetry_operation'    
3 3 'Structure model' '_pdbx_audit_support.funding_organization'     
4 4 'Structure model' '_database_2.pdbx_DOI'                         
5 4 'Structure model' '_database_2.pdbx_database_accession'          
6 4 'Structure model' '_pdbx_entry_details.has_protein_modification' 
# 
_pdbx_database_status.status_code                     REL 
_pdbx_database_status.status_code_sf                  REL 
_pdbx_database_status.status_code_mr                  ? 
_pdbx_database_status.entry_id                        4Z0W 
_pdbx_database_status.recvd_initial_deposition_date   2015-03-26 
_pdbx_database_status.SG_entry                        N 
_pdbx_database_status.deposit_site                    RCSB 
_pdbx_database_status.process_site                    RCSB 
_pdbx_database_status.status_code_cs                  ? 
_pdbx_database_status.methods_development_category    ? 
_pdbx_database_status.pdb_format_compatible           Y 
_pdbx_database_status.status_code_nmr_data            ? 
# 
loop_
_pdbx_database_related.db_name 
_pdbx_database_related.details 
_pdbx_database_related.db_id 
_pdbx_database_related.content_type 
PDB 'CRYSTAL STRUCTURE OF THE PEPTAIBOL TRICHOTOXIN_A50E'                       1M24 unspecified 
PDB 'SOLUTION STRUCTURE OF THE PEPTAIBOL ZERVAMICIN IIB IN METHANOL'            1R9U unspecified 
PDB 'SOLUTION STRUCTURE OF THE PEPTAIBOL ZERVAMICIN IIB BOUND TO DPC MICELLES'  1IH9 unspecified 
PDB 'SOLUTION STRUCTURE OF THE PEPTAIBOL ANTIAMOEBIN I'                         1GQ0 unspecified 
PDB 'CRYSTAL STRUCTURE OF THE PEPTAIBOL ANTIAMOEBIN I'                          1JOH unspecified 
PDB 'CRYSTAL STRUCTURE OF THE PEPTAIBOL ALAMETHICIN'                            1AMT unspecified 
PDB 'SOLUTION STRUCTURE OF THE PEPTAIBOL CHRYSOSPERMIN C BOUND TO DPC MICELLES' 1EE7 unspecified 
PDB 'CRYSTAL STRUCTURE OF THE PEPTAIBOL CEPHAIBOL C'                            1OB7 unspecified 
PDB 'CRYSTAL STRUCTURE OF THE PEPTAIBOL CEPHAIBOL B'                            1OB6 unspecified 
PDB 'CRYSTAL STRUCTURE OF THE PEPTAIBOL CEPHAIBOL A'                            1OB4 unspecified 
# 
loop_
_audit_author.name 
_audit_author.pdbx_ordinal 
'Du, L.'          1  
'Risinger, A.L.'  2  
'Mitchell, C.A.'  3  
'Stamps, B.W.'    4  
'Pan, N.'         5  
'King, J.B.'      6  
'Motley, J.L.'    7  
'Thomas, L.M.'    8  
'Yang, Z.'        9  
'Stevenson, B.S.' 10 
'Mooberry, S.L.'  11 
'Cichewicz, R.H.' 12 
# 
_citation.abstract                  ? 
_citation.abstract_id_CAS           ? 
_citation.book_id_ISBN              ? 
_citation.book_publisher            ? 
_citation.book_publisher_city       ? 
_citation.book_title                ? 
_citation.coordinate_linkage        ? 
_citation.database_id_Medline       ? 
_citation.details                   ? 
_citation.id                        primary 
_citation.journal_abbrev            'TO BE PUBLISHED' 
_citation.journal_id_CSD            0353 
_citation.journal_id_ISSN           ? 
_citation.journal_full              ? 
_citation.journal_issue             ? 
_citation.journal_volume            ? 
_citation.language                  ? 
_citation.page_first                ? 
_citation.page_last                 ? 
_citation.title                     'Peptaibol gichigamin isolated from Tolypocladium sup_5' 
_citation.year                      ? 
_citation.database_id_CSD           ? 
_citation.pdbx_database_id_DOI      ? 
_citation.pdbx_database_id_PubMed   ? 
_citation.unpublished_flag          ? 
_citation.journal_id_ASTM           ? 
_citation.country                   ? 
# 
loop_
_citation_author.citation_id 
_citation_author.name 
_citation_author.ordinal 
_citation_author.identifier_ORCID 
primary 'Du, L.'          1  ? 
primary 'Risinger, A.L.'  2  ? 
primary 'Mitchell, C.A.'  3  ? 
primary 'Stamps, B.W.'    4  ? 
primary 'Pan, N.'         5  ? 
primary 'King, J.B.'      6  ? 
primary 'Motley, J.L.'    7  ? 
primary 'Thomas, L.M.'    8  ? 
primary 'Yang, Z.'        9  ? 
primary 'Stevenson, B.S.' 10 ? 
primary 'Mooberry, S.L.'  11 ? 
primary 'Cichewicz, R.H.' 12 ? 
# 
loop_
_entity.id 
_entity.type 
_entity.src_method 
_entity.pdbx_description 
_entity.formula_weight 
_entity.pdbx_number_of_molecules 
_entity.pdbx_ec 
_entity.pdbx_mutation 
_entity.pdbx_fragment 
_entity.details 
1 polymer nat 'PEPTAIBOL GICHIGAMIN' 2014.454 2 ? ? ? ? 
2 water   nat water                  18.015   9 ? ? ? ? 
# 
_entity_poly.entity_id                      1 
_entity_poly.type                           'polypeptide(L)' 
_entity_poly.nstd_linkage                   no 
_entity_poly.nstd_monomer                   yes 
_entity_poly.pdbx_seq_one_letter_code       '(ACE)(AIB)P(AIB)PF(DIV)PA(AIB)(BAL)A(DIV)(BAL)L(AIB)(BAL)L(AIB)(AIB)L(BAL)G' 
_entity_poly.pdbx_seq_one_letter_code_can   XAPAPFVPAAXAVXLAXLAALXG 
_entity_poly.pdbx_strand_id                 A,B 
_entity_poly.pdbx_target_identifier         ? 
# 
_pdbx_entity_nonpoly.entity_id   2 
_pdbx_entity_nonpoly.name        water 
_pdbx_entity_nonpoly.comp_id     HOH 
# 
loop_
_entity_poly_seq.entity_id 
_entity_poly_seq.num 
_entity_poly_seq.mon_id 
_entity_poly_seq.hetero 
1 1  ACE n 
1 2  AIB n 
1 3  PRO n 
1 4  AIB n 
1 5  PRO n 
1 6  PHE n 
1 7  DIV n 
1 8  PRO n 
1 9  ALA n 
1 10 AIB n 
1 11 BAL n 
1 12 ALA n 
1 13 DIV n 
1 14 BAL n 
1 15 LEU n 
1 16 AIB n 
1 17 BAL n 
1 18 LEU n 
1 19 AIB n 
1 20 AIB n 
1 21 LEU n 
1 22 BAL n 
1 23 GLY n 
# 
_entity_src_nat.entity_id                  1 
_entity_src_nat.pdbx_src_id                1 
_entity_src_nat.pdbx_alt_source_flag       sample 
_entity_src_nat.pdbx_beg_seq_num           1 
_entity_src_nat.pdbx_end_seq_num           23 
_entity_src_nat.common_name                ? 
_entity_src_nat.pdbx_organism_scientific   'Tolypocladium sp. Sup5 PDA-1' 
_entity_src_nat.pdbx_ncbi_taxonomy_id      1501327 
_entity_src_nat.genus                      ? 
_entity_src_nat.species                    ? 
_entity_src_nat.strain                     ? 
_entity_src_nat.tissue                     ? 
_entity_src_nat.tissue_fraction            ? 
_entity_src_nat.pdbx_secretion             ? 
_entity_src_nat.pdbx_fragment              ? 
_entity_src_nat.pdbx_variant               ? 
_entity_src_nat.pdbx_cell_line             ? 
_entity_src_nat.pdbx_atcc                  ? 
_entity_src_nat.pdbx_cellular_location     ? 
_entity_src_nat.pdbx_organ                 ? 
_entity_src_nat.pdbx_organelle             ? 
_entity_src_nat.pdbx_cell                  ? 
_entity_src_nat.pdbx_plasmid_name          ? 
_entity_src_nat.pdbx_plasmid_details       ? 
_entity_src_nat.details                    ? 
# 
loop_
_chem_comp.id 
_chem_comp.type 
_chem_comp.mon_nstd_flag 
_chem_comp.name 
_chem_comp.pdbx_synonyms 
_chem_comp.formula 
_chem_comp.formula_weight 
ACE non-polymer         . 'ACETYL GROUP'               ? 'C2 H4 O'     44.053  
AIB 'L-peptide linking' n 'ALPHA-AMINOISOBUTYRIC ACID' ? 'C4 H9 N O2'  103.120 
ALA 'L-peptide linking' y ALANINE                      ? 'C3 H7 N O2'  89.093  
BAL peptide-like        . BETA-ALANINE                 ? 'C3 H7 N O2'  89.093  
DIV 'D-peptide linking' . D-ISOVALINE                  ? 'C5 H11 N O2' 117.146 
GLY 'peptide linking'   y GLYCINE                      ? 'C2 H5 N O2'  75.067  
HOH non-polymer         . WATER                        ? 'H2 O'        18.015  
LEU 'L-peptide linking' y LEUCINE                      ? 'C6 H13 N O2' 131.173 
PHE 'L-peptide linking' y PHENYLALANINE                ? 'C9 H11 N O2' 165.189 
PRO 'L-peptide linking' y PROLINE                      ? 'C5 H9 N O2'  115.130 
# 
loop_
_pdbx_poly_seq_scheme.asym_id 
_pdbx_poly_seq_scheme.entity_id 
_pdbx_poly_seq_scheme.seq_id 
_pdbx_poly_seq_scheme.mon_id 
_pdbx_poly_seq_scheme.ndb_seq_num 
_pdbx_poly_seq_scheme.pdb_seq_num 
_pdbx_poly_seq_scheme.auth_seq_num 
_pdbx_poly_seq_scheme.pdb_mon_id 
_pdbx_poly_seq_scheme.auth_mon_id 
_pdbx_poly_seq_scheme.pdb_strand_id 
_pdbx_poly_seq_scheme.pdb_ins_code 
_pdbx_poly_seq_scheme.hetero 
A 1 1  ACE 1  1  1  ACE ACE A . n 
A 1 2  AIB 2  2  2  AIB AIB A . n 
A 1 3  PRO 3  3  3  PRO PRO A . n 
A 1 4  AIB 4  4  4  AIB AIB A . n 
A 1 5  PRO 5  5  5  PRO PRO A . n 
A 1 6  PHE 6  6  6  PHE PHE A . n 
A 1 7  DIV 7  7  7  DIV DIV A . n 
A 1 8  PRO 8  8  8  PRO PRO A . n 
A 1 9  ALA 9  9  9  ALA ALA A . n 
A 1 10 AIB 10 10 10 AIB AIB A . n 
A 1 11 BAL 11 11 11 BAL BAL A . n 
A 1 12 ALA 12 12 12 ALA ALA A . n 
A 1 13 DIV 13 13 13 DIV DIV A . n 
A 1 14 BAL 14 14 14 BAL BAL A . n 
A 1 15 LEU 15 15 15 LEU LEU A . n 
A 1 16 AIB 16 16 16 AIB AIB A . n 
A 1 17 BAL 17 17 17 BAL BAL A . n 
A 1 18 LEU 18 18 18 LEU LEU A . n 
A 1 19 AIB 19 19 19 AIB AIB A . n 
A 1 20 AIB 20 20 20 AIB AIB A . n 
A 1 21 LEU 21 21 21 LEU LEU A . n 
A 1 22 BAL 22 22 22 BAL BAL A . n 
A 1 23 GLY 23 23 ?  ?   ?   A . n 
B 1 1  ACE 1  1  1  ACE ACE B . n 
B 1 2  AIB 2  2  2  AIB AIB B . n 
B 1 3  PRO 3  3  3  PRO PRO B . n 
B 1 4  AIB 4  4  4  AIB AIB B . n 
B 1 5  PRO 5  5  5  PRO PRO B . n 
B 1 6  PHE 6  6  6  PHE PHE B . n 
B 1 7  DIV 7  7  7  DIV DIV B . n 
B 1 8  PRO 8  8  8  PRO PRO B . n 
B 1 9  ALA 9  9  9  ALA ALA B . n 
B 1 10 AIB 10 10 10 AIB AIB B . n 
B 1 11 BAL 11 11 11 BAL BAL B . n 
B 1 12 ALA 12 12 12 ALA ALA B . n 
B 1 13 DIV 13 13 13 DIV DIV B . n 
B 1 14 BAL 14 14 14 BAL BAL B . n 
B 1 15 LEU 15 15 15 LEU LEU B . n 
B 1 16 AIB 16 16 16 AIB AIB B . n 
B 1 17 BAL 17 17 17 BAL BAL B . n 
B 1 18 LEU 18 18 18 LEU LEU B . n 
B 1 19 AIB 19 19 19 AIB AIB B . n 
B 1 20 AIB 20 20 20 AIB AIB B . n 
B 1 21 LEU 21 21 21 LEU LEU B . n 
B 1 22 BAL 22 22 22 BAL BAL B . n 
B 1 23 GLY 23 23 23 GLY GLY B . n 
# 
loop_
_pdbx_nonpoly_scheme.asym_id 
_pdbx_nonpoly_scheme.entity_id 
_pdbx_nonpoly_scheme.mon_id 
_pdbx_nonpoly_scheme.ndb_seq_num 
_pdbx_nonpoly_scheme.pdb_seq_num 
_pdbx_nonpoly_scheme.auth_seq_num 
_pdbx_nonpoly_scheme.pdb_mon_id 
_pdbx_nonpoly_scheme.auth_mon_id 
_pdbx_nonpoly_scheme.pdb_strand_id 
_pdbx_nonpoly_scheme.pdb_ins_code 
C 2 HOH 1 101 4 HOH HOH A . 
C 2 HOH 2 102 5 HOH HOH A . 
D 2 HOH 1 101 7 HOH HOH B . 
D 2 HOH 2 102 8 HOH HOH B . 
D 2 HOH 3 103 1 HOH HOH B . 
D 2 HOH 4 104 2 HOH HOH B . 
D 2 HOH 5 105 3 HOH HOH B . 
D 2 HOH 6 106 6 HOH HOH B . 
D 2 HOH 7 107 9 HOH HOH B . 
# 
loop_
_pdbx_unobs_or_zero_occ_atoms.id 
_pdbx_unobs_or_zero_occ_atoms.PDB_model_num 
_pdbx_unobs_or_zero_occ_atoms.polymer_flag 
_pdbx_unobs_or_zero_occ_atoms.occupancy_flag 
_pdbx_unobs_or_zero_occ_atoms.auth_asym_id 
_pdbx_unobs_or_zero_occ_atoms.auth_comp_id 
_pdbx_unobs_or_zero_occ_atoms.auth_seq_id 
_pdbx_unobs_or_zero_occ_atoms.PDB_ins_code 
_pdbx_unobs_or_zero_occ_atoms.auth_atom_id 
_pdbx_unobs_or_zero_occ_atoms.label_alt_id 
_pdbx_unobs_or_zero_occ_atoms.label_asym_id 
_pdbx_unobs_or_zero_occ_atoms.label_comp_id 
_pdbx_unobs_or_zero_occ_atoms.label_seq_id 
_pdbx_unobs_or_zero_occ_atoms.label_atom_id 
1 1 Y 1 A BAL 22 ? O ? A BAL 22 O 
2 1 Y 1 B GLY 23 ? O ? B GLY 23 O 
# 
loop_
_software.citation_id 
_software.classification 
_software.compiler_name 
_software.compiler_version 
_software.contact_author 
_software.contact_author_email 
_software.date 
_software.description 
_software.dependencies 
_software.hardware 
_software.language 
_software.location 
_software.mods 
_software.name 
_software.os 
_software.os_version 
_software.type 
_software.version 
_software.pdbx_ordinal 
? refinement       ? ? ? ? ? ? ? ? ? ? ? SHELXL    ? ? ? . 1 
? 'data reduction' ? ? ? ? ? ? ? ? ? ? ? DENZO     ? ? ? . 2 
? phasing          ? ? ? ? ? ? ? ? ? ? ? SHELX     ? ? ? . 3 
? 'data scaling'   ? ? ? ? ? ? ? ? ? ? ? SCALEPACK ? ? ? . 4 
# 
_cell.entry_id           4Z0W 
_cell.length_a           10.065 
_cell.length_b           18.791 
_cell.length_c           31.424 
_cell.angle_alpha        75.16 
_cell.angle_beta         88.54 
_cell.angle_gamma        86.48 
_cell.Z_PDB              2 
_cell.pdbx_unique_axis   ? 
# 
_symmetry.entry_id                         4Z0W 
_symmetry.space_group_name_H-M             'P 1' 
_symmetry.pdbx_full_space_group_name_H-M   ? 
_symmetry.cell_setting                     ? 
_symmetry.Int_Tables_number                1 
# 
_exptl.absorpt_coefficient_mu     ? 
_exptl.absorpt_correction_T_max   ? 
_exptl.absorpt_correction_T_min   ? 
_exptl.absorpt_correction_type    ? 
_exptl.absorpt_process_details    ? 
_exptl.entry_id                   4Z0W 
_exptl.crystals_number            1 
_exptl.details                    ? 
_exptl.method                     'X-RAY DIFFRACTION' 
_exptl.method_details             ? 
# 
_exptl_crystal.colour                      ? 
_exptl_crystal.density_diffrn              ? 
_exptl_crystal.density_Matthews            1.48 
_exptl_crystal.density_method              ? 
_exptl_crystal.density_percent_sol         17.0 
_exptl_crystal.description                 ? 
_exptl_crystal.F_000                       ? 
_exptl_crystal.id                          1 
_exptl_crystal.preparation                 ? 
_exptl_crystal.size_max                    ? 
_exptl_crystal.size_mid                    ? 
_exptl_crystal.size_min                    ? 
_exptl_crystal.size_rad                    ? 
_exptl_crystal.colour_lustre               ? 
_exptl_crystal.colour_modifier             ? 
_exptl_crystal.colour_primary              ? 
_exptl_crystal.density_meas                ? 
_exptl_crystal.density_meas_esd            ? 
_exptl_crystal.density_meas_gt             ? 
_exptl_crystal.density_meas_lt             ? 
_exptl_crystal.density_meas_temp           ? 
_exptl_crystal.density_meas_temp_esd       ? 
_exptl_crystal.density_meas_temp_gt        ? 
_exptl_crystal.density_meas_temp_lt        ? 
_exptl_crystal.pdbx_crystal_image_url      ? 
_exptl_crystal.pdbx_crystal_image_format   ? 
_exptl_crystal.pdbx_mosaicity              ? 
_exptl_crystal.pdbx_mosaicity_esd          ? 
# 
_exptl_crystal_grow.apparatus       ? 
_exptl_crystal_grow.atmosphere      ? 
_exptl_crystal_grow.crystal_id      1 
_exptl_crystal_grow.details         ? 
_exptl_crystal_grow.method          'BATCH MODE' 
_exptl_crystal_grow.method_ref      ? 
_exptl_crystal_grow.pH              ? 
_exptl_crystal_grow.pressure        ? 
_exptl_crystal_grow.pressure_esd    ? 
_exptl_crystal_grow.seeding         ? 
_exptl_crystal_grow.seeding_ref     ? 
_exptl_crystal_grow.temp            295.65 
_exptl_crystal_grow.temp_details    ? 
_exptl_crystal_grow.temp_esd        ? 
_exptl_crystal_grow.time            ? 
_exptl_crystal_grow.pdbx_details    '100% METHANOL' 
_exptl_crystal_grow.pdbx_pH_range   ? 
# 
_diffrn.ambient_environment    ? 
_diffrn.ambient_temp           100 
_diffrn.ambient_temp_details   ? 
_diffrn.ambient_temp_esd       ? 
_diffrn.crystal_id             1 
_diffrn.crystal_support        ? 
_diffrn.crystal_treatment      ? 
_diffrn.details                ? 
_diffrn.id                     1 
_diffrn.ambient_pressure       ? 
_diffrn.ambient_pressure_esd   ? 
_diffrn.ambient_pressure_gt    ? 
_diffrn.ambient_pressure_lt    ? 
_diffrn.ambient_temp_gt        ? 
_diffrn.ambient_temp_lt        ? 
# 
_diffrn_detector.details                      ? 
_diffrn_detector.detector                     CCD 
_diffrn_detector.diffrn_id                    1 
_diffrn_detector.type                         RIGAKU 
_diffrn_detector.area_resol_mean              ? 
_diffrn_detector.dtime                        ? 
_diffrn_detector.pdbx_frames_total            ? 
_diffrn_detector.pdbx_collection_time_total   ? 
_diffrn_detector.pdbx_collection_date         2014-08-01 
# 
_diffrn_radiation.collimation                      ? 
_diffrn_radiation.diffrn_id                        1 
_diffrn_radiation.filter_edge                      ? 
_diffrn_radiation.inhomogeneity                    ? 
_diffrn_radiation.monochromator                    ? 
_diffrn_radiation.polarisn_norm                    ? 
_diffrn_radiation.polarisn_ratio                   ? 
_diffrn_radiation.probe                            ? 
_diffrn_radiation.type                             ? 
_diffrn_radiation.xray_symbol                      ? 
_diffrn_radiation.wavelength_id                    1 
_diffrn_radiation.pdbx_monochromatic_or_laue_m_l   M 
_diffrn_radiation.pdbx_wavelength_list             ? 
_diffrn_radiation.pdbx_wavelength                  ? 
_diffrn_radiation.pdbx_diffrn_protocol             'SINGLE WAVELENGTH' 
_diffrn_radiation.pdbx_analyzer                    ? 
_diffrn_radiation.pdbx_scattering_type             x-ray 
# 
_diffrn_radiation_wavelength.id           1 
_diffrn_radiation_wavelength.wavelength   1.542 
_diffrn_radiation_wavelength.wt           1.0 
# 
_diffrn_source.current                     ? 
_diffrn_source.details                     ? 
_diffrn_source.diffrn_id                   1 
_diffrn_source.power                       ? 
_diffrn_source.size                        ? 
_diffrn_source.source                      'ROTATING ANODE' 
_diffrn_source.target                      ? 
_diffrn_source.type                        'RIGAKU MICROMAX-007 HF' 
_diffrn_source.voltage                     ? 
_diffrn_source.take-off_angle              ? 
_diffrn_source.pdbx_wavelength_list        1.542 
_diffrn_source.pdbx_wavelength             ? 
_diffrn_source.pdbx_synchrotron_beamline   ? 
_diffrn_source.pdbx_synchrotron_site       ? 
# 
_reflns.pdbx_diffrn_id               1 
_reflns.pdbx_ordinal                 1 
_reflns.entry_id                     4Z0W 
_reflns.observed_criterion_sigma_I   ? 
_reflns.observed_criterion_sigma_F   ? 
_reflns.d_resolution_low             25 
_reflns.d_resolution_high            1.10 
_reflns.number_obs                   14245 
_reflns.number_all                   14245 
_reflns.percent_possible_obs         99.8 
_reflns.pdbx_Rmerge_I_obs            0.108 
_reflns.pdbx_Rsym_value              ? 
_reflns.pdbx_netI_over_sigmaI        15.253 
_reflns.B_iso_Wilson_estimate        ? 
_reflns.pdbx_redundancy              4.5 
# 
_reflns_shell.pdbx_diffrn_id         1 
_reflns_shell.pdbx_ordinal           1 
_reflns_shell.d_res_high             1.10 
_reflns_shell.d_res_low              1.12 
_reflns_shell.percent_possible_all   99.6 
_reflns_shell.Rmerge_I_obs           0.293 
_reflns_shell.pdbx_Rsym_value        ? 
_reflns_shell.meanI_over_sigI_obs    5.412 
_reflns_shell.pdbx_redundancy        4.0 
_reflns_shell.number_measured_obs    ? 
_reflns_shell.number_unique_all      ? 
# 
_refine.pdbx_refine_id                           'X-RAY DIFFRACTION' 
_refine.entry_id                                 4Z0W 
_refine.pdbx_diffrn_id                           1 
_refine.pdbx_TLS_residual_ADP_flag               ? 
_refine.ls_number_reflns_obs                     14245 
_refine.ls_number_reflns_all                     ? 
_refine.pdbx_ls_sigma_I                          ? 
_refine.pdbx_ls_sigma_F                          0.0 
_refine.pdbx_data_cutoff_high_absF               ? 
_refine.pdbx_data_cutoff_low_absF                ? 
_refine.pdbx_data_cutoff_high_rms_absF           ? 
_refine.ls_d_res_low                             25 
_refine.ls_d_res_high                            1.10 
_refine.ls_percent_reflns_obs                    99.8 
_refine.ls_R_factor_obs                          0.1098 
_refine.ls_R_factor_all                          ? 
_refine.ls_R_factor_R_work                       ? 
_refine.ls_R_factor_R_free                       0.1206 
_refine.ls_R_factor_R_free_error                 ? 
_refine.ls_R_factor_R_free_error_details         ? 
_refine.ls_percent_reflns_R_free                 5.25 
_refine.ls_number_reflns_R_free                  749 
_refine.ls_number_parameters                     2623 
_refine.ls_number_restraints                     2940 
_refine.occupancy_min                            ? 
_refine.occupancy_max                            ? 
_refine.correlation_coeff_Fo_to_Fc               ? 
_refine.correlation_coeff_Fo_to_Fc_free          ? 
_refine.B_iso_mean                               ? 
_refine.aniso_B[1][1]                            ? 
_refine.aniso_B[2][2]                            ? 
_refine.aniso_B[3][3]                            ? 
_refine.aniso_B[1][2]                            ? 
_refine.aniso_B[1][3]                            ? 
_refine.aniso_B[2][3]                            ? 
_refine.solvent_model_details                    'MOEWS & KRETSINGER, J.MOL.BIOL.91(1973)201-228' 
_refine.solvent_model_param_ksol                 ? 
_refine.solvent_model_param_bsol                 ? 
_refine.pdbx_solvent_vdw_probe_radii             ? 
_refine.pdbx_solvent_ion_probe_radii             ? 
_refine.pdbx_solvent_shrinkage_radii             ? 
_refine.pdbx_ls_cross_valid_method               'FREE R' 
_refine.details                                  ? 
_refine.pdbx_starting_model                      ? 
_refine.pdbx_method_to_determine_struct          'AB INITIO' 
_refine.pdbx_isotropic_thermal_model             ? 
_refine.pdbx_stereochemistry_target_values       'ENGH AND HUBER' 
_refine.pdbx_stereochem_target_val_spec_case     ? 
_refine.pdbx_R_Free_selection_details            RANDOM 
_refine.pdbx_overall_ESU_R                       ? 
_refine.pdbx_overall_ESU_R_Free                  ? 
_refine.overall_SU_ML                            ? 
_refine.pdbx_overall_phase_error                 ? 
_refine.overall_SU_B                             ? 
_refine.overall_SU_R_Cruickshank_DPI             ? 
_refine.pdbx_overall_SU_R_free_Cruickshank_DPI   ? 
_refine.pdbx_overall_SU_R_Blow_DPI               ? 
_refine.pdbx_overall_SU_R_free_Blow_DPI          ? 
# 
_refine_analyze.pdbx_refine_id                  'X-RAY DIFFRACTION' 
_refine_analyze.entry_id                        4Z0W 
_refine_analyze.Luzzati_coordinate_error_obs    ? 
_refine_analyze.Luzzati_sigma_a_obs             ? 
_refine_analyze.Luzzati_d_res_low_obs           ? 
_refine_analyze.Luzzati_coordinate_error_free   ? 
_refine_analyze.Luzzati_sigma_a_free            ? 
_refine_analyze.Luzzati_d_res_low_free          ? 
_refine_analyze.number_disordered_residues      1 
_refine_analyze.occupancy_sum_hydrogen          318 
_refine_analyze.occupancy_sum_non_hydrogen      290 
# 
_refine_hist.pdbx_refine_id                   'X-RAY DIFFRACTION' 
_refine_hist.cycle_id                         LAST 
_refine_hist.pdbx_number_atoms_protein        138 
_refine_hist.pdbx_number_atoms_nucleic_acid   0 
_refine_hist.pdbx_number_atoms_ligand         139 
_refine_hist.number_atoms_solvent             9 
_refine_hist.number_atoms_total               286 
_refine_hist.d_res_high                       1.10 
_refine_hist.d_res_low                        25 
# 
loop_
_refine_ls_restr.type 
_refine_ls_restr.dev_ideal 
_refine_ls_restr.dev_ideal_target 
_refine_ls_restr.weight 
_refine_ls_restr.number 
_refine_ls_restr.pdbx_refine_id 
_refine_ls_restr.pdbx_restraint_function 
s_bond_d               0.0202 ? ? ? 'X-RAY DIFFRACTION' ? 
s_angle_d              0.0413 ? ? ? 'X-RAY DIFFRACTION' ? 
s_similar_dist         0.000  ? ? ? 'X-RAY DIFFRACTION' ? 
s_from_restr_planes    0.0196 ? ? ? 'X-RAY DIFFRACTION' ? 
s_zero_chiral_vol      1.0486 ? ? ? 'X-RAY DIFFRACTION' ? 
s_non_zero_chiral_vol  0.0789 ? ? ? 'X-RAY DIFFRACTION' ? 
s_anti_bump_dis_restr  0.0308 ? ? ? 'X-RAY DIFFRACTION' ? 
s_rigid_bond_adp_cmpnt 0.0086 ? ? ? 'X-RAY DIFFRACTION' ? 
s_similar_adp_cmpnt    0.0930 ? ? ? 'X-RAY DIFFRACTION' ? 
s_approx_iso_adps      0.0038 ? ? ? 'X-RAY DIFFRACTION' ? 
# 
_pdbx_refine.pdbx_refine_id                              'X-RAY DIFFRACTION' 
_pdbx_refine.entry_id                                    4Z0W 
_pdbx_refine.R_factor_all_no_cutoff                      ? 
_pdbx_refine.R_factor_obs_no_cutoff                      0.1098 
_pdbx_refine.free_R_factor_no_cutoff                     0.1206 
_pdbx_refine.free_R_error_no_cutoff                      ? 
_pdbx_refine.free_R_val_test_set_size_perc_no_cutoff     5.25 
_pdbx_refine.free_R_val_test_set_ct_no_cutoff            749 
_pdbx_refine.R_factor_all_4sig_cutoff                    ? 
_pdbx_refine.R_factor_obs_4sig_cutoff                    0.1297 
_pdbx_refine.free_R_factor_4sig_cutoff                   0.1447 
_pdbx_refine.free_R_val_test_set_size_perc_4sig_cutoff   5.24 
_pdbx_refine.free_R_val_test_set_ct_4sig_cutoff          604 
_pdbx_refine.number_reflns_obs_4sig_cutoff               11528 
# 
_struct.entry_id                     4Z0W 
_struct.title                        'Peptaibol gichigamin isolated from Tolypocladium sup_5' 
_struct.pdbx_model_details           ? 
_struct.pdbx_formula_weight          ? 
_struct.pdbx_formula_weight_method   ? 
_struct.pdbx_model_type_details      ? 
_struct.pdbx_CASP_flag               ? 
# 
_struct_keywords.entry_id        4Z0W 
_struct_keywords.text            'PEPTAIBOL, ANTI-CANCER, TAIBOL, ANTIBIOTIC' 
_struct_keywords.pdbx_keywords   ANTIBIOTIC 
# 
loop_
_struct_asym.id 
_struct_asym.pdbx_blank_PDB_chainid_flag 
_struct_asym.pdbx_modified 
_struct_asym.entity_id 
_struct_asym.details 
A N N 1 ? 
B N N 1 ? 
C N N 2 ? 
D N N 2 ? 
# 
_struct_ref.id                         1 
_struct_ref.db_name                    PDB 
_struct_ref.db_code                    4Z0W 
_struct_ref.pdbx_db_accession          4Z0W 
_struct_ref.pdbx_db_isoform            ? 
_struct_ref.entity_id                  1 
_struct_ref.pdbx_seq_one_letter_code   ? 
_struct_ref.pdbx_align_begin           1 
# 
loop_
_struct_ref_seq.align_id 
_struct_ref_seq.ref_id 
_struct_ref_seq.pdbx_PDB_id_code 
_struct_ref_seq.pdbx_strand_id 
_struct_ref_seq.seq_align_beg 
_struct_ref_seq.pdbx_seq_align_beg_ins_code 
_struct_ref_seq.seq_align_end 
_struct_ref_seq.pdbx_seq_align_end_ins_code 
_struct_ref_seq.pdbx_db_accession 
_struct_ref_seq.db_align_beg 
_struct_ref_seq.pdbx_db_align_beg_ins_code 
_struct_ref_seq.db_align_end 
_struct_ref_seq.pdbx_db_align_end_ins_code 
_struct_ref_seq.pdbx_auth_seq_align_beg 
_struct_ref_seq.pdbx_auth_seq_align_end 
1 1 4Z0W A 1 ? 23 ? 4Z0W 1 ? 23 ? 1 23 
2 1 4Z0W B 1 ? 23 ? 4Z0W 1 ? 23 ? 1 23 
# 
loop_
_pdbx_struct_assembly.id 
_pdbx_struct_assembly.details 
_pdbx_struct_assembly.method_details 
_pdbx_struct_assembly.oligomeric_details 
_pdbx_struct_assembly.oligomeric_count 
1 author_defined_assembly ? monomeric 1 
2 author_defined_assembly ? monomeric 1 
# 
loop_
_pdbx_struct_assembly_gen.assembly_id 
_pdbx_struct_assembly_gen.oper_expression 
_pdbx_struct_assembly_gen.asym_id_list 
1 1 A,C 
2 1 B,D 
# 
_pdbx_struct_oper_list.id                   1 
_pdbx_struct_oper_list.type                 'identity operation' 
_pdbx_struct_oper_list.name                 1_555 
_pdbx_struct_oper_list.symmetry_operation   x,y,z 
_pdbx_struct_oper_list.matrix[1][1]         1.0000000000 
_pdbx_struct_oper_list.matrix[1][2]         0.0000000000 
_pdbx_struct_oper_list.matrix[1][3]         0.0000000000 
_pdbx_struct_oper_list.vector[1]            0.0000000000 
_pdbx_struct_oper_list.matrix[2][1]         0.0000000000 
_pdbx_struct_oper_list.matrix[2][2]         1.0000000000 
_pdbx_struct_oper_list.matrix[2][3]         0.0000000000 
_pdbx_struct_oper_list.vector[2]            0.0000000000 
_pdbx_struct_oper_list.matrix[3][1]         0.0000000000 
_pdbx_struct_oper_list.matrix[3][2]         0.0000000000 
_pdbx_struct_oper_list.matrix[3][3]         1.0000000000 
_pdbx_struct_oper_list.vector[3]            0.0000000000 
# 
loop_
_struct_conf.conf_type_id 
_struct_conf.id 
_struct_conf.pdbx_PDB_helix_id 
_struct_conf.beg_label_comp_id 
_struct_conf.beg_label_asym_id 
_struct_conf.beg_label_seq_id 
_struct_conf.pdbx_beg_PDB_ins_code 
_struct_conf.end_label_comp_id 
_struct_conf.end_label_asym_id 
_struct_conf.end_label_seq_id 
_struct_conf.pdbx_end_PDB_ins_code 
_struct_conf.beg_auth_comp_id 
_struct_conf.beg_auth_asym_id 
_struct_conf.beg_auth_seq_id 
_struct_conf.end_auth_comp_id 
_struct_conf.end_auth_asym_id 
_struct_conf.end_auth_seq_id 
_struct_conf.pdbx_PDB_helix_class 
_struct_conf.details 
_struct_conf.pdbx_PDB_helix_length 
HELX_P HELX_P1 AA1 PHE A 6 ? BAL A 22 ? PHE A 6 BAL A 22 5 ? 17 
HELX_P HELX_P2 AA2 PHE B 6 ? BAL B 22 ? PHE B 6 BAL B 22 5 ? 17 
# 
_struct_conf_type.id          HELX_P 
_struct_conf_type.criteria    ? 
_struct_conf_type.reference   ? 
# 
loop_
_struct_conn.id 
_struct_conn.conn_type_id 
_struct_conn.pdbx_leaving_atom_flag 
_struct_conn.pdbx_PDB_id 
_struct_conn.ptnr1_label_asym_id 
_struct_conn.ptnr1_label_comp_id 
_struct_conn.ptnr1_label_seq_id 
_struct_conn.ptnr1_label_atom_id 
_struct_conn.pdbx_ptnr1_label_alt_id 
_struct_conn.pdbx_ptnr1_PDB_ins_code 
_struct_conn.pdbx_ptnr1_standard_comp_id 
_struct_conn.ptnr1_symmetry 
_struct_conn.ptnr2_label_asym_id 
_struct_conn.ptnr2_label_comp_id 
_struct_conn.ptnr2_label_seq_id 
_struct_conn.ptnr2_label_atom_id 
_struct_conn.pdbx_ptnr2_label_alt_id 
_struct_conn.pdbx_ptnr2_PDB_ins_code 
_struct_conn.ptnr1_auth_asym_id 
_struct_conn.ptnr1_auth_comp_id 
_struct_conn.ptnr1_auth_seq_id 
_struct_conn.ptnr2_auth_asym_id 
_struct_conn.ptnr2_auth_comp_id 
_struct_conn.ptnr2_auth_seq_id 
_struct_conn.ptnr2_symmetry 
_struct_conn.pdbx_ptnr3_label_atom_id 
_struct_conn.pdbx_ptnr3_label_seq_id 
_struct_conn.pdbx_ptnr3_label_comp_id 
_struct_conn.pdbx_ptnr3_label_asym_id 
_struct_conn.pdbx_ptnr3_label_alt_id 
_struct_conn.pdbx_ptnr3_PDB_ins_code 
_struct_conn.details 
_struct_conn.pdbx_dist_value 
_struct_conn.pdbx_value_order 
_struct_conn.pdbx_role 
covale1  covale both ? A ACE 1  C ? ? ? 1_555 A AIB 2  N ? ? A ACE 1  A AIB 2  1_555 ? ? ? ? ? ? ? 1.335 ? ? 
covale2  covale both ? A AIB 2  C ? ? ? 1_555 A PRO 3  N ? ? A AIB 2  A PRO 3  1_555 ? ? ? ? ? ? ? 1.341 ? ? 
covale3  covale both ? A PRO 3  C ? ? ? 1_555 A AIB 4  N ? ? A PRO 3  A AIB 4  1_555 ? ? ? ? ? ? ? 1.355 ? ? 
covale4  covale both ? A AIB 4  C ? ? ? 1_555 A PRO 5  N ? ? A AIB 4  A PRO 5  1_555 ? ? ? ? ? ? ? 1.345 ? ? 
covale5  covale both ? A PHE 6  C ? ? ? 1_555 A DIV 7  N ? ? A PHE 6  A DIV 7  1_555 ? ? ? ? ? ? ? 1.333 ? ? 
covale6  covale both ? A DIV 7  C ? ? ? 1_555 A PRO 8  N ? ? A DIV 7  A PRO 8  1_555 ? ? ? ? ? ? ? 1.335 ? ? 
covale7  covale both ? A ALA 9  C ? ? ? 1_555 A AIB 10 N ? ? A ALA 9  A AIB 10 1_555 ? ? ? ? ? ? ? 1.332 ? ? 
covale8  covale both ? A AIB 10 C ? ? ? 1_555 A BAL 11 N ? ? A AIB 10 A BAL 11 1_555 ? ? ? ? ? ? ? 1.337 ? ? 
covale9  covale both ? A BAL 11 C ? ? ? 1_555 A ALA 12 N ? ? A BAL 11 A ALA 12 1_555 ? ? ? ? ? ? ? 1.324 ? ? 
covale10 covale both ? A ALA 12 C ? ? ? 1_555 A DIV 13 N ? ? A ALA 12 A DIV 13 1_555 ? ? ? ? ? ? ? 1.328 ? ? 
covale11 covale both ? A DIV 13 C ? ? ? 1_555 A BAL 14 N ? ? A DIV 13 A BAL 14 1_555 ? ? ? ? ? ? ? 1.327 ? ? 
covale12 covale both ? A BAL 14 C ? ? ? 1_555 A LEU 15 N ? ? A BAL 14 A LEU 15 1_555 ? ? ? ? ? ? ? 1.325 ? ? 
covale13 covale both ? A LEU 15 C ? ? ? 1_555 A AIB 16 N ? ? A LEU 15 A AIB 16 1_555 ? ? ? ? ? ? ? 1.334 ? ? 
covale14 covale both ? A AIB 16 C ? ? ? 1_555 A BAL 17 N ? ? A AIB 16 A BAL 17 1_555 ? ? ? ? ? ? ? 1.330 ? ? 
covale15 covale both ? A BAL 17 C ? ? ? 1_555 A LEU 18 N ? ? A BAL 17 A LEU 18 1_555 ? ? ? ? ? ? ? 1.311 ? ? 
covale16 covale both ? A LEU 18 C ? ? ? 1_555 A AIB 19 N ? ? A LEU 18 A AIB 19 1_555 ? ? ? ? ? ? ? 1.321 ? ? 
covale17 covale both ? A AIB 19 C ? ? ? 1_555 A AIB 20 N ? ? A AIB 19 A AIB 20 1_555 ? ? ? ? ? ? ? 1.331 ? ? 
covale18 covale both ? A AIB 20 C ? ? ? 1_555 A LEU 21 N ? ? A AIB 20 A LEU 21 1_555 ? ? ? ? ? ? ? 1.352 ? ? 
covale19 covale both ? A LEU 21 C ? ? ? 1_555 A BAL 22 N ? ? A LEU 21 A BAL 22 1_555 ? ? ? ? ? ? ? 1.341 ? ? 
covale20 covale both ? B ACE 1  C ? ? ? 1_555 B AIB 2  N ? ? B ACE 1  B AIB 2  1_555 ? ? ? ? ? ? ? 1.329 ? ? 
covale21 covale both ? B AIB 2  C ? ? ? 1_555 B PRO 3  N ? ? B AIB 2  B PRO 3  1_555 ? ? ? ? ? ? ? 1.318 ? ? 
covale22 covale both ? B PRO 3  C ? ? ? 1_555 B AIB 4  N ? ? B PRO 3  B AIB 4  1_555 ? ? ? ? ? ? ? 1.332 ? ? 
covale23 covale both ? B AIB 4  C ? ? ? 1_555 B PRO 5  N ? ? B AIB 4  B PRO 5  1_555 ? ? ? ? ? ? ? 1.342 ? ? 
covale24 covale both ? B PHE 6  C ? ? ? 1_555 B DIV 7  N ? ? B PHE 6  B DIV 7  1_555 ? ? ? ? ? ? ? 1.328 ? ? 
covale25 covale both ? B DIV 7  C ? ? ? 1_555 B PRO 8  N ? ? B DIV 7  B PRO 8  1_555 ? ? ? ? ? ? ? 1.342 ? ? 
covale26 covale both ? B ALA 9  C ? ? ? 1_555 B AIB 10 N ? ? B ALA 9  B AIB 10 1_555 ? ? ? ? ? ? ? 1.337 ? ? 
covale27 covale both ? B AIB 10 C ? ? ? 1_555 B BAL 11 N ? ? B AIB 10 B BAL 11 1_555 ? ? ? ? ? ? ? 1.332 ? ? 
covale28 covale both ? B BAL 11 C ? ? ? 1_555 B ALA 12 N ? ? B BAL 11 B ALA 12 1_555 ? ? ? ? ? ? ? 1.338 ? ? 
covale29 covale both ? B ALA 12 C ? ? ? 1_555 B DIV 13 N ? ? B ALA 12 B DIV 13 1_555 ? ? ? ? ? ? ? 1.338 ? ? 
covale30 covale both ? B DIV 13 C ? ? ? 1_555 B BAL 14 N ? ? B DIV 13 B BAL 14 1_555 ? ? ? ? ? ? ? 1.339 ? ? 
covale31 covale both ? B BAL 14 C ? ? ? 1_555 B LEU 15 N ? ? B BAL 14 B LEU 15 1_555 ? ? ? ? ? ? ? 1.326 ? ? 
covale32 covale both ? B LEU 15 C ? ? ? 1_555 B AIB 16 N ? ? B LEU 15 B AIB 16 1_555 ? ? ? ? ? ? ? 1.323 ? ? 
covale33 covale both ? B AIB 16 C ? ? ? 1_555 B BAL 17 N ? ? B AIB 16 B BAL 17 1_555 ? ? ? ? ? ? ? 1.353 ? ? 
covale34 covale both ? B BAL 17 C ? ? ? 1_555 B LEU 18 N ? ? B BAL 17 B LEU 18 1_555 ? ? ? ? ? ? ? 1.334 ? ? 
covale35 covale both ? B LEU 18 C ? ? ? 1_555 B AIB 19 N ? ? B LEU 18 B AIB 19 1_555 ? ? ? ? ? ? ? 1.343 ? ? 
covale36 covale both ? B AIB 19 C ? ? ? 1_555 B AIB 20 N ? ? B AIB 19 B AIB 20 1_555 ? ? ? ? ? ? ? 1.325 ? ? 
covale37 covale both ? B AIB 20 C ? ? ? 1_555 B LEU 21 N ? ? B AIB 20 B LEU 21 1_555 ? ? ? ? ? ? ? 1.320 ? ? 
covale38 covale both ? B LEU 21 C ? ? ? 1_555 B BAL 22 N ? ? B LEU 21 B BAL 22 1_555 ? ? ? ? ? ? ? 1.323 ? ? 
covale39 covale both ? B BAL 22 C ? ? ? 1_555 B GLY 23 N ? ? B BAL 22 B GLY 23 1_555 ? ? ? ? ? ? ? 1.334 ? ? 
# 
_struct_conn_type.id          covale 
_struct_conn_type.criteria    ? 
_struct_conn_type.reference   ? 
# 
loop_
_pdbx_modification_feature.ordinal 
_pdbx_modification_feature.label_comp_id 
_pdbx_modification_feature.label_asym_id 
_pdbx_modification_feature.label_seq_id 
_pdbx_modification_feature.label_alt_id 
_pdbx_modification_feature.modified_residue_label_comp_id 
_pdbx_modification_feature.modified_residue_label_asym_id 
_pdbx_modification_feature.modified_residue_label_seq_id 
_pdbx_modification_feature.modified_residue_label_alt_id 
_pdbx_modification_feature.auth_comp_id 
_pdbx_modification_feature.auth_asym_id 
_pdbx_modification_feature.auth_seq_id 
_pdbx_modification_feature.PDB_ins_code 
_pdbx_modification_feature.symmetry 
_pdbx_modification_feature.modified_residue_auth_comp_id 
_pdbx_modification_feature.modified_residue_auth_asym_id 
_pdbx_modification_feature.modified_residue_auth_seq_id 
_pdbx_modification_feature.modified_residue_PDB_ins_code 
_pdbx_modification_feature.modified_residue_symmetry 
_pdbx_modification_feature.comp_id_linking_atom 
_pdbx_modification_feature.modified_residue_id_linking_atom 
_pdbx_modification_feature.modified_residue_id 
_pdbx_modification_feature.ref_pcm_id 
_pdbx_modification_feature.ref_comp_id 
_pdbx_modification_feature.type 
_pdbx_modification_feature.category 
1  AIB A 2  ? .   . . . AIB A 2  ? 1_555 .   . . . .     . . ALA 1  AIB Methylation 'Named protein modification' 
2  AIB A 4  ? .   . . . AIB A 4  ? 1_555 .   . . . .     . . ALA 1  AIB Methylation 'Named protein modification' 
3  AIB A 10 ? .   . . . AIB A 10 ? 1_555 .   . . . .     . . ALA 1  AIB Methylation 'Named protein modification' 
4  AIB A 16 ? .   . . . AIB A 16 ? 1_555 .   . . . .     . . ALA 1  AIB Methylation 'Named protein modification' 
5  AIB A 19 ? .   . . . AIB A 19 ? 1_555 .   . . . .     . . ALA 1  AIB Methylation 'Named protein modification' 
6  AIB A 20 ? .   . . . AIB A 20 ? 1_555 .   . . . .     . . ALA 1  AIB Methylation 'Named protein modification' 
7  AIB B 2  ? .   . . . AIB B 2  ? 1_555 .   . . . .     . . ALA 1  AIB Methylation 'Named protein modification' 
8  AIB B 4  ? .   . . . AIB B 4  ? 1_555 .   . . . .     . . ALA 1  AIB Methylation 'Named protein modification' 
9  AIB B 10 ? .   . . . AIB B 10 ? 1_555 .   . . . .     . . ALA 1  AIB Methylation 'Named protein modification' 
10 AIB B 16 ? .   . . . AIB B 16 ? 1_555 .   . . . .     . . ALA 1  AIB Methylation 'Named protein modification' 
11 AIB B 19 ? .   . . . AIB B 19 ? 1_555 .   . . . .     . . ALA 1  AIB Methylation 'Named protein modification' 
12 AIB B 20 ? .   . . . AIB B 20 ? 1_555 .   . . . .     . . ALA 1  AIB Methylation 'Named protein modification' 
13 DIV A 7  ? .   . . . DIV A 7  ? 1_555 .   . . . .     . . ?   1  DIV None        'Non-standard residue'       
14 BAL A 11 ? .   . . . BAL A 11 ? 1_555 .   . . . .     . . ?   1  BAL None        'Non-standard residue'       
15 DIV A 13 ? .   . . . DIV A 13 ? 1_555 .   . . . .     . . ?   1  DIV None        'Non-standard residue'       
16 BAL A 14 ? .   . . . BAL A 14 ? 1_555 .   . . . .     . . ?   1  BAL None        'Non-standard residue'       
17 BAL A 17 ? .   . . . BAL A 17 ? 1_555 .   . . . .     . . ?   1  BAL None        'Non-standard residue'       
18 BAL A 22 ? .   . . . BAL A 22 ? 1_555 .   . . . .     . . ?   1  BAL None        'Non-standard residue'       
19 DIV B 7  ? .   . . . DIV B 7  ? 1_555 .   . . . .     . . ?   1  DIV None        'Non-standard residue'       
20 BAL B 11 ? .   . . . BAL B 11 ? 1_555 .   . . . .     . . ?   1  BAL None        'Non-standard residue'       
21 DIV B 13 ? .   . . . DIV B 13 ? 1_555 .   . . . .     . . ?   1  DIV None        'Non-standard residue'       
22 BAL B 14 ? .   . . . BAL B 14 ? 1_555 .   . . . .     . . ?   1  BAL None        'Non-standard residue'       
23 BAL B 17 ? .   . . . BAL B 17 ? 1_555 .   . . . .     . . ?   1  BAL None        'Non-standard residue'       
24 BAL B 22 ? .   . . . BAL B 22 ? 1_555 .   . . . .     . . ?   1  BAL None        'Non-standard residue'       
25 ACE A 1  ? AIB A 2 ? ACE A 1  ? 1_555 AIB A 2 ? 1_555 . . AIB 42 ACE None        'Terminal acetylation'       
26 ACE B 1  ? AIB B 2 ? ACE B 1  ? 1_555 AIB B 2 ? 1_555 . . AIB 42 ACE None        'Terminal acetylation'       
# 
_pdbx_entry_details.entry_id                   4Z0W 
_pdbx_entry_details.nonpolymer_details         ? 
_pdbx_entry_details.sequence_details           ? 
_pdbx_entry_details.compound_details           'GICHIGAMIN IS A LINEAR PEPTIDE, MEMBER OF THE PEPTAIBOL FAMILY OF PEPTAIBIOTICS.' 
_pdbx_entry_details.source_details             ? 
_pdbx_entry_details.has_ligand_of_interest     ? 
_pdbx_entry_details.has_protein_modification   Y 
# 
_pdbx_validate_rmsd_bond.id                        1 
_pdbx_validate_rmsd_bond.PDB_model_num             1 
_pdbx_validate_rmsd_bond.auth_atom_id_1            C 
_pdbx_validate_rmsd_bond.auth_asym_id_1            B 
_pdbx_validate_rmsd_bond.auth_comp_id_1            GLY 
_pdbx_validate_rmsd_bond.auth_seq_id_1             23 
_pdbx_validate_rmsd_bond.PDB_ins_code_1            ? 
_pdbx_validate_rmsd_bond.label_alt_id_1            ? 
_pdbx_validate_rmsd_bond.auth_atom_id_2            OXT 
_pdbx_validate_rmsd_bond.auth_asym_id_2            B 
_pdbx_validate_rmsd_bond.auth_comp_id_2            GLY 
_pdbx_validate_rmsd_bond.auth_seq_id_2             23 
_pdbx_validate_rmsd_bond.PDB_ins_code_2            ? 
_pdbx_validate_rmsd_bond.label_alt_id_2            A 
_pdbx_validate_rmsd_bond.bond_value                1.410 
_pdbx_validate_rmsd_bond.bond_target_value         1.229 
_pdbx_validate_rmsd_bond.bond_deviation            0.181 
_pdbx_validate_rmsd_bond.bond_standard_deviation   0.019 
_pdbx_validate_rmsd_bond.linker_flag               N 
# 
_pdbx_validate_rmsd_angle.id                         1 
_pdbx_validate_rmsd_angle.PDB_model_num              1 
_pdbx_validate_rmsd_angle.auth_atom_id_1             C 
_pdbx_validate_rmsd_angle.auth_asym_id_1             B 
_pdbx_validate_rmsd_angle.auth_comp_id_1             LEU 
_pdbx_validate_rmsd_angle.auth_seq_id_1              21 
_pdbx_validate_rmsd_angle.PDB_ins_code_1             ? 
_pdbx_validate_rmsd_angle.label_alt_id_1             ? 
_pdbx_validate_rmsd_angle.auth_atom_id_2             N 
_pdbx_validate_rmsd_angle.auth_asym_id_2             B 
_pdbx_validate_rmsd_angle.auth_comp_id_2             BAL 
_pdbx_validate_rmsd_angle.auth_seq_id_2              22 
_pdbx_validate_rmsd_angle.PDB_ins_code_2             ? 
_pdbx_validate_rmsd_angle.label_alt_id_2             ? 
_pdbx_validate_rmsd_angle.auth_atom_id_3             CA 
_pdbx_validate_rmsd_angle.auth_asym_id_3             B 
_pdbx_validate_rmsd_angle.auth_comp_id_3             BAL 
_pdbx_validate_rmsd_angle.auth_seq_id_3              22 
_pdbx_validate_rmsd_angle.PDB_ins_code_3             ? 
_pdbx_validate_rmsd_angle.label_alt_id_3             ? 
_pdbx_validate_rmsd_angle.angle_value                102.59 
_pdbx_validate_rmsd_angle.angle_target_value         121.70 
_pdbx_validate_rmsd_angle.angle_deviation            -19.11 
_pdbx_validate_rmsd_angle.angle_standard_deviation   2.50 
_pdbx_validate_rmsd_angle.linker_flag                Y 
# 
loop_
_pdbx_validate_peptide_omega.id 
_pdbx_validate_peptide_omega.PDB_model_num 
_pdbx_validate_peptide_omega.auth_comp_id_1 
_pdbx_validate_peptide_omega.auth_asym_id_1 
_pdbx_validate_peptide_omega.auth_seq_id_1 
_pdbx_validate_peptide_omega.PDB_ins_code_1 
_pdbx_validate_peptide_omega.label_alt_id_1 
_pdbx_validate_peptide_omega.auth_comp_id_2 
_pdbx_validate_peptide_omega.auth_asym_id_2 
_pdbx_validate_peptide_omega.auth_seq_id_2 
_pdbx_validate_peptide_omega.PDB_ins_code_2 
_pdbx_validate_peptide_omega.label_alt_id_2 
_pdbx_validate_peptide_omega.omega 
1 1 AIB A 10 ? ? BAL A 11 ? ? 144.97 
2 1 DIV A 13 ? ? BAL A 14 ? ? 137.63 
3 1 AIB A 16 ? ? BAL A 17 ? ? 140.54 
4 1 LEU A 21 ? ? BAL A 22 ? ? 145.33 
5 1 AIB B 10 ? ? BAL B 11 ? ? 143.15 
6 1 DIV B 13 ? ? BAL B 14 ? ? 140.17 
7 1 AIB B 16 ? ? BAL B 17 ? ? 140.96 
# 
loop_
_pdbx_validate_main_chain_plane.id 
_pdbx_validate_main_chain_plane.PDB_model_num 
_pdbx_validate_main_chain_plane.auth_comp_id 
_pdbx_validate_main_chain_plane.auth_asym_id 
_pdbx_validate_main_chain_plane.auth_seq_id 
_pdbx_validate_main_chain_plane.PDB_ins_code 
_pdbx_validate_main_chain_plane.label_alt_id 
_pdbx_validate_main_chain_plane.improper_torsion_angle 
1 1 PRO A 3 ? ? 10.04 
2 1 PRO B 3 ? ? 11.04 
# 
_pdbx_unobs_or_zero_occ_residues.id               1 
_pdbx_unobs_or_zero_occ_residues.PDB_model_num    1 
_pdbx_unobs_or_zero_occ_residues.polymer_flag     Y 
_pdbx_unobs_or_zero_occ_residues.occupancy_flag   1 
_pdbx_unobs_or_zero_occ_residues.auth_asym_id     A 
_pdbx_unobs_or_zero_occ_residues.auth_comp_id     GLY 
_pdbx_unobs_or_zero_occ_residues.auth_seq_id      23 
_pdbx_unobs_or_zero_occ_residues.PDB_ins_code     ? 
_pdbx_unobs_or_zero_occ_residues.label_asym_id    A 
_pdbx_unobs_or_zero_occ_residues.label_comp_id    GLY 
_pdbx_unobs_or_zero_occ_residues.label_seq_id     23 
# 
loop_
_chem_comp_atom.comp_id 
_chem_comp_atom.atom_id 
_chem_comp_atom.type_symbol 
_chem_comp_atom.pdbx_aromatic_flag 
_chem_comp_atom.pdbx_stereo_config 
_chem_comp_atom.pdbx_ordinal 
ACE C    C N N 1   
ACE O    O N N 2   
ACE CH3  C N N 3   
ACE H    H N N 4   
ACE H1   H N N 5   
ACE H2   H N N 6   
ACE H3   H N N 7   
AIB N    N N N 8   
AIB CA   C N N 9   
AIB C    C N N 10  
AIB O    O N N 11  
AIB OXT  O N N 12  
AIB CB1  C N N 13  
AIB CB2  C N N 14  
AIB H    H N N 15  
AIB H2   H N N 16  
AIB HXT  H N N 17  
AIB HB11 H N N 18  
AIB HB12 H N N 19  
AIB HB13 H N N 20  
AIB HB21 H N N 21  
AIB HB22 H N N 22  
AIB HB23 H N N 23  
ALA N    N N N 24  
ALA CA   C N S 25  
ALA C    C N N 26  
ALA O    O N N 27  
ALA CB   C N N 28  
ALA OXT  O N N 29  
ALA H    H N N 30  
ALA H2   H N N 31  
ALA HA   H N N 32  
ALA HB1  H N N 33  
ALA HB2  H N N 34  
ALA HB3  H N N 35  
ALA HXT  H N N 36  
BAL N    N N N 37  
BAL CB   C N N 38  
BAL CA   C N N 39  
BAL C    C N N 40  
BAL O    O N N 41  
BAL OXT  O N N 42  
BAL H    H N N 43  
BAL H2   H N N 44  
BAL HB3  H N N 45  
BAL HB2  H N N 46  
BAL HA1  H N N 47  
BAL HA2  H N N 48  
BAL HXT  H N N 49  
DIV N    N N N 50  
DIV CA   C N R 51  
DIV CB1  C N N 52  
DIV CG1  C N N 53  
DIV CB2  C N N 54  
DIV C    C N N 55  
DIV O    O N N 56  
DIV OXT  O N N 57  
DIV H    H N N 58  
DIV H2   H N N 59  
DIV HB11 H N N 60  
DIV HB12 H N N 61  
DIV HG11 H N N 62  
DIV HG12 H N N 63  
DIV HG13 H N N 64  
DIV HB21 H N N 65  
DIV HB22 H N N 66  
DIV HB23 H N N 67  
DIV HXT  H N N 68  
GLY N    N N N 69  
GLY CA   C N N 70  
GLY C    C N N 71  
GLY O    O N N 72  
GLY OXT  O N N 73  
GLY H    H N N 74  
GLY H2   H N N 75  
GLY HA2  H N N 76  
GLY HA3  H N N 77  
GLY HXT  H N N 78  
HOH O    O N N 79  
HOH H1   H N N 80  
HOH H2   H N N 81  
LEU N    N N N 82  
LEU CA   C N S 83  
LEU C    C N N 84  
LEU O    O N N 85  
LEU CB   C N N 86  
LEU CG   C N N 87  
LEU CD1  C N N 88  
LEU CD2  C N N 89  
LEU OXT  O N N 90  
LEU H    H N N 91  
LEU H2   H N N 92  
LEU HA   H N N 93  
LEU HB2  H N N 94  
LEU HB3  H N N 95  
LEU HG   H N N 96  
LEU HD11 H N N 97  
LEU HD12 H N N 98  
LEU HD13 H N N 99  
LEU HD21 H N N 100 
LEU HD22 H N N 101 
LEU HD23 H N N 102 
LEU HXT  H N N 103 
PHE N    N N N 104 
PHE CA   C N S 105 
PHE C    C N N 106 
PHE O    O N N 107 
PHE CB   C N N 108 
PHE CG   C Y N 109 
PHE CD1  C Y N 110 
PHE CD2  C Y N 111 
PHE CE1  C Y N 112 
PHE CE2  C Y N 113 
PHE CZ   C Y N 114 
PHE OXT  O N N 115 
PHE H    H N N 116 
PHE H2   H N N 117 
PHE HA   H N N 118 
PHE HB2  H N N 119 
PHE HB3  H N N 120 
PHE HD1  H N N 121 
PHE HD2  H N N 122 
PHE HE1  H N N 123 
PHE HE2  H N N 124 
PHE HZ   H N N 125 
PHE HXT  H N N 126 
PRO N    N N N 127 
PRO CA   C N S 128 
PRO C    C N N 129 
PRO O    O N N 130 
PRO CB   C N N 131 
PRO CG   C N N 132 
PRO CD   C N N 133 
PRO OXT  O N N 134 
PRO H    H N N 135 
PRO HA   H N N 136 
PRO HB2  H N N 137 
PRO HB3  H N N 138 
PRO HG2  H N N 139 
PRO HG3  H N N 140 
PRO HD2  H N N 141 
PRO HD3  H N N 142 
PRO HXT  H N N 143 
# 
loop_
_chem_comp_bond.comp_id 
_chem_comp_bond.atom_id_1 
_chem_comp_bond.atom_id_2 
_chem_comp_bond.value_order 
_chem_comp_bond.pdbx_aromatic_flag 
_chem_comp_bond.pdbx_stereo_config 
_chem_comp_bond.pdbx_ordinal 
ACE C   O    doub N N 1   
ACE C   CH3  sing N N 2   
ACE C   H    sing N N 3   
ACE CH3 H1   sing N N 4   
ACE CH3 H2   sing N N 5   
ACE CH3 H3   sing N N 6   
AIB N   CA   sing N N 7   
AIB N   H    sing N N 8   
AIB N   H2   sing N N 9   
AIB CA  C    sing N N 10  
AIB CA  CB1  sing N N 11  
AIB CA  CB2  sing N N 12  
AIB C   O    doub N N 13  
AIB C   OXT  sing N N 14  
AIB OXT HXT  sing N N 15  
AIB CB1 HB11 sing N N 16  
AIB CB1 HB12 sing N N 17  
AIB CB1 HB13 sing N N 18  
AIB CB2 HB21 sing N N 19  
AIB CB2 HB22 sing N N 20  
AIB CB2 HB23 sing N N 21  
ALA N   CA   sing N N 22  
ALA N   H    sing N N 23  
ALA N   H2   sing N N 24  
ALA CA  C    sing N N 25  
ALA CA  CB   sing N N 26  
ALA CA  HA   sing N N 27  
ALA C   O    doub N N 28  
ALA C   OXT  sing N N 29  
ALA CB  HB1  sing N N 30  
ALA CB  HB2  sing N N 31  
ALA CB  HB3  sing N N 32  
ALA OXT HXT  sing N N 33  
BAL N   CB   sing N N 34  
BAL N   H    sing N N 35  
BAL N   H2   sing N N 36  
BAL CB  CA   sing N N 37  
BAL CB  HB3  sing N N 38  
BAL CB  HB2  sing N N 39  
BAL CA  C    sing N N 40  
BAL CA  HA1  sing N N 41  
BAL CA  HA2  sing N N 42  
BAL C   O    doub N N 43  
BAL C   OXT  sing N N 44  
BAL OXT HXT  sing N N 45  
DIV N   CA   sing N N 46  
DIV N   H    sing N N 47  
DIV N   H2   sing N N 48  
DIV CA  CB1  sing N N 49  
DIV CA  CB2  sing N N 50  
DIV CA  C    sing N N 51  
DIV CB1 CG1  sing N N 52  
DIV CB1 HB11 sing N N 53  
DIV CB1 HB12 sing N N 54  
DIV CG1 HG11 sing N N 55  
DIV CG1 HG12 sing N N 56  
DIV CG1 HG13 sing N N 57  
DIV CB2 HB21 sing N N 58  
DIV CB2 HB22 sing N N 59  
DIV CB2 HB23 sing N N 60  
DIV C   O    doub N N 61  
DIV C   OXT  sing N N 62  
DIV OXT HXT  sing N N 63  
GLY N   CA   sing N N 64  
GLY N   H    sing N N 65  
GLY N   H2   sing N N 66  
GLY CA  C    sing N N 67  
GLY CA  HA2  sing N N 68  
GLY CA  HA3  sing N N 69  
GLY C   O    doub N N 70  
GLY C   OXT  sing N N 71  
GLY OXT HXT  sing N N 72  
HOH O   H1   sing N N 73  
HOH O   H2   sing N N 74  
LEU N   CA   sing N N 75  
LEU N   H    sing N N 76  
LEU N   H2   sing N N 77  
LEU CA  C    sing N N 78  
LEU CA  CB   sing N N 79  
LEU CA  HA   sing N N 80  
LEU C   O    doub N N 81  
LEU C   OXT  sing N N 82  
LEU CB  CG   sing N N 83  
LEU CB  HB2  sing N N 84  
LEU CB  HB3  sing N N 85  
LEU CG  CD1  sing N N 86  
LEU CG  CD2  sing N N 87  
LEU CG  HG   sing N N 88  
LEU CD1 HD11 sing N N 89  
LEU CD1 HD12 sing N N 90  
LEU CD1 HD13 sing N N 91  
LEU CD2 HD21 sing N N 92  
LEU CD2 HD22 sing N N 93  
LEU CD2 HD23 sing N N 94  
LEU OXT HXT  sing N N 95  
PHE N   CA   sing N N 96  
PHE N   H    sing N N 97  
PHE N   H2   sing N N 98  
PHE CA  C    sing N N 99  
PHE CA  CB   sing N N 100 
PHE CA  HA   sing N N 101 
PHE C   O    doub N N 102 
PHE C   OXT  sing N N 103 
PHE CB  CG   sing N N 104 
PHE CB  HB2  sing N N 105 
PHE CB  HB3  sing N N 106 
PHE CG  CD1  doub Y N 107 
PHE CG  CD2  sing Y N 108 
PHE CD1 CE1  sing Y N 109 
PHE CD1 HD1  sing N N 110 
PHE CD2 CE2  doub Y N 111 
PHE CD2 HD2  sing N N 112 
PHE CE1 CZ   doub Y N 113 
PHE CE1 HE1  sing N N 114 
PHE CE2 CZ   sing Y N 115 
PHE CE2 HE2  sing N N 116 
PHE CZ  HZ   sing N N 117 
PHE OXT HXT  sing N N 118 
PRO N   CA   sing N N 119 
PRO N   CD   sing N N 120 
PRO N   H    sing N N 121 
PRO CA  C    sing N N 122 
PRO CA  CB   sing N N 123 
PRO CA  HA   sing N N 124 
PRO C   O    doub N N 125 
PRO C   OXT  sing N N 126 
PRO CB  CG   sing N N 127 
PRO CB  HB2  sing N N 128 
PRO CB  HB3  sing N N 129 
PRO CG  CD   sing N N 130 
PRO CG  HG2  sing N N 131 
PRO CG  HG3  sing N N 132 
PRO CD  HD2  sing N N 133 
PRO CD  HD3  sing N N 134 
PRO OXT HXT  sing N N 135 
# 
_pdbx_audit_support.funding_organization   
'National Institutes of Health/National Institute of General Medical Sciences (NIH/NIGMS)' 
_pdbx_audit_support.country                'United States' 
_pdbx_audit_support.grant_number           1R01GM107490-01A1 
_pdbx_audit_support.ordinal                1 
# 
_atom_sites.entry_id                    4Z0W 
_atom_sites.fract_transf_matrix[1][1]   0.08544196 
_atom_sites.fract_transf_matrix[1][2]   0.02984297 
_atom_sites.fract_transf_matrix[1][3]   -0.04145666 
_atom_sites.fract_transf_matrix[2][1]   -0.01926336 
_atom_sites.fract_transf_matrix[2][2]   0.05144065 
_atom_sites.fract_transf_matrix[2][3]   0.00484772 
_atom_sites.fract_transf_matrix[3][1]   0.01547627 
_atom_sites.fract_transf_matrix[3][2]   -0.00588990 
_atom_sites.fract_transf_matrix[3][3]   0.02845554 
_atom_sites.fract_transf_vector[1]      0.520845 
_atom_sites.fract_transf_vector[2]      0.496712 
_atom_sites.fract_transf_vector[3]      0.493760 
# 
loop_
_atom_type.symbol 
C 
H 
N 
O 
# 
loop_
_atom_site.group_PDB 
_atom_site.id 
_atom_site.type_symbol 
_atom_site.label_atom_id 
_atom_site.label_alt_id 
_atom_site.label_comp_id 
_atom_site.label_asym_id 
_atom_site.label_entity_id 
_atom_site.label_seq_id 
_atom_site.pdbx_PDB_ins_code 
_atom_site.Cartn_x 
_atom_site.Cartn_y 
_atom_site.Cartn_z 
_atom_site.occupancy 
_atom_site.B_iso_or_equiv 
_atom_site.pdbx_formal_charge 
_atom_site.auth_seq_id 
_atom_site.auth_comp_id 
_atom_site.auth_asym_id 
_atom_site.auth_atom_id 
_atom_site.pdbx_PDB_model_num 
HETATM 1   C C    . ACE A 1 1  ? -2.871 -6.308  -18.274 1.00 13.33 ? 1   ACE A C    1 
HETATM 2   O O    . ACE A 1 1  ? -1.994 -5.981  -17.465 1.00 13.92 ? 1   ACE A O    1 
HETATM 3   C CH3  . ACE A 1 1  ? -3.162 -7.796  -18.519 1.00 13.83 ? 1   ACE A CH3  1 
HETATM 4   H H1   . ACE A 1 1  ? -3.878 -7.883  -19.183 1.00 20.75 ? 1   ACE A H1   1 
HETATM 5   H H2   . ACE A 1 1  ? -2.353 -8.237  -18.852 1.00 20.75 ? 1   ACE A H2   1 
HETATM 6   H H3   . ACE A 1 1  ? -3.442 -8.217  -17.679 1.00 20.75 ? 1   ACE A H3   1 
HETATM 7   N N    . AIB A 1 2  ? -3.607 -5.418  -18.942 1.00 12.27 ? 2   AIB A N    1 
HETATM 8   C CA   . AIB A 1 2  ? -3.339 -3.991  -18.906 1.00 11.92 ? 2   AIB A CA   1 
HETATM 9   C C    . AIB A 1 2  ? -3.198 -3.468  -17.474 1.00 10.26 ? 2   AIB A C    1 
HETATM 10  O O    . AIB A 1 2  ? -2.391 -2.575  -17.264 1.00 11.58 ? 2   AIB A O    1 
HETATM 11  C CB1  . AIB A 1 2  ? -4.499 -3.279  -19.590 1.00 12.46 ? 2   AIB A CB1  1 
HETATM 12  C CB2  . AIB A 1 2  ? -2.007 -3.667  -19.638 1.00 14.88 ? 2   AIB A CB2  1 
HETATM 13  H H    . AIB A 1 2  ? -4.283 -5.707  -19.426 1.00 14.72 ? 2   AIB A H    1 
HETATM 14  H HB11 . AIB A 1 2  ? -4.342 -2.312  -19.579 1.00 18.68 ? 2   AIB A HB11 1 
HETATM 15  H HB12 . AIB A 1 2  ? -4.570 -3.588  -20.518 1.00 18.68 ? 2   AIB A HB12 1 
HETATM 16  H HB13 . AIB A 1 2  ? -5.332 -3.480  -19.114 1.00 18.68 ? 2   AIB A HB13 1 
HETATM 17  H HB21 . AIB A 1 2  ? -1.842 -2.701  -19.603 1.00 22.32 ? 2   AIB A HB21 1 
HETATM 18  H HB22 . AIB A 1 2  ? -1.270 -4.139  -19.198 1.00 22.32 ? 2   AIB A HB22 1 
HETATM 19  H HB23 . AIB A 1 2  ? -2.068 -3.954  -20.572 1.00 22.32 ? 2   AIB A HB23 1 
ATOM   20  N N    . PRO A 1 3  ? -4.038 -3.861  -16.505 1.00 9.07  ? 3   PRO A N    1 
ATOM   21  C CA   . PRO A 1 3  ? -3.886 -3.417  -15.138 1.00 8.89  ? 3   PRO A CA   1 
ATOM   22  C C    . PRO A 1 3  ? -2.628 -3.670  -14.439 1.00 8.44  ? 3   PRO A C    1 
ATOM   23  O O    . PRO A 1 3  ? -2.312 -3.095  -13.403 1.00 9.03  ? 3   PRO A O    1 
ATOM   24  C CB   . PRO A 1 3  ? -5.150 -3.608  -14.408 1.00 11.37 ? 3   PRO A CB   1 
ATOM   25  C CG   . PRO A 1 3  ? -6.114 -4.064  -15.484 1.00 11.06 ? 3   PRO A CG   1 
ATOM   26  C CD   . PRO A 1 3  ? -5.244 -4.694  -16.532 1.00 10.42 ? 3   PRO A CD   1 
ATOM   27  H HA   . PRO A 1 3  ? -3.861 -2.423  -15.248 1.00 10.67 ? 3   PRO A HA   1 
ATOM   28  H HB2  . PRO A 1 3  ? -5.054 -4.295  -13.702 1.00 13.64 ? 3   PRO A HB2  1 
ATOM   29  H HB3  . PRO A 1 3  ? -5.454 -2.761  -13.994 1.00 13.64 ? 3   PRO A HB3  1 
ATOM   30  H HG2  . PRO A 1 3  ? -6.759 -4.721  -15.121 1.00 13.28 ? 3   PRO A HG2  1 
ATOM   31  H HG3  . PRO A 1 3  ? -6.614 -3.295  -15.857 1.00 13.28 ? 3   PRO A HG3  1 
ATOM   32  H HD2  . PRO A 1 3  ? -5.035 -5.634  -16.305 1.00 12.51 ? 3   PRO A HD2  1 
ATOM   33  H HD3  . PRO A 1 3  ? -5.680 -4.665  -17.421 1.00 12.51 ? 3   PRO A HD3  1 
HETATM 34  N N    . AIB A 1 4  ? -2.069 -4.855  -14.786 1.00 8.48  ? 4   AIB A N    1 
HETATM 35  C CA   . AIB A 1 4  ? -1.093 -5.557  -13.972 1.00 8.68  ? 4   AIB A CA   1 
HETATM 36  C C    . AIB A 1 4  ? 0.145  -4.709  -13.596 1.00 8.68  ? 4   AIB A C    1 
HETATM 37  O O    . AIB A 1 4  ? 0.669  -4.834  -12.462 1.00 8.62  ? 4   AIB A O    1 
HETATM 38  C CB1  . AIB A 1 4  ? -0.571 -6.789  -14.753 1.00 9.51  ? 4   AIB A CB1  1 
HETATM 39  C CB2  . AIB A 1 4  ? -1.754 -6.061  -12.688 1.00 9.24  ? 4   AIB A CB2  1 
HETATM 40  H H    . AIB A 1 4  ? -2.312 -5.220  -15.549 1.00 10.18 ? 4   AIB A H    1 
HETATM 41  H HB11 . AIB A 1 4  ? 0.088  -7.267  -14.209 1.00 14.27 ? 4   AIB A HB11 1 
HETATM 42  H HB12 . AIB A 1 4  ? -1.321 -7.387  -14.959 1.00 14.27 ? 4   AIB A HB12 1 
HETATM 43  H HB13 . AIB A 1 4  ? -0.151 -6.493  -15.588 1.00 14.27 ? 4   AIB A HB13 1 
HETATM 44  H HB21 . AIB A 1 4  ? -1.092 -6.534  -12.143 1.00 13.86 ? 4   AIB A HB21 1 
HETATM 45  H HB22 . AIB A 1 4  ? -2.110 -5.300  -12.183 1.00 13.86 ? 4   AIB A HB22 1 
HETATM 46  H HB23 . AIB A 1 4  ? -2.486 -6.672  -12.916 1.00 13.86 ? 4   AIB A HB23 1 
ATOM   47  N N    . PRO A 1 5  ? 0.662  -3.808  -14.450 1.00 9.31  ? 5   PRO A N    1 
ATOM   48  C CA   . PRO A 1 5  ? 1.638  -2.848  -14.067 1.00 9.90  ? 5   PRO A CA   1 
ATOM   49  C C    . PRO A 1 5  ? 1.419  -1.919  -12.958 1.00 9.29  ? 5   PRO A C    1 
ATOM   50  O O    . PRO A 1 5  ? 2.266  -1.315  -12.344 1.00 11.62 ? 5   PRO A O    1 
ATOM   51  C CB   . PRO A 1 5  ? 2.270  -2.286  -15.309 1.00 9.52  ? 5   PRO A CB   1 
ATOM   52  C CG   . PRO A 1 5  ? 1.729  -3.150  -16.424 1.00 9.33  ? 5   PRO A CG   1 
ATOM   53  C CD   . PRO A 1 5  ? 0.377  -3.619  -15.900 1.00 9.04  ? 5   PRO A CD   1 
ATOM   54  H HA   . PRO A 1 5  ? 2.370  -3.428  -13.708 1.00 11.88 ? 5   PRO A HA   1 
ATOM   55  H HB2  . PRO A 1 5  ? 2.014  -1.339  -15.439 1.00 11.43 ? 5   PRO A HB2  1 
ATOM   56  H HB3  . PRO A 1 5  ? 3.258  -2.348  -15.262 1.00 11.43 ? 5   PRO A HB3  1 
ATOM   57  H HG2  . PRO A 1 5  ? 1.623  -2.626  -17.258 1.00 11.19 ? 5   PRO A HG2  1 
ATOM   58  H HG3  . PRO A 1 5  ? 2.328  -3.917  -16.601 1.00 11.19 ? 5   PRO A HG3  1 
ATOM   59  H HD2  . PRO A 1 5  ? -0.323 -2.935  -16.044 1.00 10.85 ? 5   PRO A HD2  1 
ATOM   60  H HD3  . PRO A 1 5  ? 0.100  -4.468  -16.327 1.00 10.85 ? 5   PRO A HD3  1 
ATOM   61  N N    . PHE A 1 6  ? 0.126  -1.637  -12.835 1.00 8.76  ? 6   PHE A N    1 
ATOM   62  C CA   . PHE A 1 6  ? -0.394 -0.482  -12.104 1.00 9.76  ? 6   PHE A CA   1 
ATOM   63  C C    . PHE A 1 6  ? -0.953 -0.913  -10.774 1.00 10.42 ? 6   PHE A C    1 
ATOM   64  O O    . PHE A 1 6  ? -0.613 -0.322  -9.744  1.00 10.91 ? 6   PHE A O    1 
ATOM   65  C CB   . PHE A 1 6  ? -1.403 0.292   -12.953 1.00 9.33  ? 6   PHE A CB   1 
ATOM   66  C CG   . PHE A 1 6  ? -0.790 0.685   -14.294 1.00 9.08  ? 6   PHE A CG   1 
ATOM   67  C CD1  . PHE A 1 6  ? 0.127  1.721   -14.372 1.00 10.69 ? 6   PHE A CD1  1 
ATOM   68  C CD2  . PHE A 1 6  ? -1.137 0.016   -15.452 1.00 9.28  ? 6   PHE A CD2  1 
ATOM   69  C CE1  . PHE A 1 6  ? 0.704  2.104   -15.585 1.00 11.01 ? 6   PHE A CE1  1 
ATOM   70  C CE2  . PHE A 1 6  ? -0.580 0.377   -16.667 1.00 9.58  ? 6   PHE A CE2  1 
ATOM   71  C CZ   . PHE A 1 6  ? 0.343  1.392   -16.719 1.00 10.62 ? 6   PHE A CZ   1 
ATOM   72  H H    . PHE A 1 6  ? -0.453 -2.178  -13.217 1.00 10.51 ? 6   PHE A H    1 
ATOM   73  H HA   . PHE A 1 6  ? 0.377  0.129   -11.922 1.00 11.71 ? 6   PHE A HA   1 
ATOM   74  H HB2  . PHE A 1 6  ? -2.204 -0.269  -13.106 1.00 11.19 ? 6   PHE A HB2  1 
ATOM   75  H HB3  . PHE A 1 6  ? -1.686 1.106   -12.466 1.00 11.19 ? 6   PHE A HB3  1 
ATOM   76  H HD1  . PHE A 1 6  ? 0.370  2.184   -13.579 1.00 12.83 ? 6   PHE A HD1  1 
ATOM   77  H HD2  . PHE A 1 6  ? -1.762 -0.698  -15.414 1.00 11.13 ? 6   PHE A HD2  1 
ATOM   78  H HE1  . PHE A 1 6  ? 1.321  2.825   -15.630 1.00 13.21 ? 6   PHE A HE1  1 
ATOM   79  H HE2  . PHE A 1 6  ? -0.836 -0.076  -17.463 1.00 11.50 ? 6   PHE A HE2  1 
ATOM   80  H HZ   . PHE A 1 6  ? 0.744  1.613   -17.551 1.00 12.75 ? 6   PHE A HZ   1 
HETATM 81  N N    . DIV A 1 7  ? -1.947 -1.801  -10.792 1.00 10.14 ? 7   DIV A N    1 
HETATM 82  C CA   . DIV A 1 7  ? -2.717 -2.132  -9.576  1.00 10.39 ? 7   DIV A CA   1 
HETATM 83  C CB1  . DIV A 1 7  ? -3.626 -0.952  -9.195  1.00 11.42 ? 7   DIV A CB1  1 
HETATM 84  C CG1  . DIV A 1 7  ? -4.466 -0.515  -10.346 1.00 15.75 ? 7   DIV A CG1  1 
HETATM 85  C CB2  . DIV A 1 7  ? -3.546 -3.420  -9.886  1.00 9.94  ? 7   DIV A CB2  1 
HETATM 86  C C    . DIV A 1 7  ? -1.765 -2.500  -8.427  1.00 9.90  ? 7   DIV A C    1 
HETATM 87  O O    . DIV A 1 7  ? -1.987 -2.014  -7.284  1.00 11.11 ? 7   DIV A O    1 
HETATM 88  H H    . DIV A 1 7  ? -2.149 -2.202  -11.548 1.00 12.17 ? 7   DIV A H    1 
HETATM 89  H HB11 . DIV A 1 7  ? -4.213 -1.219  -8.444  1.00 13.70 ? 7   DIV A HB11 1 
HETATM 90  H HB12 . DIV A 1 7  ? -3.067 -0.193  -8.890  1.00 13.70 ? 7   DIV A HB12 1 
HETATM 91  H HG11 . DIV A 1 7  ? -5.032 0.237   -10.071 1.00 23.63 ? 7   DIV A HG11 1 
HETATM 92  H HG12 . DIV A 1 7  ? -3.887 -0.234  -11.085 1.00 23.63 ? 7   DIV A HG12 1 
HETATM 93  H HG13 . DIV A 1 7  ? -5.032 -1.259  -10.639 1.00 23.63 ? 7   DIV A HG13 1 
HETATM 94  H HB21 . DIV A 1 7  ? -4.071 -3.668  -9.096  1.00 14.91 ? 7   DIV A HB21 1 
HETATM 95  H HB22 . DIV A 1 7  ? -4.150 -3.247  -10.638 1.00 14.91 ? 7   DIV A HB22 1 
HETATM 96  H HB23 . DIV A 1 7  ? -2.938 -4.153  -10.116 1.00 14.91 ? 7   DIV A HB23 1 
ATOM   97  N N    . PRO A 1 8  ? -0.694 -3.284  -8.573  1.00 9.94  ? 8   PRO A N    1 
ATOM   98  C CA   . PRO A 1 8  ? 0.254  -3.490  -7.532  1.00 11.87 ? 8   PRO A CA   1 
ATOM   99  C C    . PRO A 1 8  ? 0.750  -2.431  -6.723  1.00 11.76 ? 8   PRO A C    1 
ATOM   100 O O    . PRO A 1 8  ? 1.095  -2.445  -5.563  1.00 12.43 ? 8   PRO A O    1 
ATOM   101 C CB   . PRO A 1 8  ? 1.118  -4.648  -7.933  1.00 10.00 ? 8   PRO A CB   1 
ATOM   102 C CG   . PRO A 1 8  ? 0.511  -5.167  -9.190  1.00 9.64  ? 8   PRO A CG   1 
ATOM   103 C CD   . PRO A 1 8  ? -0.168 -3.964  -9.790  1.00 10.09 ? 8   PRO A CD   1 
ATOM   104 H HA   . PRO A 1 8  ? -0.333 -3.946  -6.863  1.00 14.25 ? 8   PRO A HA   1 
ATOM   105 H HB2  . PRO A 1 8  ? 2.050  -4.352  -8.089  1.00 12.00 ? 8   PRO A HB2  1 
ATOM   106 H HB3  . PRO A 1 8  ? 1.117  -5.345  -7.229  1.00 12.00 ? 8   PRO A HB3  1 
ATOM   107 H HG2  . PRO A 1 8  ? 1.208  -5.522  -9.800  1.00 11.57 ? 8   PRO A HG2  1 
ATOM   108 H HG3  . PRO A 1 8  ? -0.144 -5.885  -8.999  1.00 11.57 ? 8   PRO A HG3  1 
ATOM   109 H HD2  . PRO A 1 8  ? 0.475  -3.389  -10.276 1.00 12.11 ? 8   PRO A HD2  1 
ATOM   110 H HD3  . PRO A 1 8  ? -0.899 -4.228  -10.403 1.00 12.11 ? 8   PRO A HD3  1 
ATOM   111 N N    . ALA A 1 9  ? 1.032  -1.390  -7.548  1.00 11.78 ? 9   ALA A N    1 
ATOM   112 C CA   . ALA A 1 9  ? 1.674  -0.198  -7.003  1.00 13.51 ? 9   ALA A CA   1 
ATOM   113 C C    . ALA A 1 9  ? 0.810  0.543   -5.994  1.00 14.49 ? 9   ALA A C    1 
ATOM   114 O O    . ALA A 1 9  ? 1.339  1.371   -5.233  1.00 15.11 ? 9   ALA A O    1 
ATOM   115 C CB   . ALA A 1 9  ? 2.114  0.713   -8.133  1.00 14.59 ? 9   ALA A CB   1 
ATOM   116 H H    . ALA A 1 9  ? 0.829  -1.434  -8.404  1.00 14.13 ? 9   ALA A H    1 
ATOM   117 H HA   . ALA A 1 9  ? 2.499  -0.497  -6.524  1.00 16.21 ? 9   ALA A HA   1 
ATOM   118 H HB1  . ALA A 1 9  ? 2.544  1.511   -7.761  1.00 21.89 ? 9   ALA A HB1  1 
ATOM   119 H HB2  . ALA A 1 9  ? 2.750  0.237   -8.708  1.00 21.89 ? 9   ALA A HB2  1 
ATOM   120 H HB3  . ALA A 1 9  ? 1.333  0.980   -8.662  1.00 21.89 ? 9   ALA A HB3  1 
HETATM 121 N N    . AIB A 1 10 ? -0.493 0.272   -5.930  1.00 14.99 ? 10  AIB A N    1 
HETATM 122 C CA   . AIB A 1 10 ? -1.395 0.788   -4.918  1.00 16.00 ? 10  AIB A CA   1 
HETATM 123 C C    . AIB A 1 10 ? -0.816 0.532   -3.529  1.00 13.28 ? 10  AIB A C    1 
HETATM 124 O O    . AIB A 1 10 ? -1.139 1.278   -2.594  1.00 12.07 ? 10  AIB A O    1 
HETATM 125 C CB1  . AIB A 1 10 ? -2.712 0.013   -4.981  1.00 16.69 ? 10  AIB A CB1  1 
HETATM 126 C CB2  . AIB A 1 10 ? -1.537 2.315   -5.072  1.00 18.31 ? 10  AIB A CB2  1 
HETATM 127 H H    . AIB A 1 10 ? -0.832 -0.259  -6.545  1.00 17.99 ? 10  AIB A H    1 
HETATM 128 H HB11 . AIB A 1 10 ? -3.327 0.358   -4.300  1.00 25.04 ? 10  AIB A HB11 1 
HETATM 129 H HB12 . AIB A 1 10 ? -3.113 0.123   -5.868  1.00 25.04 ? 10  AIB A HB12 1 
HETATM 130 H HB13 . AIB A 1 10 ? -2.540 -0.937  -4.817  1.00 25.04 ? 10  AIB A HB13 1 
HETATM 131 H HB21 . AIB A 1 10 ? -2.147 2.657   -4.386  1.00 27.46 ? 10  AIB A HB21 1 
HETATM 132 H HB22 . AIB A 1 10 ? -0.658 2.737   -4.969  1.00 27.46 ? 10  AIB A HB22 1 
HETATM 133 H HB23 . AIB A 1 10 ? -1.896 2.521   -5.961  1.00 27.46 ? 10  AIB A HB23 1 
HETATM 134 N N    . BAL A 1 11 ? -0.136 -0.608  -3.366  1.00 11.81 ? 11  BAL A N    1 
HETATM 135 C CB   . BAL A 1 11 ? 0.393  -1.018  -2.082  1.00 10.30 ? 11  BAL A CB   1 
HETATM 136 C CA   . BAL A 1 11 ? 1.834  -0.682  -1.864  1.00 8.55  ? 11  BAL A CA   1 
HETATM 137 C C    . BAL A 1 11 ? 2.061  0.791   -1.499  1.00 7.94  ? 11  BAL A C    1 
HETATM 138 O O    . BAL A 1 11 ? 2.208  1.139   -0.325  1.00 8.42  ? 11  BAL A O    1 
HETATM 139 H H    . BAL A 1 11 ? -0.006 -1.127  -4.064  1.00 14.17 ? 11  BAL A H    1 
HETATM 140 H HB3  . BAL A 1 11 ? -0.143 -0.588  -1.368  1.00 12.36 ? 11  BAL A HB3  1 
HETATM 141 H HB2  . BAL A 1 11 ? 0.280  -1.997  -1.991  1.00 12.36 ? 11  BAL A HB2  1 
HETATM 142 H HA1  . BAL A 1 11 ? 2.341  -0.891  -2.687  1.00 10.26 ? 11  BAL A HA1  1 
HETATM 143 H HA2  . BAL A 1 11 ? 2.190  -1.251  -1.136  1.00 10.26 ? 11  BAL A HA2  1 
ATOM   144 N N    . ALA A 1 12 ? 2.059  1.672   -2.488  1.00 8.49  ? 12  ALA A N    1 
ATOM   145 C CA   . ALA A 1 12 ? 2.398  3.064   -2.228  1.00 8.55  ? 12  ALA A CA   1 
ATOM   146 C C    . ALA A 1 12 ? 1.450  3.735   -1.243  1.00 8.43  ? 12  ALA A C    1 
ATOM   147 O O    . ALA A 1 12 ? 1.857  4.712   -0.603  1.00 8.69  ? 12  ALA A O    1 
ATOM   148 C CB   . ALA A 1 12 ? 2.458  3.863   -3.519  1.00 10.97 ? 12  ALA A CB   1 
ATOM   149 H H    . ALA A 1 12 ? 1.852  1.415   -3.303  1.00 10.19 ? 12  ALA A H    1 
ATOM   150 H HA   . ALA A 1 12 ? 3.313  3.081   -1.824  1.00 10.26 ? 12  ALA A HA   1 
ATOM   151 H HB1  . ALA A 1 12 ? 2.687  4.795   -3.317  1.00 16.45 ? 12  ALA A HB1  1 
ATOM   152 H HB2  . ALA A 1 12 ? 3.139  3.479   -4.110  1.00 16.45 ? 12  ALA A HB2  1 
ATOM   153 H HB3  . ALA A 1 12 ? 1.584  3.831   -3.964  1.00 16.45 ? 12  ALA A HB3  1 
HETATM 154 N N    . DIV A 1 13 ? 0.198  3.307   -1.130  1.00 7.83  ? 13  DIV A N    1 
HETATM 155 C CA   . DIV A 1 13 ? -0.765 3.927   -0.215  1.00 8.89  ? 13  DIV A CA   1 
HETATM 156 C CB1  . DIV A 1 13 ? -1.129 5.351   -0.683  1.00 9.42  ? 13  DIV A CB1  1 
HETATM 157 C CG1  . DIV A 1 13 ? -1.560 5.412   -2.151  1.00 9.89  ? 13  DIV A CG1  1 
HETATM 158 C CB2  . DIV A 1 13 ? -2.005 3.053   -0.183  1.00 9.59  ? 13  DIV A CB2  1 
HETATM 159 C C    . DIV A 1 13 ? -0.194 3.940   1.213   1.00 8.48  ? 13  DIV A C    1 
HETATM 160 O O    . DIV A 1 13 ? -0.503 4.863   1.986   1.00 9.50  ? 13  DIV A O    1 
HETATM 161 H H    . DIV A 1 13 ? -0.064 2.627   -1.623  1.00 9.39  ? 13  DIV A H    1 
HETATM 162 H HB11 . DIV A 1 13 ? -1.864 5.697   -0.118  1.00 11.31 ? 13  DIV A HB11 1 
HETATM 163 H HB12 . DIV A 1 13 ? -0.346 5.942   -0.553  1.00 11.31 ? 13  DIV A HB12 1 
HETATM 164 H HG11 . DIV A 1 13 ? -1.778 6.336   -2.389  1.00 14.84 ? 13  DIV A HG11 1 
HETATM 165 H HG12 . DIV A 1 13 ? -0.829 5.091   -2.719  1.00 14.84 ? 13  DIV A HG12 1 
HETATM 166 H HG13 . DIV A 1 13 ? -2.349 4.845   -2.283  1.00 14.84 ? 13  DIV A HG13 1 
HETATM 167 H HB21 . DIV A 1 13 ? -2.667 3.447   0.424   1.00 14.39 ? 13  DIV A HB21 1 
HETATM 168 H HB22 . DIV A 1 13 ? -2.385 2.993   -1.085  1.00 14.39 ? 13  DIV A HB22 1 
HETATM 169 H HB23 . DIV A 1 13 ? -1.766 2.157   0.131   1.00 14.39 ? 13  DIV A HB23 1 
HETATM 170 N N    . BAL A 1 14 ? 0.607  2.929   1.526   1.00 8.66  ? 14  BAL A N    1 
HETATM 171 C CB   . BAL A 1 14 ? 1.225  2.803   2.839   1.00 8.95  ? 14  BAL A CB   1 
HETATM 172 C CA   . BAL A 1 14 ? 2.707  3.119   2.788   1.00 9.04  ? 14  BAL A CA   1 
HETATM 173 C C    . BAL A 1 14 ? 2.981  4.597   3.050   1.00 8.68  ? 14  BAL A C    1 
HETATM 174 O O    . BAL A 1 14 ? 3.361  4.989   4.164   1.00 9.13  ? 14  BAL A O    1 
HETATM 175 H H    . BAL A 1 14 ? 0.769  2.313   0.921   1.00 10.39 ? 14  BAL A H    1 
HETATM 176 H HB3  . BAL A 1 14 ? 0.780  3.421   3.471   1.00 10.74 ? 14  BAL A HB3  1 
HETATM 177 H HB2  . BAL A 1 14 ? 1.097  1.879   3.172   1.00 10.74 ? 14  BAL A HB2  1 
HETATM 178 H HA1  . BAL A 1 14 ? 3.064  2.873   1.898   1.00 10.84 ? 14  BAL A HA1  1 
HETATM 179 H HA2  . BAL A 1 14 ? 3.180  2.575   3.467   1.00 10.84 ? 14  BAL A HA2  1 
ATOM   180 N N    . LEU A 1 15 ? 2.665  5.428   2.066   1.00 8.18  ? 15  LEU A N    1 
ATOM   181 C CA   . LEU A 1 15 ? 2.860  6.856   2.205   1.00 8.25  ? 15  LEU A CA   1 
ATOM   182 C C    . LEU A 1 15 ? 2.088  7.421   3.388   1.00 8.23  ? 15  LEU A C    1 
ATOM   183 O O    . LEU A 1 15 ? 2.521  8.402   4.000   1.00 8.46  ? 15  LEU A O    1 
ATOM   184 C CB   . LEU A 1 15 ? 2.452  7.586   0.927   1.00 8.09  ? 15  LEU A CB   1 
ATOM   185 C CG   . LEU A 1 15 ? 3.410  7.452   -0.254  1.00 8.16  ? 15  LEU A CG   1 
ATOM   186 C CD1  . LEU A 1 15 ? 2.759  7.917   -1.538  1.00 9.32  ? 15  LEU A CD1  1 
ATOM   187 C CD2  . LEU A 1 15 ? 4.736  8.159   0.022   1.00 9.62  ? 15  LEU A CD2  1 
ATOM   188 H H    . LEU A 1 15 ? 2.332  5.106   1.318   1.00 9.81  ? 15  LEU A H    1 
ATOM   189 H HA   . LEU A 1 15 ? 3.833  7.023   2.360   1.00 9.90  ? 15  LEU A HA   1 
ATOM   190 H HB2  . LEU A 1 15 ? 1.564  7.250   0.647   1.00 9.71  ? 15  LEU A HB2  1 
ATOM   191 H HB3  . LEU A 1 15 ? 2.351  8.548   1.138   1.00 9.71  ? 15  LEU A HB3  1 
ATOM   192 H HG   . LEU A 1 15 ? 3.612  6.479   -0.361  1.00 9.79  ? 15  LEU A HG   1 
ATOM   193 H HD11 . LEU A 1 15 ? 1.916  7.436   -1.670  1.00 13.98 ? 15  LEU A HD11 1 
ATOM   194 H HD12 . LEU A 1 15 ? 2.582  8.880   -1.484  1.00 13.98 ? 15  LEU A HD12 1 
ATOM   195 H HD13 . LEU A 1 15 ? 3.359  7.737   -2.291  1.00 13.98 ? 15  LEU A HD13 1 
ATOM   196 H HD21 . LEU A 1 15 ? 5.116  7.825   0.861   1.00 14.43 ? 15  LEU A HD21 1 
ATOM   197 H HD22 . LEU A 1 15 ? 5.360  7.983   -0.712  1.00 14.43 ? 15  LEU A HD22 1 
ATOM   198 H HD23 . LEU A 1 15 ? 4.582  9.125   0.095   1.00 14.43 ? 15  LEU A HD23 1 
HETATM 199 N N    . AIB A 1 16 ? 0.931  6.853   3.728   1.00 7.85  ? 16  AIB A N    1 
HETATM 200 C CA   . AIB A 1 16 ? 0.101  7.292   4.850   1.00 8.23  ? 16  AIB A CA   1 
HETATM 201 C C    . AIB A 1 16 ? 0.914  7.343   6.137   1.00 8.13  ? 16  AIB A C    1 
HETATM 202 O O    . AIB A 1 16 ? 0.598  8.109   7.064   1.00 9.03  ? 16  AIB A O    1 
HETATM 203 C CB1  . AIB A 1 16 ? -0.507 8.645   4.525   1.00 8.88  ? 16  AIB A CB1  1 
HETATM 204 C CB2  . AIB A 1 16 ? -0.992 6.233   5.069   1.00 9.22  ? 16  AIB A CB2  1 
HETATM 205 H H    . AIB A 1 16 ? 0.648  6.172   3.248   1.00 9.42  ? 16  AIB A H    1 
HETATM 206 H HB11 . AIB A 1 16 ? -1.063 8.941   5.276   1.00 13.32 ? 16  AIB A HB11 1 
HETATM 207 H HB12 . AIB A 1 16 ? 0.209  9.296   4.373   1.00 13.32 ? 16  AIB A HB12 1 
HETATM 208 H HB13 . AIB A 1 16 ? -1.058 8.570   3.719   1.00 13.32 ? 16  AIB A HB13 1 
HETATM 209 H HB21 . AIB A 1 16 ? -1.564 6.504   5.818   1.00 13.83 ? 16  AIB A HB21 1 
HETATM 210 H HB22 . AIB A 1 16 ? -1.534 6.150   4.256   1.00 13.83 ? 16  AIB A HB22 1 
HETATM 211 H HB23 . AIB A 1 16 ? -0.574 5.371   5.273   1.00 13.83 ? 16  AIB A HB23 1 
HETATM 212 N N    . BAL A 1 17 ? 1.902  6.463   6.273   1.00 8.53  ? 17  BAL A N    1 
HETATM 213 C CB   . BAL A 1 17 ? 2.730  6.362   7.464   1.00 8.97  ? 17  BAL A CB   1 
HETATM 214 C CA   . BAL A 1 17 ? 4.091  7.017   7.286   1.00 9.04  ? 17  BAL A CA   1 
HETATM 215 C C    . BAL A 1 17 ? 4.102  8.539   7.504   1.00 8.34  ? 17  BAL A C    1 
HETATM 216 O O    . BAL A 1 17 ? 4.428  9.048   8.590   1.00 9.38  ? 17  BAL A O    1 
HETATM 217 H H    . BAL A 1 17 ? 2.064  5.913   5.606   1.00 10.23 ? 17  BAL A H    1 
HETATM 218 H HB3  . BAL A 1 17 ? 2.260  6.792   8.222   1.00 10.76 ? 17  BAL A HB3  1 
HETATM 219 H HB2  . BAL A 1 17 ? 2.856  5.406   7.689   1.00 10.76 ? 17  BAL A HB2  1 
HETATM 220 H HA1  . BAL A 1 17 ? 4.415  6.827   6.370   1.00 10.84 ? 17  BAL A HA1  1 
HETATM 221 H HA2  . BAL A 1 17 ? 4.727  6.602   7.920   1.00 10.84 ? 17  BAL A HA2  1 
ATOM   222 N N    . LEU A 1 18 ? 3.632  9.279   6.529   1.00 8.29  ? 18  LEU A N    1 
ATOM   223 C CA   . LEU A 1 18 ? 3.634  10.743  6.598   1.00 8.72  ? 18  LEU A CA   1 
ATOM   224 C C    . LEU A 1 18 ? 2.759  11.278  7.705   1.00 8.06  ? 18  LEU A C    1 
ATOM   225 O O    . LEU A 1 18 ? 2.990  12.398  8.172   1.00 9.07  ? 18  LEU A O    1 
ATOM   226 C CB   . LEU A 1 18 ? 3.233  11.335  5.241   1.00 8.32  ? 18  LEU A CB   1 
ATOM   227 C CG   . LEU A 1 18 ? 4.233  11.190  4.115   1.00 7.76  ? 18  LEU A CG   1 
ATOM   228 C CD1  . LEU A 1 18 ? 3.604  11.517  2.756   1.00 8.80  ? 18  LEU A CD1  1 
ATOM   229 C CD2  . LEU A 1 18 ? 5.515  11.940  4.328   1.00 8.35  ? 18  LEU A CD2  1 
ATOM   230 H H    . LEU A 1 18 ? 3.305  8.885   5.815   1.00 9.95  ? 18  LEU A H    1 
ATOM   231 H HA   . LEU A 1 18 ? 4.571  11.034  6.787   1.00 10.47 ? 18  LEU A HA   1 
ATOM   232 H HB2  . LEU A 1 18 ? 2.385  10.909  4.958   1.00 9.99  ? 18  LEU A HB2  1 
ATOM   233 H HB3  . LEU A 1 18 ? 3.049  12.300  5.368   1.00 9.99  ? 18  LEU A HB3  1 
ATOM   234 H HG   . LEU A 1 18 ? 4.479  10.222  4.082   1.00 9.32  ? 18  LEU A HG   1 
ATOM   235 H HD11 . LEU A 1 18 ? 2.772  11.012  2.650   1.00 13.21 ? 18  LEU A HD11 1 
ATOM   236 H HD12 . LEU A 1 18 ? 3.412  12.477  2.707   1.00 13.21 ? 18  LEU A HD12 1 
ATOM   237 H HD13 . LEU A 1 18 ? 4.227  11.274  2.039   1.00 13.21 ? 18  LEU A HD13 1 
ATOM   238 H HD21 . LEU A 1 18 ? 6.108  11.798  3.561   1.00 12.52 ? 18  LEU A HD21 1 
ATOM   239 H HD22 . LEU A 1 18 ? 5.322  12.897  4.420   1.00 12.52 ? 18  LEU A HD22 1 
ATOM   240 H HD23 . LEU A 1 18 ? 5.952  11.615  5.143   1.00 12.52 ? 18  LEU A HD23 1 
HETATM 241 N N    . AIB A 1 19 ? 1.759  10.538  8.147   1.00 8.72  ? 19  AIB A N    1 
HETATM 242 C CA   . AIB A 1 19 ? 0.926  10.872  9.306   1.00 9.84  ? 19  AIB A CA   1 
HETATM 243 C C    . AIB A 1 19 ? 1.789  11.323  10.474  1.00 9.85  ? 19  AIB A C    1 
HETATM 244 O O    . AIB A 1 19 ? 1.353  12.113  11.331  1.00 10.59 ? 19  AIB A O    1 
HETATM 245 C CB1  . AIB A 1 19 ? -0.017 11.980  8.925   1.00 10.38 ? 19  AIB A CB1  1 
HETATM 246 C CB2  . AIB A 1 19 ? 0.160  9.616   9.762   1.00 10.98 ? 19  AIB A CB2  1 
HETATM 247 H H    . AIB A 1 19 ? 1.581  9.792   7.717   1.00 10.46 ? 19  AIB A H    1 
HETATM 248 H HB11 . AIB A 1 19 ? -0.580 12.210  9.695   1.00 15.56 ? 19  AIB A HB11 1 
HETATM 249 H HB12 . AIB A 1 19 ? 0.497  12.768  8.650   1.00 15.56 ? 19  AIB A HB12 1 
HETATM 250 H HB13 . AIB A 1 19 ? -0.586 11.686  8.183   1.00 15.56 ? 19  AIB A HB13 1 
HETATM 251 H HB21 . AIB A 1 19 ? -0.398 9.837   10.536  1.00 16.47 ? 19  AIB A HB21 1 
HETATM 252 H HB22 . AIB A 1 19 ? -0.408 9.296   9.031   1.00 16.47 ? 19  AIB A HB22 1 
HETATM 253 H HB23 . AIB A 1 19 ? 0.799  8.916   10.009  1.00 16.47 ? 19  AIB A HB23 1 
HETATM 254 N N    . AIB A 1 20 ? 2.964  10.719  10.640  1.00 9.83  ? 20  AIB A N    1 
HETATM 255 C CA   . AIB A 1 20 ? 3.850  11.022  11.761  1.00 10.14 ? 20  AIB A CA   1 
HETATM 256 C C    . AIB A 1 20 ? 4.052  12.542  11.914  1.00 10.79 ? 20  AIB A C    1 
HETATM 257 O O    . AIB A 1 20 ? 4.295  13.043  13.013  1.00 10.83 ? 20  AIB A O    1 
HETATM 258 C CB1  . AIB A 1 20 ? 5.228  10.409  11.447  1.00 11.08 ? 20  AIB A CB1  1 
HETATM 259 C CB2  . AIB A 1 20 ? 3.277  10.461  13.054  1.00 10.87 ? 20  AIB A CB2  1 
HETATM 260 H H    . AIB A 1 20 ? 3.216  10.114  10.052  1.00 11.80 ? 20  AIB A H    1 
HETATM 261 H HB11 . AIB A 1 20 ? 5.846  10.598  12.185  1.00 16.62 ? 20  AIB A HB11 1 
HETATM 262 H HB12 . AIB A 1 20 ? 5.137  9.439   11.338  1.00 16.62 ? 20  AIB A HB12 1 
HETATM 263 H HB13 . AIB A 1 20 ? 5.580  10.799  10.620  1.00 16.62 ? 20  AIB A HB13 1 
HETATM 264 H HB21 . AIB A 1 20 ? 3.881  10.671  13.797  1.00 16.31 ? 20  AIB A HB21 1 
HETATM 265 H HB22 . AIB A 1 20 ? 2.400  10.861  13.223  1.00 16.31 ? 20  AIB A HB22 1 
HETATM 266 H HB23 . AIB A 1 20 ? 3.184  9.488   12.974  1.00 16.31 ? 20  AIB A HB23 1 
ATOM   267 N N    . LEU A 1 21 ? 4.113  13.245  10.761  1.00 9.75  ? 21  LEU A N    1 
ATOM   268 C CA   . LEU A 1 21 ? 4.435  14.659  10.721  1.00 10.96 ? 21  LEU A CA   1 
ATOM   269 C C    . LEU A 1 21 ? 3.215  15.557  10.860  1.00 14.09 ? 21  LEU A C    1 
ATOM   270 O O    . LEU A 1 21 ? 3.448  16.742  11.135  1.00 17.46 ? 21  LEU A O    1 
ATOM   271 C CB   . LEU A 1 21 ? 5.185  14.992  9.403   1.00 11.86 ? 21  LEU A CB   1 
ATOM   272 C CG   . LEU A 1 21 ? 6.609  14.478  9.262   1.00 13.34 ? 21  LEU A CG   1 
ATOM   273 C CD1  . LEU A 1 21 ? 7.479  14.895  10.437  1.00 20.61 ? 21  LEU A CD1  1 
ATOM   274 C CD2  . LEU A 1 21 ? 6.788  12.996  8.956   1.00 15.40 ? 21  LEU A CD2  1 
ATOM   275 H H    . LEU A 1 21 ? 3.949  12.827  10.004  1.00 11.70 ? 21  LEU A H    1 
ATOM   276 H HA   . LEU A 1 21 ? 5.051  14.856  11.484  1.00 13.16 ? 21  LEU A HA   1 
ATOM   277 H HB2  . LEU A 1 21 ? 4.654  14.633  8.650   1.00 14.24 ? 21  LEU A HB2  1 
ATOM   278 H HB3  . LEU A 1 21 ? 5.204  15.978  9.304   1.00 14.24 ? 21  LEU A HB3  1 
ATOM   279 H HG   . LEU A 1 21 ? 6.986  14.958  8.470   1.00 16.01 ? 21  LEU A HG   1 
ATOM   280 H HD11 . LEU A 1 21 ? 8.387  14.546  10.310  1.00 30.92 ? 21  LEU A HD11 1 
ATOM   281 H HD12 . LEU A 1 21 ? 7.510  15.873  10.489  1.00 30.92 ? 21  LEU A HD12 1 
ATOM   282 H HD13 . LEU A 1 21 ? 7.103  14.534  11.266  1.00 30.92 ? 21  LEU A HD13 1 
ATOM   283 H HD21 . LEU A 1 21 ? 6.219  12.748  8.197   1.00 23.09 ? 21  LEU A HD21 1 
ATOM   284 H HD22 . LEU A 1 21 ? 7.726  12.819  8.733   1.00 23.09 ? 21  LEU A HD22 1 
ATOM   285 H HD23 . LEU A 1 21 ? 6.534  12.466  9.741   1.00 23.09 ? 21  LEU A HD23 1 
HETATM 286 N N    . BAL A 1 22 ? 1.989  15.016  10.912  1.00 12.98 ? 22  BAL A N    1 
HETATM 287 C CB   . BAL A 1 22 ? 0.770  15.816  10.978  1.00 16.83 ? 22  BAL A CB   1 
HETATM 288 C CA   . BAL A 1 22 ? -0.161 15.524  12.077  1.00 21.87 ? 22  BAL A CA   1 
HETATM 289 C C    . BAL A 1 22 ? 0.168  14.976  13.422  1.00 19.92 ? 22  BAL A C    1 
HETATM 290 H H    . BAL A 1 22 ? 1.916  14.139  10.905  1.00 15.58 ? 22  BAL A H    1 
HETATM 291 H HB3  . BAL A 1 22 ? 1.031  16.768  11.042  1.00 20.20 ? 22  BAL A HB3  1 
HETATM 292 H HB2  . BAL A 1 22 ? 0.282  15.701  10.125  1.00 20.20 ? 22  BAL A HB2  1 
HETATM 293 H HA1  . BAL A 1 22 ? -0.832 14.903  11.697  1.00 26.24 ? 22  BAL A HA1  1 
HETATM 294 H HA2  . BAL A 1 22 ? -0.641 16.373  12.249  1.00 26.24 ? 22  BAL A HA2  1 
HETATM 295 C C    . ACE B 1 1  ? 3.232  7.010   19.024  1.00 15.84 ? 1   ACE B C    1 
HETATM 296 O O    . ACE B 1 1  ? 3.215  7.120   17.827  1.00 14.57 ? 1   ACE B O    1 
HETATM 297 C CH3  . ACE B 1 1  ? 2.299  7.777   19.925  1.00 21.99 ? 1   ACE B CH3  1 
HETATM 298 H H1   . ACE B 1 1  ? 2.479  7.540   20.859  1.00 32.98 ? 1   ACE B H1   1 
HETATM 299 H H2   . ACE B 1 1  ? 2.440  8.738   19.798  1.00 32.98 ? 1   ACE B H2   1 
HETATM 300 H H3   . ACE B 1 1  ? 1.372  7.551   19.703  1.00 32.98 ? 1   ACE B H3   1 
HETATM 301 N N    . AIB B 1 2  ? 4.072  6.144   19.580  1.00 15.58 ? 2   AIB B N    1 
HETATM 302 C CA   . AIB B 1 2  ? 5.016  5.309   18.848  1.00 14.52 ? 2   AIB B CA   1 
HETATM 303 C C    . AIB B 1 2  ? 4.395  4.588   17.644  1.00 10.96 ? 2   AIB B C    1 
HETATM 304 O O    . AIB B 1 2  ? 5.056  4.363   16.629  1.00 10.72 ? 2   AIB B O    1 
HETATM 305 C CB1  . AIB B 1 2  ? 6.228  6.123   18.333  1.00 15.64 ? 2   AIB B CB1  1 
HETATM 306 C CB2  . AIB B 1 2  ? 5.592  4.222   19.781  1.00 17.27 ? 2   AIB B CB2  1 
HETATM 307 H H    . AIB B 1 2  ? 4.057  6.070   20.457  1.00 18.70 ? 2   AIB B H    1 
HETATM 308 H HB11 . AIB B 1 2  ? 6.838  5.528   17.848  1.00 23.47 ? 2   AIB B HB11 1 
HETATM 309 H HB12 . AIB B 1 2  ? 5.914  6.830   17.731  1.00 23.47 ? 2   AIB B HB12 1 
HETATM 310 H HB13 . AIB B 1 2  ? 6.699  6.524   19.092  1.00 23.47 ? 2   AIB B HB13 1 
HETATM 311 H HB21 . AIB B 1 2  ? 6.226  3.665   19.283  1.00 25.91 ? 2   AIB B HB21 1 
HETATM 312 H HB22 . AIB B 1 2  ? 6.054  4.649   20.534  1.00 25.91 ? 2   AIB B HB22 1 
HETATM 313 H HB23 . AIB B 1 2  ? 4.863  3.663   20.122  1.00 25.91 ? 2   AIB B HB23 1 
ATOM   314 N N    . PRO B 1 3  ? 3.174  4.095   17.714  1.00 10.38 ? 3   PRO B N    1 
ATOM   315 C CA   . PRO B 1 3  ? 2.489  3.573   16.571  1.00 9.97  ? 3   PRO B CA   1 
ATOM   316 C C    . PRO B 1 3  ? 2.427  4.347   15.336  1.00 8.41  ? 3   PRO B C    1 
ATOM   317 O O    . PRO B 1 3  ? 2.177  3.873   14.232  1.00 9.57  ? 3   PRO B O    1 
ATOM   318 C CB   . PRO B 1 3  ? 1.294  2.819   17.005  1.00 9.89  ? 3   PRO B CB   1 
ATOM   319 C CG   . PRO B 1 3  ? 1.472  2.657   18.504  1.00 11.52 ? 3   PRO B CG   1 
ATOM   320 C CD   . PRO B 1 3  ? 2.260  3.895   18.864  1.00 12.71 ? 3   PRO B CD   1 
ATOM   321 H HA   . PRO B 1 3  ? 3.101  2.829   16.302  1.00 11.96 ? 3   PRO B HA   1 
ATOM   322 H HB2  . PRO B 1 3  ? 0.466  3.322   16.801  1.00 11.87 ? 3   PRO B HB2  1 
ATOM   323 H HB3  . PRO B 1 3  ? 1.252  1.937   16.557  1.00 11.87 ? 3   PRO B HB3  1 
ATOM   324 H HG2  . PRO B 1 3  ? 0.600  2.636   18.971  1.00 13.83 ? 3   PRO B HG2  1 
ATOM   325 H HG3  . PRO B 1 3  ? 1.977  1.833   18.719  1.00 13.83 ? 3   PRO B HG3  1 
ATOM   326 H HD2  . PRO B 1 3  ? 1.659  4.675   18.977  1.00 15.26 ? 3   PRO B HD2  1 
ATOM   327 H HD3  . PRO B 1 3  ? 2.770  3.758   19.701  1.00 15.26 ? 3   PRO B HD3  1 
HETATM 328 N N    . AIB B 1 4  ? 2.205  5.642   15.557  1.00 9.36  ? 4   AIB B N    1 
HETATM 329 C CA   . AIB B 1 4  ? 1.622  6.572   14.574  1.00 9.33  ? 4   AIB B CA   1 
HETATM 330 C C    . AIB B 1 4  ? 2.384  6.563   13.258  1.00 8.17  ? 4   AIB B C    1 
HETATM 331 O O    . AIB B 1 4  ? 1.735  6.676   12.193  1.00 9.14  ? 4   AIB B O    1 
HETATM 332 C CB1  . AIB B 1 4  ? 1.623  8.012   15.168  1.00 11.45 ? 4   AIB B CB1  1 
HETATM 333 C CB2  . AIB B 1 4  ? 0.158  6.201   14.406  1.00 10.69 ? 4   AIB B CB2  1 
HETATM 334 H H    . AIB B 1 4  ? 2.422  5.964   16.347  1.00 11.23 ? 4   AIB B H    1 
HETATM 335 H HB11 . AIB B 1 4  ? 1.236  8.634   14.517  1.00 17.18 ? 4   AIB B HB11 1 
HETATM 336 H HB12 . AIB B 1 4  ? 1.090  8.027   15.990  1.00 17.18 ? 4   AIB B HB12 1 
HETATM 337 H HB13 . AIB B 1 4  ? 2.544  8.282   15.370  1.00 17.18 ? 4   AIB B HB13 1 
HETATM 338 H HB21 . AIB B 1 4  ? -0.259 6.805   13.755  1.00 16.03 ? 4   AIB B HB21 1 
HETATM 339 H HB22 . AIB B 1 4  ? 0.089  5.278   14.086  1.00 16.03 ? 4   AIB B HB22 1 
HETATM 340 H HB23 . AIB B 1 4  ? -0.302 6.283   15.268  1.00 16.03 ? 4   AIB B HB23 1 
ATOM   341 N N    . PRO B 1 5  ? 3.723  6.499   13.210  1.00 8.73  ? 5   PRO B N    1 
ATOM   342 C CA   . PRO B 1 5  ? 4.448  6.336   12.004  1.00 9.18  ? 5   PRO B CA   1 
ATOM   343 C C    . PRO B 1 5  ? 4.224  5.209   11.091  1.00 8.78  ? 5   PRO B C    1 
ATOM   344 O O    . PRO B 1 5  ? 4.604  5.146   9.941   1.00 9.48  ? 5   PRO B O    1 
ATOM   345 C CB   . PRO B 1 5  ? 5.890  6.669   12.246  1.00 9.04  ? 5   PRO B CB   1 
ATOM   346 C CG   . PRO B 1 5  ? 5.907  7.245   13.641  1.00 9.71  ? 5   PRO B CG   1 
ATOM   347 C CD   . PRO B 1 5  ? 4.712  6.607   14.314  1.00 9.21  ? 5   PRO B CD   1 
ATOM   348 H HA   . PRO B 1 5  ? 4.137  7.116   11.461  1.00 11.01 ? 5   PRO B HA   1 
ATOM   349 H HB2  . PRO B 1 5  ? 6.454  5.857   12.191  1.00 10.85 ? 5   PRO B HB2  1 
ATOM   350 H HB3  . PRO B 1 5  ? 6.214  7.332   11.586  1.00 10.85 ? 5   PRO B HB3  1 
ATOM   351 H HG2  . PRO B 1 5  ? 6.747  7.008   14.111  1.00 11.65 ? 5   PRO B HG2  1 
ATOM   352 H HG3  . PRO B 1 5  ? 5.818  8.230   13.619  1.00 11.65 ? 5   PRO B HG3  1 
ATOM   353 H HD2  . PRO B 1 5  ? 4.940  5.715   14.676  1.00 11.05 ? 5   PRO B HD2  1 
ATOM   354 H HD3  . PRO B 1 5  ? 4.369  7.176   15.047  1.00 11.05 ? 5   PRO B HD3  1 
ATOM   355 N N    . PHE B 1 6  ? 3.793  4.127   11.788  1.00 8.82  ? 6   PHE B N    1 
ATOM   356 C CA   . PHE B 1 6  ? 3.808  2.788   11.271  1.00 8.13  ? 6   PHE B CA   1 
ATOM   357 C C    . PHE B 1 6  ? 2.411  2.290   10.926  1.00 8.17  ? 6   PHE B C    1 
ATOM   358 O O    . PHE B 1 6  ? 2.170  1.751   9.803   1.00 9.35  ? 6   PHE B O    1 
ATOM   359 C CB   . PHE B 1 6  ? 4.463  1.805   12.263  1.00 8.72  ? 6   PHE B CB   1 
ATOM   360 C CG   . PHE B 1 6  ? 5.862  2.202   12.647  1.00 8.84  ? 6   PHE B CG   1 
ATOM   361 C CD1  . PHE B 1 6  ? 6.047  2.886   13.861  1.00 9.44  ? 6   PHE B CD1  1 
ATOM   362 C CD2  . PHE B 1 6  ? 6.963  1.972   11.889  1.00 9.92  ? 6   PHE B CD2  1 
ATOM   363 C CE1  . PHE B 1 6  ? 7.316  3.274   14.238  1.00 9.39  ? 6   PHE B CE1  1 
ATOM   364 C CE2  . PHE B 1 6  ? 8.230  2.339   12.273  1.00 9.64  ? 6   PHE B CE2  1 
ATOM   365 C CZ   . PHE B 1 6  ? 8.430  3.003   13.469  1.00 9.54  ? 6   PHE B CZ   1 
ATOM   366 H H    . PHE B 1 6  ? 3.488  4.254   12.604  1.00 10.58 ? 6   PHE B H    1 
ATOM   367 H HA   . PHE B 1 6  ? 4.353  2.788   10.432  1.00 9.75  ? 6   PHE B HA   1 
ATOM   368 H HB2  . PHE B 1 6  ? 3.907  1.755   13.081  1.00 10.46 ? 6   PHE B HB2  1 
ATOM   369 H HB3  . PHE B 1 6  ? 4.484  0.904   11.856  1.00 10.46 ? 6   PHE B HB3  1 
ATOM   370 H HD1  . PHE B 1 6  ? 5.303  3.080   14.419  1.00 11.32 ? 6   PHE B HD1  1 
ATOM   371 H HD2  . PHE B 1 6  ? 6.853  1.536   11.052  1.00 11.90 ? 6   PHE B HD2  1 
ATOM   372 H HE1  . PHE B 1 6  ? 7.427  3.744   15.057  1.00 11.27 ? 6   PHE B HE1  1 
ATOM   373 H HE2  . PHE B 1 6  ? 8.971  2.136   11.714  1.00 11.57 ? 6   PHE B HE2  1 
ATOM   374 H HZ   . PHE B 1 6  ? 9.300  3.263   13.749  1.00 11.45 ? 6   PHE B HZ   1 
HETATM 375 N N    . DIV B 1 7  ? 1.482  2.321   11.874  1.00 8.30  ? 7   DIV B N    1 
HETATM 376 C CA   . DIV B 1 7  ? 0.171  1.740   11.787  1.00 9.02  ? 7   DIV B CA   1 
HETATM 377 C CB1  . DIV B 1 7  ? 0.352  0.195   11.727  1.00 9.99  ? 7   DIV B CB1  1 
HETATM 378 C CG1  . DIV B 1 7  ? 1.227  -0.398  12.874  1.00 12.10 ? 7   DIV B CG1  1 
HETATM 379 C CB2  . DIV B 1 7  ? -0.685 2.123   12.960  1.00 11.03 ? 7   DIV B CB2  1 
HETATM 380 C C    . DIV B 1 7  ? -0.552 2.149   10.484  1.00 9.16  ? 7   DIV B C    1 
HETATM 381 O O    . DIV B 1 7  ? -1.251 1.303   9.871   1.00 9.72  ? 7   DIV B O    1 
HETATM 382 H H    . DIV B 1 7  ? 1.687  2.735   12.623  1.00 9.96  ? 7   DIV B H    1 
HETATM 383 H HB11 . DIV B 1 7  ? 0.764  -0.043  10.859  1.00 11.99 ? 7   DIV B HB11 1 
HETATM 384 H HB12 . DIV B 1 7  ? -0.542 -0.231  11.760  1.00 11.99 ? 7   DIV B HB12 1 
HETATM 385 H HG11 . DIV B 1 7  ? 1.293  -1.371  12.767  1.00 18.14 ? 7   DIV B HG11 1 
HETATM 386 H HG12 . DIV B 1 7  ? 2.125  -0.005  12.837  1.00 18.14 ? 7   DIV B HG12 1 
HETATM 387 H HG13 . DIV B 1 7  ? 0.816  -0.193  13.740  1.00 18.14 ? 7   DIV B HG13 1 
HETATM 388 H HB21 . DIV B 1 7  ? -1.569 1.709   12.867  1.00 16.54 ? 7   DIV B HB21 1 
HETATM 389 H HB22 . DIV B 1 7  ? -0.263 1.810   13.787  1.00 16.54 ? 7   DIV B HB22 1 
HETATM 390 H HB23 . DIV B 1 7  ? -0.781 3.098   12.989  1.00 16.54 ? 7   DIV B HB23 1 
ATOM   391 N N    . PRO B 1 8  ? -0.513 3.409   10.025  1.00 8.58  ? 8   PRO B N    1 
ATOM   392 C CA   . PRO B 1 8  ? -1.061 3.818   8.762   1.00 10.01 ? 8   PRO B CA   1 
ATOM   393 C C    . PRO B 1 8  ? -0.836 3.017   7.588   1.00 9.36  ? 8   PRO B C    1 
ATOM   394 O O    . PRO B 1 8  ? -1.503 2.965   6.581   1.00 10.64 ? 8   PRO B O    1 
ATOM   395 C CB   . PRO B 1 8  ? -1.129 5.288   8.711   1.00 9.74  ? 8   PRO B CB   1 
ATOM   396 C CG   . PRO B 1 8  ? -0.827 5.719   10.147  1.00 9.12  ? 8   PRO B CG   1 
ATOM   397 C CD   . PRO B 1 8  ? 0.090  4.617   10.657  1.00 8.98  ? 8   PRO B CD   1 
ATOM   398 H HA   . PRO B 1 8  ? -2.026 3.611   8.924   1.00 12.02 ? 8   PRO B HA   1 
ATOM   399 H HB2  . PRO B 1 8  ? -0.456 5.652   8.083   1.00 11.69 ? 8   PRO B HB2  1 
ATOM   400 H HB3  . PRO B 1 8  ? -2.028 5.592   8.433   1.00 11.69 ? 8   PRO B HB3  1 
ATOM   401 H HG2  . PRO B 1 8  ? -0.372 6.598   10.167  1.00 10.95 ? 8   PRO B HG2  1 
ATOM   402 H HG3  . PRO B 1 8  ? -1.655 5.771   10.686  1.00 10.95 ? 8   PRO B HG3  1 
ATOM   403 H HD2  . PRO B 1 8  ? 1.024  4.755   10.358  1.00 10.77 ? 8   PRO B HD2  1 
ATOM   404 H HD3  . PRO B 1 8  ? 0.069  4.558   11.646  1.00 10.77 ? 8   PRO B HD3  1 
ATOM   405 N N    . ALA B 1 9  ? 0.473  2.603   7.607   1.00 9.31  ? 9   ALA B N    1 
ATOM   406 C CA   . ALA B 1 9  ? 1.039  1.916   6.450   1.00 10.15 ? 9   ALA B CA   1 
ATOM   407 C C    . ALA B 1 9  ? 0.427  0.550   6.207   1.00 9.71  ? 9   ALA B C    1 
ATOM   408 O O    . ALA B 1 9  ? 0.634  -0.003  5.120   1.00 10.12 ? 9   ALA B O    1 
ATOM   409 C CB   . ALA B 1 9  ? 2.547  1.806   6.564   1.00 12.36 ? 9   ALA B CB   1 
ATOM   410 H H    . ALA B 1 9  ? 0.971  2.752   8.317   1.00 11.17 ? 9   ALA B H    1 
ATOM   411 H HA   . ALA B 1 9  ? 0.842  2.477   5.646   1.00 12.18 ? 9   ALA B HA   1 
ATOM   412 H HB1  . ALA B 1 9  ? 2.900  1.342   5.777   1.00 18.53 ? 9   ALA B HB1  1 
ATOM   413 H HB2  . ALA B 1 9  ? 2.936  2.704   6.617   1.00 18.53 ? 9   ALA B HB2  1 
ATOM   414 H HB3  . ALA B 1 9  ? 2.777  1.302   7.372   1.00 18.53 ? 9   ALA B HB3  1 
HETATM 415 N N    . AIB B 1 10 ? -0.397 0.071   7.145   1.00 9.72  ? 10  AIB B N    1 
HETATM 416 C CA   . AIB B 1 10 ? -1.199 -1.161  6.920   1.00 10.18 ? 10  AIB B CA   1 
HETATM 417 C C    . AIB B 1 10 ? -2.003 -0.973  5.654   1.00 9.68  ? 10  AIB B C    1 
HETATM 418 O O    . AIB B 1 10 ? -2.317 -1.975  4.988   1.00 10.92 ? 10  AIB B O    1 
HETATM 419 C CB1  . AIB B 1 10 ? -2.172 -1.276  8.116   1.00 10.62 ? 10  AIB B CB1  1 
HETATM 420 C CB2  . AIB B 1 10 ? -0.320 -2.411  6.797   1.00 11.86 ? 10  AIB B CB2  1 
HETATM 421 H H    . AIB B 1 10 ? -0.465 0.494   7.914   1.00 11.67 ? 10  AIB B H    1 
HETATM 422 H HB11 . AIB B 1 10 ? -2.725 -2.079  8.010   1.00 15.93 ? 10  AIB B HB11 1 
HETATM 423 H HB12 . AIB B 1 10 ? -1.660 -1.340  8.948   1.00 15.93 ? 10  AIB B HB12 1 
HETATM 424 H HB13 . AIB B 1 10 ? -2.748 -0.484  8.145   1.00 15.93 ? 10  AIB B HB13 1 
HETATM 425 H HB21 . AIB B 1 10 ? -0.888 -3.195  6.650   1.00 17.78 ? 10  AIB B HB21 1 
HETATM 426 H HB22 . AIB B 1 10 ? 0.293  -2.305  6.040   1.00 17.78 ? 10  AIB B HB22 1 
HETATM 427 H HB23 . AIB B 1 10 ? 0.195  -2.530  7.622   1.00 17.78 ? 10  AIB B HB23 1 
HETATM 428 N N    . BAL B 1 11 ? -2.426 0.245   5.320   1.00 9.13  ? 11  BAL B N    1 
HETATM 429 C CB   . BAL B 1 11 ? -3.274 0.531   4.178   1.00 9.22  ? 11  BAL B CB   1 
HETATM 430 C CA   . BAL B 1 11 ? -2.514 1.032   2.971   1.00 8.96  ? 11  BAL B CA   1 
HETATM 431 C C    . BAL B 1 11 ? -1.836 -0.068  2.190   1.00 8.60  ? 11  BAL B C    1 
HETATM 432 O O    . BAL B 1 11 ? -2.373 -0.564  1.202   1.00 9.35  ? 11  BAL B O    1 
HETATM 433 H H    . BAL B 1 11 ? -2.176 0.919   5.825   1.00 10.96 ? 11  BAL B H    1 
HETATM 434 H HB3  . BAL B 1 11 ? -3.764 -0.292  3.928   1.00 11.06 ? 11  BAL B HB3  1 
HETATM 435 H HB2  . BAL B 1 11 ? -3.944 1.212   4.439   1.00 11.06 ? 11  BAL B HB2  1 
HETATM 436 H HA1  . BAL B 1 11 ? -1.829 1.681   3.272   1.00 10.76 ? 11  BAL B HA1  1 
HETATM 437 H HA2  . BAL B 1 11 ? -3.142 1.511   2.374   1.00 10.76 ? 11  BAL B HA2  1 
ATOM   438 N N    . ALA B 1 12 ? -0.658 -0.499  2.655   1.00 8.33  ? 12  ALA B N    1 
ATOM   439 C CA   . ALA B 1 12 ? 0.130  -1.453  1.857   1.00 8.91  ? 12  ALA B CA   1 
ATOM   440 C C    . ALA B 1 12 ? -0.539 -2.794  1.642   1.00 8.55  ? 12  ALA B C    1 
ATOM   441 O O    . ALA B 1 12 ? -0.248 -3.465  0.659   1.00 9.15  ? 12  ALA B O    1 
ATOM   442 C CB   . ALA B 1 12 ? 1.484  -1.663  2.501   1.00 10.07 ? 12  ALA B CB   1 
ATOM   443 H H    . ALA B 1 12 ? -0.356 -0.215  3.431   1.00 10.00 ? 12  ALA B H    1 
ATOM   444 H HA   . ALA B 1 12 ? 0.283  -1.044  0.958   1.00 10.69 ? 12  ALA B HA   1 
ATOM   445 H HB1  . ALA B 1 12 ? 2.005  -2.298  1.967   1.00 15.11 ? 12  ALA B HB1  1 
ATOM   446 H HB2  . ALA B 1 12 ? 1.960  -0.806  2.545   1.00 15.11 ? 12  ALA B HB2  1 
ATOM   447 H HB3  . ALA B 1 12 ? 1.365  -2.017  3.406   1.00 15.11 ? 12  ALA B HB3  1 
HETATM 448 N N    . DIV B 1 13 ? -1.442 -3.219  2.532   1.00 8.25  ? 13  DIV B N    1 
HETATM 449 C CA   . DIV B 1 13 ? -2.125 -4.506  2.397   1.00 8.57  ? 13  DIV B CA   1 
HETATM 450 C CB1  . DIV B 1 13 ? -1.178 -5.677  2.605   1.00 9.50  ? 13  DIV B CB1  1 
HETATM 451 C CG1  . DIV B 1 13 ? -0.490 -5.669  3.976   1.00 11.65 ? 13  DIV B CG1  1 
HETATM 452 C CB2  . DIV B 1 13 ? -3.304 -4.544  3.402   1.00 8.86  ? 13  DIV B CB2  1 
HETATM 453 C C    . DIV B 1 13 ? -2.788 -4.550  0.983   1.00 8.31  ? 13  DIV B C    1 
HETATM 454 O O    . DIV B 1 13 ? -2.922 -5.621  0.407   1.00 9.52  ? 13  DIV B O    1 
HETATM 455 H H    . DIV B 1 13 ? -1.632 -2.709  3.223   1.00 9.90  ? 13  DIV B H    1 
HETATM 456 H HB11 . DIV B 1 13 ? -0.483 -5.658  1.899   1.00 11.40 ? 13  DIV B HB11 1 
HETATM 457 H HB12 . DIV B 1 13 ? -1.685 -6.521  2.506   1.00 11.40 ? 13  DIV B HB12 1 
HETATM 458 H HG11 . DIV B 1 13 ? 0.105  -6.445  4.049   1.00 17.47 ? 13  DIV B HG11 1 
HETATM 459 H HG12 . DIV B 1 13 ? 0.033  -4.846  4.075   1.00 17.47 ? 13  DIV B HG12 1 
HETATM 460 H HG13 . DIV B 1 13 ? -1.168 -5.712  4.682   1.00 17.47 ? 13  DIV B HG13 1 
HETATM 461 H HB21 . DIV B 1 13 ? -3.772 -5.401  3.324   1.00 13.29 ? 13  DIV B HB21 1 
HETATM 462 H HB22 . DIV B 1 13 ? -2.958 -4.442  4.314   1.00 13.29 ? 13  DIV B HB22 1 
HETATM 463 H HB23 . DIV B 1 13 ? -3.925 -3.813  3.205   1.00 13.29 ? 13  DIV B HB23 1 
HETATM 464 N N    . BAL B 1 14 ? -3.275 -3.381  0.546   1.00 8.42  ? 14  BAL B N    1 
HETATM 465 C CB   . BAL B 1 14 ? -3.975 -3.211  -0.724  1.00 8.93  ? 14  BAL B CB   1 
HETATM 466 C CA   . BAL B 1 14 ? -3.103 -2.558  -1.795  1.00 8.86  ? 14  BAL B CA   1 
HETATM 467 C C    . BAL B 1 14 ? -2.279 -3.593  -2.562  1.00 8.21  ? 14  BAL B C    1 
HETATM 468 O O    . BAL B 1 14 ? -2.614 -3.889  -3.707  1.00 8.39  ? 14  BAL B O    1 
HETATM 469 H H    . BAL B 1 14 ? -3.166 -2.672  1.056   1.00 10.11 ? 14  BAL B H    1 
HETATM 470 H HB3  . BAL B 1 14 ? -4.275 -4.097  -1.048  1.00 10.71 ? 14  BAL B HB3  1 
HETATM 471 H HB2  . BAL B 1 14 ? -4.779 -2.652  -0.577  1.00 10.71 ? 14  BAL B HB2  1 
HETATM 472 H HA1  . BAL B 1 14 ? -3.679 -2.063  -2.430  1.00 10.64 ? 14  BAL B HA1  1 
HETATM 473 H HA2  . BAL B 1 14 ? -2.492 -1.905  -1.367  1.00 10.64 ? 14  BAL B HA2  1 
ATOM   474 N N    . LEU B 1 15 ? -1.222 -4.109  -1.949  1.00 8.06  ? 15  LEU B N    1 
ATOM   475 C CA   . LEU B 1 15 ? -0.398 -5.087  -2.640  1.00 8.15  ? 15  LEU B CA   1 
ATOM   476 C C    . LEU B 1 15 ? -1.188 -6.287  -3.074  1.00 7.76  ? 15  LEU B C    1 
ATOM   477 O O    . LEU B 1 15 ? -0.861 -6.874  -4.126  1.00 8.45  ? 15  LEU B O    1 
ATOM   478 C CB   . LEU B 1 15 ? 0.706  -5.555  -1.660  1.00 8.66  ? 15  LEU B CB   1 
ATOM   479 C CG   . LEU B 1 15 ? 1.861  -4.585  -1.454  1.00 8.73  ? 15  LEU B CG   1 
ATOM   480 C CD1  . LEU B 1 15 ? 2.709  -5.031  -0.266  1.00 9.70  ? 15  LEU B CD1  1 
ATOM   481 C CD2  . LEU B 1 15 ? 2.721  -4.432  -2.687  1.00 9.06  ? 15  LEU B CD2  1 
ATOM   482 H H    . LEU B 1 15 ? -1.020 -3.861  -1.129  1.00 9.67  ? 15  LEU B H    1 
ATOM   483 H HA   . LEU B 1 15 ? 0.024  -4.660  -3.440  1.00 9.78  ? 15  LEU B HA   1 
ATOM   484 H HB2  . LEU B 1 15 ? 0.288  -5.732  -0.781  1.00 10.39 ? 15  LEU B HB2  1 
ATOM   485 H HB3  . LEU B 1 15 ? 1.074  -6.411  -1.993  1.00 10.39 ? 15  LEU B HB3  1 
ATOM   486 H HG   . LEU B 1 15 ? 1.475  -3.688  -1.236  1.00 10.47 ? 15  LEU B HG   1 
ATOM   487 H HD11 . LEU B 1 15 ? 2.138  -5.126  0.525   1.00 14.56 ? 15  LEU B HD11 1 
ATOM   488 H HD12 . LEU B 1 15 ? 3.129  -5.892  -0.470  1.00 14.56 ? 15  LEU B HD12 1 
ATOM   489 H HD13 . LEU B 1 15 ? 3.403  -4.363  -0.090  1.00 14.56 ? 15  LEU B HD13 1 
ATOM   490 H HD21 . LEU B 1 15 ? 3.447  -3.799  -2.503  1.00 13.59 ? 15  LEU B HD21 1 
ATOM   491 H HD22 . LEU B 1 15 ? 3.100  -5.301  -2.932  1.00 13.59 ? 15  LEU B HD22 1 
ATOM   492 H HD23 . LEU B 1 15 ? 2.174  -4.094  -3.427  1.00 13.59 ? 15  LEU B HD23 1 
HETATM 493 N N    . AIB B 1 16 ? -2.259 -6.654  -2.390  1.00 8.46  ? 16  AIB B N    1 
HETATM 494 C CA   . AIB B 1 16 ? -3.070 -7.826  -2.709  1.00 8.84  ? 16  AIB B CA   1 
HETATM 495 C C    . AIB B 1 16 ? -3.606 -7.732  -4.153  1.00 7.80  ? 16  AIB B C    1 
HETATM 496 O O    . AIB B 1 16 ? -3.898 -8.740  -4.815  1.00 8.75  ? 16  AIB B O    1 
HETATM 497 C CB1  . AIB B 1 16 ? -4.313 -7.832  -1.748  1.00 9.43  ? 16  AIB B CB1  1 
HETATM 498 C CB2  . AIB B 1 16 ? -2.259 -9.111  -2.544  1.00 9.54  ? 16  AIB B CB2  1 
HETATM 499 H H    . AIB B 1 16 ? -2.498 -6.162  -1.701  1.00 10.15 ? 16  AIB B H    1 
HETATM 500 H HB11 . AIB B 1 16 ? -4.873 -8.612  -1.943  1.00 14.15 ? 16  AIB B HB11 1 
HETATM 501 H HB12 . AIB B 1 16 ? -4.007 -7.875  -0.818  1.00 14.15 ? 16  AIB B HB12 1 
HETATM 502 H HB13 . AIB B 1 16 ? -4.835 -7.014  -1.883  1.00 14.15 ? 16  AIB B HB13 1 
HETATM 503 H HB21 . AIB B 1 16 ? -2.822 -9.882  -2.761  1.00 14.31 ? 16  AIB B HB21 1 
HETATM 504 H HB22 . AIB B 1 16 ? -1.486 -9.088  -3.146  1.00 14.31 ? 16  AIB B HB22 1 
HETATM 505 H HB23 . AIB B 1 16 ? -1.949 -9.184  -1.617  1.00 14.31 ? 16  AIB B HB23 1 
HETATM 506 N N    . BAL B 1 17 ? -3.826 -6.491  -4.645  1.00 9.00  ? 17  BAL B N    1 
HETATM 507 C CB   . BAL B 1 17 ? -4.386 -6.208  -5.968  1.00 8.74  ? 17  BAL B CB   1 
HETATM 508 C CA   . BAL B 1 17 ? -3.325 -5.837  -6.971  1.00 8.49  ? 17  BAL B CA   1 
HETATM 509 C C    . BAL B 1 17 ? -2.561 -6.999  -7.545  1.00 8.08  ? 17  BAL B C    1 
HETATM 510 O O    . BAL B 1 17 ? -2.830 -7.451  -8.687  1.00 9.13  ? 17  BAL B O    1 
HETATM 511 H H    . BAL B 1 17 ? -3.619 -5.806  -4.134  1.00 10.80 ? 17  BAL B H    1 
HETATM 512 H HB3  . BAL B 1 17 ? -4.873 -7.007  -6.292  1.00 10.48 ? 17  BAL B HB3  1 
HETATM 513 H HB2  . BAL B 1 17 ? -5.036 -5.465  -5.893  1.00 10.48 ? 17  BAL B HB2  1 
HETATM 514 H HA1  . BAL B 1 17 ? -3.753 -5.343  -7.714  1.00 10.18 ? 17  BAL B HA1  1 
HETATM 515 H HA2  . BAL B 1 17 ? -2.682 -5.222  -6.536  1.00 10.18 ? 17  BAL B HA2  1 
ATOM   516 N N    . LEU B 1 18 ? -1.576 -7.519  -6.811  1.00 8.30  ? 18  LEU B N    1 
ATOM   517 C CA   . LEU B 1 18 ? -0.750 -8.607  -7.320  1.00 8.01  ? 18  LEU B CA   1 
ATOM   518 C C    . LEU B 1 18 ? -1.537 -9.833  -7.729  1.00 8.00  ? 18  LEU B C    1 
ATOM   519 O O    . LEU B 1 18 ? -1.111 -10.563 -8.611  1.00 9.01  ? 18  LEU B O    1 
ATOM   520 C CB   . LEU B 1 18 ? 0.240  -9.024  -6.238  1.00 8.74  ? 18  LEU B CB   1 
ATOM   521 C CG   . LEU B 1 18 ? 1.395  -8.070  -6.030  1.00 9.03  ? 18  LEU B CG   1 
ATOM   522 C CD1  . LEU B 1 18 ? 2.112  -8.361  -4.740  1.00 9.36  ? 18  LEU B CD1  1 
ATOM   523 C CD2  . LEU B 1 18 ? 2.344  -8.066  -7.223  1.00 9.43  ? 18  LEU B CD2  1 
ATOM   524 H H    . LEU B 1 18 ? -1.422 -7.202  -6.005  1.00 9.96  ? 18  LEU B H    1 
ATOM   525 H HA   . LEU B 1 18 ? -0.238 -8.276  -8.113  1.00 9.61  ? 18  LEU B HA   1 
ATOM   526 H HB2  . LEU B 1 18 ? -0.249 -9.118  -5.383  1.00 10.49 ? 18  LEU B HB2  1 
ATOM   527 H HB3  . LEU B 1 18 ? 0.606  -9.914  -6.472  1.00 10.49 ? 18  LEU B HB3  1 
ATOM   528 H HG   . LEU B 1 18 ? 1.010  -7.151  -5.953  1.00 10.83 ? 18  LEU B HG   1 
ATOM   529 H HD11 . LEU B 1 18 ? 2.854  -7.732  -4.629  1.00 14.04 ? 18  LEU B HD11 1 
ATOM   530 H HD12 . LEU B 1 18 ? 1.487  -8.267  -3.991  1.00 14.04 ? 18  LEU B HD12 1 
ATOM   531 H HD13 . LEU B 1 18 ? 2.460  -9.277  -4.761  1.00 14.04 ? 18  LEU B HD13 1 
ATOM   532 H HD21 . LEU B 1 18 ? 1.839  -7.872  -8.040  1.00 14.14 ? 18  LEU B HD21 1 
ATOM   533 H HD22 . LEU B 1 18 ? 3.030  -7.378  -7.092  1.00 14.14 ? 18  LEU B HD22 1 
ATOM   534 H HD23 . LEU B 1 18 ? 2.772  -8.943  -7.302  1.00 14.14 ? 18  LEU B HD23 1 
HETATM 535 N N    . AIB B 1 19 ? -2.687 -10.089 -7.086  1.00 9.02  ? 19  AIB B N    1 
HETATM 536 C CA   . AIB B 1 19 ? -3.555 -11.231 -7.381  1.00 10.27 ? 19  AIB B CA   1 
HETATM 537 C C    . AIB B 1 19 ? -3.928 -11.293 -8.860  1.00 9.17  ? 19  AIB B C    1 
HETATM 538 O O    . AIB B 1 19 ? -4.315 -12.356 -9.368  1.00 10.04 ? 19  AIB B O    1 
HETATM 539 C CB1  . AIB B 1 19 ? -4.865 -11.050 -6.601  1.00 12.37 ? 19  AIB B CB1  1 
HETATM 540 C CB2  . AIB B 1 19 ? -2.834 -12.525 -7.012  1.00 11.20 ? 19  AIB B CB2  1 
HETATM 541 H H    . AIB B 1 19 ? -2.935 -9.537  -6.448  1.00 10.83 ? 19  AIB B H    1 
HETATM 542 H HB11 . AIB B 1 19 ? -5.462 -11.807 -6.786  1.00 18.56 ? 19  AIB B HB11 1 
HETATM 543 H HB12 . AIB B 1 19 ? -4.672 -11.014 -5.641  1.00 18.56 ? 19  AIB B HB12 1 
HETATM 544 H HB13 . AIB B 1 19 ? -5.299 -10.217 -6.879  1.00 18.56 ? 19  AIB B HB13 1 
HETATM 545 H HB21 . AIB B 1 19 ? -3.414 -13.290 -7.209  1.00 16.80 ? 19  AIB B HB21 1 
HETATM 546 H HB22 . AIB B 1 19 ? -2.007 -12.599 -7.533  1.00 16.80 ? 19  AIB B HB22 1 
HETATM 547 H HB23 . AIB B 1 19 ? -2.617 -12.517 -6.056  1.00 16.80 ? 19  AIB B HB23 1 
HETATM 548 N N    . AIB B 1 20 ? -3.885 -10.154 -9.536  1.00 8.90  ? 20  AIB B N    1 
HETATM 549 C CA   . AIB B 1 20 ? -4.168 -10.078 -10.975 1.00 8.86  ? 20  AIB B CA   1 
HETATM 550 C C    . AIB B 1 20 ? -3.413 -11.173 -11.733 1.00 9.02  ? 20  AIB B C    1 
HETATM 551 O O    . AIB B 1 20 ? -3.863 -11.597 -12.804 1.00 10.30 ? 20  AIB B O    1 
HETATM 552 C CB1  . AIB B 1 20 ? -5.649 -10.236 -11.201 1.00 10.50 ? 20  AIB B CB1  1 
HETATM 553 C CB2  . AIB B 1 20 ? -3.675 -8.719  -11.482 1.00 9.44  ? 20  AIB B CB2  1 
HETATM 554 H H    . AIB B 1 20 ? -3.677 -9.415  -9.106  1.00 10.68 ? 20  AIB B H    1 
HETATM 555 H HB11 . AIB B 1 20 ? -5.841 -10.186 -12.161 1.00 15.74 ? 20  AIB B HB11 1 
HETATM 556 H HB12 . AIB B 1 20 ? -5.941 -11.105 -10.855 1.00 15.74 ? 20  AIB B HB12 1 
HETATM 557 H HB13 . AIB B 1 20 ? -6.129 -9.521  -10.734 1.00 15.74 ? 20  AIB B HB13 1 
HETATM 558 H HB21 . AIB B 1 20 ? -3.854 -8.644  -12.442 1.00 14.16 ? 20  AIB B HB21 1 
HETATM 559 H HB22 . AIB B 1 20 ? -4.144 -8.004  -11.005 1.00 14.16 ? 20  AIB B HB22 1 
HETATM 560 H HB23 . AIB B 1 20 ? -2.711 -8.641  -11.322 1.00 14.16 ? 20  AIB B HB23 1 
ATOM   561 N N    . LEU B 1 21 ? -2.212 -11.473 -11.271 1.00 8.94  ? 21  LEU B N    1 
ATOM   562 C CA   . LEU B 1 21 ? -1.309 -12.395 -11.954 1.00 9.24  ? 21  LEU B CA   1 
ATOM   563 C C    . LEU B 1 21 ? -1.552 -13.866 -11.647 1.00 9.46  ? 21  LEU B C    1 
ATOM   564 O O    . LEU B 1 21 ? -1.050 -14.731 -12.375 1.00 13.13 ? 21  LEU B O    1 
ATOM   565 C CB   . LEU B 1 21 ? 0.148  -12.174 -11.527 1.00 12.19 ? 21  LEU B CB   1 
ATOM   566 C CG   . LEU B 1 21 ? 1.137  -11.196 -12.079 1.00 14.45 ? 21  LEU B CG   1 
ATOM   567 C CD1  . LEU B 1 21 ? 0.526  -9.836  -12.105 1.00 15.13 ? 21  LEU B CD1  1 
ATOM   568 C CD2  . LEU B 1 21 ? 2.507  -11.233 -11.450 1.00 15.96 ? 21  LEU B CD2  1 
ATOM   569 H H    . LEU B 1 21 ? -1.946 -11.102 -10.519 1.00 10.73 ? 21  LEU B H    1 
ATOM   570 H HA   . LEU B 1 21 ? -1.385 -12.253 -12.940 1.00 11.09 ? 21  LEU B HA   1 
ATOM   571 H HB2  . LEU B 1 21 ? 0.108  -11.984 -10.557 1.00 14.63 ? 21  LEU B HB2  1 
ATOM   572 H HB3  . LEU B 1 21 ? 0.581  -13.059 -11.614 1.00 14.63 ? 21  LEU B HB3  1 
ATOM   573 H HG   . LEU B 1 21 ? 1.269  -11.454 -13.036 1.00 17.33 ? 21  LEU B HG   1 
ATOM   574 H HD11 . LEU B 1 21 ? 1.172  -9.194  -12.466 1.00 22.70 ? 21  LEU B HD11 1 
ATOM   575 H HD12 . LEU B 1 21 ? -0.274 -9.847  -12.670 1.00 22.70 ? 21  LEU B HD12 1 
ATOM   576 H HD13 . LEU B 1 21 ? 0.278  -9.571  -11.194 1.00 22.70 ? 21  LEU B HD13 1 
ATOM   577 H HD21 . LEU B 1 21 ? 2.849  -12.151 -11.465 1.00 23.95 ? 21  LEU B HD21 1 
ATOM   578 H HD22 . LEU B 1 21 ? 3.113  -10.650 -11.953 1.00 23.95 ? 21  LEU B HD22 1 
ATOM   579 H HD23 . LEU B 1 21 ? 2.450  -10.922 -10.523 1.00 23.95 ? 21  LEU B HD23 1 
HETATM 580 N N    . BAL B 1 22 ? -2.379 -14.178 -10.662 1.00 9.72  ? 22  BAL B N    1 
HETATM 581 C CB   . BAL B 1 22 ? -2.397 -15.490 -10.013 1.00 14.28 ? 22  BAL B CB   1 
HETATM 582 C CA   . BAL B 1 22 ? -2.679 -16.582 -10.961 1.00 18.74 ? 22  BAL B CA   1 
HETATM 583 C C    . BAL B 1 22 ? -4.218 -16.638 -11.044 1.00 18.75 ? 22  BAL B C    1 
HETATM 584 O O    . BAL B 1 22 ? -4.965 -15.827 -10.594 1.00 21.54 ? 22  BAL B O    1 
HETATM 585 H H    . BAL B 1 22 ? -2.947 -13.566 -10.384 1.00 11.67 ? 22  BAL B H    1 
HETATM 586 H HB3  . BAL B 1 22 ? -1.518 -15.651 -9.584  1.00 17.14 ? 22  BAL B HB3  1 
HETATM 587 H HB2  . BAL B 1 22 ? -3.085 -15.491 -9.302  1.00 17.14 ? 22  BAL B HB2  1 
HETATM 588 H HA1  . BAL B 1 22 ? -2.313 -17.440 -10.630 1.00 22.49 ? 22  BAL B HA1  1 
HETATM 589 H HA2  . BAL B 1 22 ? -2.287 -16.388 -11.849 1.00 22.49 ? 22  BAL B HA2  1 
ATOM   590 N N    . GLY B 1 23 ? -4.714 -17.779 -11.523 1.00 19.49 ? 23  GLY B N    1 
ATOM   591 C CA   . GLY B 1 23 ? -6.121 -17.850 -11.775 1.00 16.25 ? 23  GLY B CA   1 
ATOM   592 C C    . GLY B 1 23 ? -7.001 -18.240 -10.608 1.00 15.51 ? 23  GLY B C    1 
ATOM   593 O OXT  A GLY B 1 23 ? -8.307 -17.847 -10.966 0.78 13.87 ? 23  GLY B OXT  1 
ATOM   594 O OXT  B GLY B 1 23 ? -7.926 -18.892 -10.107 0.22 4.92  ? 23  GLY B OXT  1 
ATOM   595 H H    . GLY B 1 23 ? -4.190 -18.470 -11.679 1.00 23.39 ? 23  GLY B H    1 
ATOM   596 H HA2  . GLY B 1 23 ? -6.420 -16.965 -12.104 1.00 19.49 ? 23  GLY B HA2  1 
ATOM   597 H HA3  . GLY B 1 23 ? -6.271 -18.501 -12.506 1.00 19.49 ? 23  GLY B HA3  1 
ATOM   598 H HXT  A GLY B 1 23 ? -8.286 -17.078 -11.302 0.78 20.80 ? 23  GLY B HXT  1 
ATOM   599 H HXT  B GLY B 1 23 ? -8.083 -18.606 -9.333  0.22 7.39  ? 23  GLY B HXT  1 
HETATM 600 O O    . HOH C 2 .  ? -3.949 -2.497  -5.832  1.00 16.48 ? 101 HOH A O    1 
HETATM 601 O O    . HOH C 2 .  ? -6.230 -2.036  -7.293  1.00 17.10 ? 102 HOH A O    1 
HETATM 602 O O    . HOH D 2 .  ? -6.242 -13.696 -11.533 1.00 16.98 ? 101 HOH B O    1 
HETATM 603 O O    . HOH D 2 .  ? 4.664  9.242   16.969  1.00 19.12 ? 102 HOH B O    1 
HETATM 604 O O    . HOH D 2 .  ? 5.222  3.549   7.574   1.00 11.69 ? 103 HOH B O    1 
HETATM 605 O O    . HOH D 2 .  ? -8.841 -15.083 -11.870 1.00 16.56 ? 104 HOH B O    1 
HETATM 606 O O    . HOH D 2 .  ? 5.993  0.905   8.014   1.00 16.41 ? 105 HOH B O    1 
HETATM 607 O O    . HOH D 2 .  ? 6.759  9.555   18.851  1.00 17.03 ? 106 HOH B O    1 
HETATM 608 O O    . HOH D 2 .  ? 5.578  12.051  19.131  1.00 22.36 ? 107 HOH B O    1 
# 
loop_
_atom_site_anisotrop.id 
_atom_site_anisotrop.type_symbol 
_atom_site_anisotrop.pdbx_label_atom_id 
_atom_site_anisotrop.pdbx_label_alt_id 
_atom_site_anisotrop.pdbx_label_comp_id 
_atom_site_anisotrop.pdbx_label_asym_id 
_atom_site_anisotrop.pdbx_label_seq_id 
_atom_site_anisotrop.pdbx_PDB_ins_code 
_atom_site_anisotrop.U[1][1] 
_atom_site_anisotrop.U[2][2] 
_atom_site_anisotrop.U[3][3] 
_atom_site_anisotrop.U[1][2] 
_atom_site_anisotrop.U[1][3] 
_atom_site_anisotrop.U[2][3] 
_atom_site_anisotrop.pdbx_auth_seq_id 
_atom_site_anisotrop.pdbx_auth_comp_id 
_atom_site_anisotrop.pdbx_auth_asym_id 
_atom_site_anisotrop.pdbx_auth_atom_id 
1   C C   . ACE A 1  ? 0.2153 0.1695 0.1092 0.0308  -0.0504 -0.0190 1   ACE A C   
2   O O   . ACE A 1  ? 0.2171 0.1749 0.1237 0.0418  -0.0553 -0.0328 1   ACE A O   
3   C CH3 . ACE A 1  ? 0.2220 0.1707 0.1199 0.0296  -0.0444 -0.0233 1   ACE A CH3 
7   N N   . AIB A 2  ? 0.1872 0.1660 0.1014 0.0123  -0.0431 -0.0121 2   AIB A N   
8   C CA  . AIB A 2  ? 0.1635 0.1659 0.1122 0.0155  -0.0104 -0.0124 2   AIB A CA  
9   C C   . AIB A 2  ? 0.1405 0.1335 0.1063 -0.0023 -0.0034 0.0024  2   AIB A C   
10  O O   . AIB A 2  ? 0.1589 0.1511 0.1191 -0.0194 -0.0157 0.0152  2   AIB A O   
11  C CB1 . AIB A 2  ? 0.1682 0.1706 0.1228 0.0149  -0.0162 -0.0079 2   AIB A CB1 
12  C CB2 . AIB A 2  ? 0.1801 0.2233 0.1480 -0.0011 0.0118  -0.0179 2   AIB A CB2 
20  N N   . PRO A 3  ? 0.1247 0.1190 0.0925 0.0002  -0.0156 -0.0046 3   PRO A N   
21  C CA  . PRO A 3  ? 0.1289 0.1085 0.0920 0.0112  -0.0165 -0.0046 3   PRO A CA  
22  C C   . PRO A 3  ? 0.1289 0.0939 0.0899 0.0062  -0.0163 -0.0061 3   PRO A C   
23  O O   . PRO A 3  ? 0.1467 0.0973 0.0906 -0.0012 -0.0180 -0.0098 3   PRO A O   
24  C CB  . PRO A 3  ? 0.1302 0.1820 0.1092 0.0095  -0.0091 0.0061  3   PRO A CB  
25  C CG  . PRO A 3  ? 0.1454 0.1520 0.1126 -0.0012 -0.0222 0.0278  3   PRO A CG  
26  C CD  . PRO A 3  ? 0.1342 0.1401 0.1120 -0.0140 -0.0279 0.0187  3   PRO A CD  
34  N N   . AIB A 4  ? 0.1302 0.0951 0.0891 0.0072  -0.0143 -0.0038 4   AIB A N   
35  C CA  . AIB A 4  ? 0.1284 0.0951 0.0980 0.0041  -0.0155 -0.0017 4   AIB A CA  
36  C C   . AIB A 4  ? 0.1268 0.1014 0.0935 0.0017  -0.0095 0.0006  4   AIB A C   
37  O O   . AIB A 4  ? 0.1298 0.0966 0.0930 0.0025  -0.0066 -0.0025 4   AIB A O   
38  C CB1 . AIB A 4  ? 0.1417 0.1000 0.1108 0.0091  -0.0181 -0.0112 4   AIB A CB1 
39  C CB2 . AIB A 4  ? 0.1345 0.1066 0.1012 0.0028  -0.0140 0.0011  4   AIB A CB2 
47  N N   . PRO A 5  ? 0.1431 0.1105 0.0915 -0.0063 -0.0094 0.0037  5   PRO A N   
48  C CA  . PRO A 5  ? 0.1542 0.1182 0.0943 -0.0147 -0.0112 0.0050  5   PRO A CA  
49  C C   . PRO A 5  ? 0.1319 0.1185 0.0938 -0.0108 -0.0186 0.0062  5   PRO A C   
50  O O   . PRO A 5  ? 0.1383 0.1791 0.1133 -0.0331 -0.0124 -0.0214 5   PRO A O   
51  C CB  . PRO A 5  ? 0.1460 0.1172 0.0897 -0.0049 -0.0127 0.0093  5   PRO A CB  
52  C CG  . PRO A 5  ? 0.1389 0.1199 0.0869 0.0052  -0.0133 0.0076  5   PRO A CG  
53  C CD  . PRO A 5  ? 0.1401 0.1071 0.0880 0.0083  -0.0086 -0.0024 5   PRO A CD  
61  N N   . PHE A 6  ? 0.1314 0.0795 0.1136 -0.0154 -0.0229 -0.0006 6   PHE A N   
62  C CA  . PHE A 6  ? 0.1566 0.0881 0.1172 0.0026  -0.0364 -0.0097 6   PHE A CA  
63  C C   . PHE A 6  ? 0.1746 0.0946 0.1168 -0.0005 -0.0322 -0.0109 6   PHE A C   
64  O O   . PHE A 6  ? 0.1798 0.1028 0.1218 0.0106  -0.0400 -0.0206 6   PHE A O   
65  C CB  . PHE A 6  ? 0.1455 0.0873 0.1128 -0.0001 -0.0254 -0.0058 6   PHE A CB  
66  C CG  . PHE A 6  ? 0.1242 0.0969 0.1153 0.0083  -0.0264 0.0008  6   PHE A CG  
67  C CD1 . PHE A 6  ? 0.1497 0.1177 0.1289 -0.0154 -0.0356 0.0105  6   PHE A CD1 
68  C CD2 . PHE A 6  ? 0.1347 0.0959 0.1131 -0.0023 -0.0218 0.0017  6   PHE A CD2 
69  C CE1 . PHE A 6  ? 0.1513 0.1199 0.1366 -0.0019 -0.0285 0.0177  6   PHE A CE1 
70  C CE2 . PHE A 6  ? 0.1240 0.1144 0.1166 0.0109  -0.0244 0.0128  6   PHE A CE2 
71  C CZ  . PHE A 6  ? 0.1352 0.1227 0.1357 0.0015  -0.0235 0.0158  6   PHE A CZ  
81  N N   . DIV A 7  ? 0.1739 0.0915 0.1104 0.0016  -0.0367 -0.0052 7   DIV A N   
82  C CA  . DIV A 7  ? 0.1806 0.0921 0.1122 0.0116  -0.0317 -0.0011 7   DIV A CA  
83  C CB1 . DIV A 7  ? 0.1927 0.0971 0.1333 0.0195  -0.0294 -0.0098 7   DIV A CB1 
84  C CG1 . DIV A 7  ? 0.2499 0.1651 0.1687 0.0409  -0.0616 0.0014  7   DIV A CG1 
85  C CB2 . DIV A 7  ? 0.1680 0.0958 0.1047 0.0149  -0.0117 -0.0114 7   DIV A CB2 
86  C C   . DIV A 7  ? 0.1803 0.0813 0.1053 0.0211  -0.0295 -0.0110 7   DIV A C   
87  O O   . DIV A 7  ? 0.1881 0.1205 0.1032 0.0523  -0.0442 -0.0190 7   DIV A O   
97  N N   . PRO A 8  ? 0.1865 0.0913 0.0907 0.0318  -0.0298 -0.0115 8   PRO A N   
98  C CA  . PRO A 8  ? 0.2013 0.1397 0.0990 0.0616  -0.0377 -0.0309 8   PRO A CA  
99  C C   . PRO A 8  ? 0.2099 0.1250 0.1011 0.0720  -0.0551 -0.0253 8   PRO A C   
100 O O   . PRO A 8  ? 0.2249 0.1388 0.0970 0.0867  -0.0569 -0.0274 8   PRO A O   
101 C CB  . PRO A 8  ? 0.1702 0.1090 0.0914 0.0298  -0.0056 -0.0046 8   PRO A CB  
102 C CG  . PRO A 8  ? 0.1691 0.0987 0.0895 0.0245  -0.0049 -0.0025 8   PRO A CG  
103 C CD  . PRO A 8  ? 0.1895 0.0928 0.0917 0.0242  -0.0251 -0.0141 8   PRO A CD  
111 N N   . ALA A 9  ? 0.2255 0.1170 0.0940 0.0610  -0.0650 -0.0362 9   ALA A N   
112 C CA  . ALA A 9  ? 0.2487 0.1106 0.1414 0.0676  -0.1003 -0.0451 9   ALA A CA  
113 C C   . ALA A 9  ? 0.2770 0.1247 0.1351 0.0936  -0.1015 -0.0439 9   ALA A C   
114 O O   . ALA A 9  ? 0.3212 0.1120 0.1267 0.0780  -0.1075 -0.0324 9   ALA A O   
115 C CB  . ALA A 9  ? 0.2799 0.1159 0.1449 0.0449  -0.0983 -0.0504 9   ALA A CB  
121 N N   . AIB A 10 ? 0.2751 0.1433 0.1369 0.0950  -0.1032 -0.0636 10  AIB A N   
122 C CA  . AIB A 10 ? 0.2765 0.1659 0.1506 0.1002  -0.1016 -0.0777 10  AIB A CA  
123 C C   . AIB A 10 ? 0.2205 0.1254 0.1461 0.0583  -0.0835 -0.0653 10  AIB A C   
124 O O   . AIB A 10 ? 0.1932 0.1087 0.1453 0.0338  -0.0698 -0.0578 10  AIB A O   
125 C CB1 . AIB A 10 ? 0.2743 0.1817 0.1626 0.0962  -0.1056 -0.0853 10  AIB A CB1 
126 C CB2 . AIB A 10 ? 0.3666 0.1668 0.1448 0.1146  -0.0826 -0.0723 10  AIB A CB2 
134 N N   . BAL A 11 ? 0.1776 0.1119 0.1480 0.0379  -0.0588 -0.0533 11  BAL A N   
135 C CB  . BAL A 11 ? 0.1163 0.1186 0.1466 0.0098  -0.0310 -0.0344 11  BAL A CB  
136 C CA  . BAL A 11 ? 0.1181 0.1003 0.0986 0.0102  -0.0267 -0.0149 11  BAL A CA  
137 C C   . BAL A 11 ? 0.1025 0.1001 0.0916 0.0090  -0.0192 -0.0129 11  BAL A C   
138 O O   . BAL A 11 ? 0.1265 0.0920 0.0937 0.0120  -0.0223 -0.0140 11  BAL A O   
144 N N   . ALA A 12 ? 0.1346 0.0949 0.0851 0.0136  -0.0162 -0.0169 12  ALA A N   
145 C CA  . ALA A 12 ? 0.1327 0.0928 0.0912 0.0125  -0.0045 -0.0178 12  ALA A CA  
146 C C   . ALA A 12 ? 0.1273 0.0963 0.0889 0.0127  -0.0089 -0.0166 12  ALA A C   
147 O O   . ALA A 12 ? 0.1543 0.0886 0.0793 0.0039  -0.0099 -0.0071 12  ALA A O   
148 C CB  . ALA A 12 ? 0.1799 0.1210 0.1055 0.0351  0.0160  0.0024  12  ALA A CB  
154 N N   . DIV A 13 ? 0.1241 0.0851 0.0808 0.0184  -0.0146 -0.0059 13  DIV A N   
155 C CA  . DIV A 13 ? 0.1304 0.0957 0.1032 0.0162  -0.0017 -0.0163 13  DIV A CA  
156 C CB1 . DIV A 13 ? 0.1501 0.0941 0.1050 0.0167  -0.0109 -0.0185 13  DIV A CB1 
157 C CG1 . DIV A 13 ? 0.1481 0.1127 0.1058 0.0144  -0.0083 -0.0158 13  DIV A CG1 
158 C CB2 . DIV A 13 ? 0.1319 0.1093 0.1142 0.0084  -0.0126 -0.0028 13  DIV A CB2 
159 C C   . DIV A 13 ? 0.1277 0.0838 0.1026 0.0022  -0.0013 -0.0110 13  DIV A C   
160 O O   . DIV A 13 ? 0.1456 0.0960 0.1104 0.0160  -0.0104 -0.0201 13  DIV A O   
170 N N   . BAL A 14 ? 0.1412 0.0903 0.0893 0.0131  -0.0031 -0.0158 14  BAL A N   
171 C CB  . BAL A 14 ? 0.1374 0.0977 0.0966 0.0017  -0.0062 -0.0060 14  BAL A CB  
172 C CA  . BAL A 14 ? 0.1357 0.0884 0.1109 0.0069  -0.0068 -0.0017 14  BAL A CA  
173 C C   . BAL A 14 ? 0.1277 0.0923 0.1018 0.0064  -0.0077 -0.0018 14  BAL A C   
174 O O   . BAL A 14 ? 0.1397 0.0949 0.1037 0.0159  -0.0153 -0.0052 14  BAL A O   
180 N N   . LEU A 15 ? 0.1136 0.0896 0.0998 0.0010  -0.0053 -0.0036 15  LEU A N   
181 C CA  . LEU A 15 ? 0.1169 0.0917 0.0972 0.0005  0.0016  -0.0048 15  LEU A CA  
182 C C   . LEU A 15 ? 0.1188 0.0898 0.0963 -0.0050 0.0048  -0.0060 15  LEU A C   
183 O O   . LEU A 15 ? 0.1329 0.0896 0.0908 -0.0048 0.0001  -0.0045 15  LEU A O   
184 C CB  . LEU A 15 ? 0.1083 0.0894 0.1022 -0.0014 0.0028  -0.0008 15  LEU A CB  
185 C CG  . LEU A 15 ? 0.1152 0.0798 0.1073 0.0020  0.0074  -0.0016 15  LEU A CG  
186 C CD1 . LEU A 15 ? 0.1311 0.1005 0.1138 0.0025  -0.0004 0.0037  15  LEU A CD1 
187 C CD2 . LEU A 15 ? 0.1211 0.1232 0.1124 -0.0126 0.0116  -0.0093 15  LEU A CD2 
199 N N   . AIB A 16 ? 0.1160 0.0794 0.0956 -0.0023 0.0059  -0.0160 16  AIB A N   
200 C CA  . AIB A 16 ? 0.1104 0.1028 0.0918 0.0073  -0.0001 -0.0163 16  AIB A CA  
201 C C   . AIB A 16 ? 0.1191 0.0885 0.0935 0.0002  -0.0038 -0.0130 16  AIB A C   
202 O O   . AIB A 16 ? 0.1431 0.0941 0.0976 0.0021  0.0007  -0.0185 16  AIB A O   
203 C CB1 . AIB A 16 ? 0.1317 0.1058 0.0917 0.0166  -0.0051 -0.0184 16  AIB A CB1 
204 C CB2 . AIB A 16 ? 0.1175 0.1194 0.1047 -0.0032 -0.0011 -0.0102 16  AIB A CB2 
212 N N   . BAL A 17 ? 0.1250 0.0981 0.0929 0.0084  -0.0017 -0.0121 17  BAL A N   
213 C CB  . BAL A 17 ? 0.1255 0.1104 0.0963 -0.0016 -0.0032 0.0003  17  BAL A CB  
214 C CA  . BAL A 17 ? 0.1236 0.1007 0.1106 0.0047  -0.0026 -0.0026 17  BAL A CA  
215 C C   . BAL A 17 ? 0.1175 0.1018 0.0899 0.0057  -0.0109 -0.0010 17  BAL A C   
216 O O   . BAL A 17 ? 0.1618 0.0946 0.0911 -0.0010 -0.0216 0.0029  17  BAL A O   
222 N N   . LEU A 18 ? 0.1251 0.0915 0.0907 0.0034  -0.0163 -0.0039 18  LEU A N   
223 C CA  . LEU A 18 ? 0.1308 0.0938 0.0985 0.0037  -0.0055 -0.0024 18  LEU A CA  
224 C C   . LEU A 18 ? 0.1229 0.0863 0.0894 0.0029  -0.0085 0.0034  18  LEU A C   
225 O O   . LEU A 18 ? 0.1440 0.0899 0.1022 0.0027  -0.0130 -0.0047 18  LEU A O   
226 C CB  . LEU A 18 ? 0.1201 0.0907 0.0976 0.0035  -0.0014 -0.0002 18  LEU A CB  
227 C CG  . LEU A 18 ? 0.1196 0.0708 0.0974 0.0092  -0.0006 0.0001  18  LEU A CG  
228 C CD1 . LEU A 18 ? 0.1266 0.1037 0.0960 0.0076  -0.0041 0.0010  18  LEU A CD1 
229 C CD2 . LEU A 18 ? 0.1222 0.0825 0.1046 0.0060  0.0040  -0.0050 18  LEU A CD2 
241 N N   . AIB A 19 ? 0.1353 0.0992 0.0885 -0.0128 -0.0025 -0.0060 19  AIB A N   
242 C CA  . AIB A 19 ? 0.1370 0.1337 0.0941 -0.0108 0.0012  -0.0119 19  AIB A CA  
243 C C   . AIB A 19 ? 0.1606 0.1049 0.0994 -0.0083 -0.0166 -0.0019 19  AIB A C   
244 O O   . AIB A 19 ? 0.1643 0.1140 0.1141 -0.0114 -0.0141 -0.0155 19  AIB A O   
245 C CB1 . AIB A 19 ? 0.1563 0.1390 0.0892 0.0011  -0.0143 -0.0264 19  AIB A CB1 
246 C CB2 . AIB A 19 ? 0.1615 0.1391 0.1064 -0.0242 0.0072  -0.0169 19  AIB A CB2 
254 N N   . AIB A 20 ? 0.1652 0.1032 0.0960 -0.0060 -0.0219 -0.0024 20  AIB A N   
255 C CA  . AIB A 20 ? 0.1759 0.1019 0.0979 -0.0046 -0.0321 -0.0004 20  AIB A CA  
256 C C   . AIB A 20 ? 0.1916 0.1038 0.1046 -0.0070 -0.0387 0.0012  20  AIB A C   
257 O O   . AIB A 20 ? 0.1960 0.0996 0.1056 -0.0036 -0.0405 0.0022  20  AIB A O   
258 C CB1 . AIB A 20 ? 0.1813 0.1053 0.1240 -0.0041 -0.0265 -0.0011 20  AIB A CB1 
259 C CB2 . AIB A 20 ? 0.2148 0.0879 0.1001 -0.0081 -0.0187 -0.0072 20  AIB A CB2 
267 N N   . LEU A 21 ? 0.1538 0.1015 0.1061 0.0088  -0.0303 0.0031  21  LEU A N   
268 C CA  . LEU A 21 ? 0.1900 0.1033 0.1130 0.0010  -0.0313 0.0039  21  LEU A CA  
269 C C   . LEU A 21 ? 0.2102 0.1261 0.1857 0.0277  -0.0135 0.0143  21  LEU A C   
270 O O   . LEU A 21 ? 0.2672 0.1293 0.2505 0.0099  0.0319  -0.0046 21  LEU A O   
271 C CB  . LEU A 21 ? 0.1963 0.1243 0.1191 -0.0063 -0.0262 0.0108  21  LEU A CB  
272 C CG  . LEU A 21 ? 0.1939 0.1303 0.1702 -0.0048 -0.0220 0.0025  21  LEU A CG  
273 C CD1 . LEU A 21 ? 0.2652 0.2416 0.2572 0.0401  -0.0955 -0.0719 21  LEU A CD1 
274 C CD2 . LEU A 21 ? 0.2503 0.1309 0.1893 -0.0071 0.0356  0.0074  21  LEU A CD2 
286 N N   . BAL A 22 ? 0.2016 0.1330 0.1464 0.0317  -0.0216 0.0200  22  BAL A N   
287 C CB  . BAL A 22 ? 0.2241 0.1980 0.2016 0.0733  0.0012  0.0531  22  BAL A CB  
288 C CA  . BAL A 22 ? 0.2885 0.2694 0.2525 0.0737  0.0617  0.0710  22  BAL A CA  
289 C C   . BAL A 22 ? 0.3713 0.1386 0.2285 0.0635  0.0468  0.0189  22  BAL A C   
295 C C   . ACE B 1  ? 0.2443 0.2292 0.1133 -0.0759 -0.0049 -0.0281 1   ACE B C   
296 O O   . ACE B 1  ? 0.2375 0.1866 0.1159 -0.0656 -0.0016 -0.0335 1   ACE B O   
297 C CH3 . ACE B 1  ? 0.3308 0.3006 0.1834 -0.0363 0.0484  -0.0512 1   ACE B CH3 
301 N N   . AIB B 2  ? 0.2325 0.2186 0.1263 -0.0970 -0.0165 -0.0166 2   AIB B N   
302 C CA  . AIB B 2  ? 0.2198 0.2085 0.1098 -0.0914 -0.0300 0.0042  2   AIB B CA  
303 C C   . AIB B 2  ? 0.1567 0.1358 0.1136 -0.0301 -0.0347 0.0151  2   AIB B C   
304 O O   . AIB B 2  ? 0.1555 0.1239 0.1180 -0.0167 -0.0356 0.0205  2   AIB B O   
305 C CB1 . AIB B 2  ? 0.2248 0.2386 0.1164 -0.1037 -0.0392 0.0259  2   AIB B CB1 
306 C CB2 . AIB B 2  ? 0.2265 0.2501 0.1636 -0.0981 -0.0441 0.0540  2   AIB B CB2 
314 N N   . PRO B 3  ? 0.1550 0.1268 0.1026 -0.0278 -0.0305 0.0065  3   PRO B N   
315 C CA  . PRO B 3  ? 0.1402 0.1248 0.1045 -0.0171 -0.0252 0.0023  3   PRO B CA  
316 C C   . PRO B 3  ? 0.1115 0.1013 0.0986 -0.0053 -0.0162 -0.0090 3   PRO B C   
317 O O   . PRO B 3  ? 0.1520 0.0995 0.1033 0.0058  -0.0302 -0.0113 3   PRO B O   
318 C CB  . PRO B 3  ? 0.1401 0.1212 0.1052 -0.0144 -0.0169 -0.0016 3   PRO B CB  
319 C CG  . PRO B 3  ? 0.1710 0.1493 0.1066 -0.0319 -0.0206 0.0075  3   PRO B CG  
320 C CD  . PRO B 3  ? 0.1906 0.1667 0.1138 -0.0488 -0.0094 -0.0059 3   PRO B CD  
328 N N   . AIB B 4  ? 0.1455 0.1014 0.1000 -0.0016 -0.0170 -0.0106 4   AIB B N   
329 C CA  . AIB B 4  ? 0.1315 0.1071 0.1071 0.0026  -0.0065 -0.0030 4   AIB B CA  
330 C C   . AIB B 4  ? 0.1204 0.0754 0.1067 0.0017  -0.0122 0.0006  4   AIB B C   
331 O O   . AIB B 4  ? 0.1240 0.1054 0.1092 -0.0017 -0.0132 0.0075  4   AIB B O   
332 C CB1 . AIB B 4  ? 0.1854 0.1082 0.1308 -0.0010 0.0016  -0.0115 4   AIB B CB1 
333 C CB2 . AIB B 4  ? 0.1315 0.1265 0.1381 0.0010  -0.0064 -0.0044 4   AIB B CB2 
341 N N   . PRO B 5  ? 0.1202 0.0940 0.1095 0.0027  -0.0148 -0.0009 5   PRO B N   
342 C CA  . PRO B 5  ? 0.1233 0.1031 0.1138 0.0018  -0.0111 -0.0019 5   PRO B CA  
343 C C   . PRO B 5  ? 0.1342 0.0933 0.0979 0.0078  -0.0179 0.0085  5   PRO B C   
344 O O   . PRO B 5  ? 0.1456 0.1082 0.0975 0.0009  -0.0139 0.0067  5   PRO B O   
345 C CB  . PRO B 5  ? 0.1247 0.0933 0.1170 -0.0015 -0.0197 0.0123  5   PRO B CB  
346 C CG  . PRO B 5  ? 0.1293 0.1121 0.1182 -0.0063 -0.0193 0.0033  5   PRO B CG  
347 C CD  . PRO B 5  ? 0.1275 0.0999 0.1140 -0.0009 -0.0219 0.0037  5   PRO B CD  
355 N N   . PHE B 6  ? 0.1336 0.0921 0.1011 0.0121  -0.0153 0.0059  6   PHE B N   
356 C CA  . PHE B 6  ? 0.1172 0.0904 0.0937 0.0070  -0.0042 0.0068  6   PHE B CA  
357 C C   . PHE B 6  ? 0.1180 0.0804 0.1043 0.0097  -0.0088 0.0085  6   PHE B C   
358 O O   . PHE B 6  ? 0.1381 0.1019 0.1064 0.0068  -0.0122 -0.0038 6   PHE B O   
359 C CB  . PHE B 6  ? 0.1088 0.1032 0.1111 0.0012  -0.0051 0.0209  6   PHE B CB  
360 C CG  . PHE B 6  ? 0.1066 0.0956 0.1255 0.0015  -0.0081 0.0191  6   PHE B CG  
361 C CD1 . PHE B 6  ? 0.1128 0.1072 0.1298 0.0016  -0.0098 0.0118  6   PHE B CD1 
362 C CD2 . PHE B 6  ? 0.1074 0.1329 0.1272 0.0099  -0.0082 0.0220  6   PHE B CD2 
363 C CE1 . PHE B 6  ? 0.1153 0.1091 0.1236 -0.0050 -0.0128 0.0302  6   PHE B CE1 
364 C CE2 . PHE B 6  ? 0.1060 0.1131 0.1383 0.0128  -0.0110 0.0249  6   PHE B CE2 
365 C CZ  . PHE B 6  ? 0.1161 0.1059 0.1317 -0.0043 -0.0069 0.0338  6   PHE B CZ  
375 N N   . DIV B 7  ? 0.1111 0.0931 0.1033 0.0012  -0.0122 0.0004  7   DIV B N   
376 C CA  . DIV B 7  ? 0.1144 0.1117 0.1083 -0.0101 -0.0147 0.0109  7   DIV B CA  
377 C CB1 . DIV B 7  ? 0.1474 0.1118 0.1111 -0.0069 -0.0178 0.0135  7   DIV B CB1 
378 C CG1 . DIV B 7  ? 0.1482 0.1577 0.1423 -0.0290 -0.0290 0.0553  7   DIV B CG1 
379 C CB2 . DIV B 7  ? 0.1260 0.1613 0.1213 -0.0186 -0.0076 -0.0102 7   DIV B CB2 
380 C C   . DIV B 7  ? 0.1288 0.0995 0.1112 -0.0030 -0.0202 -0.0004 7   DIV B C   
381 O O   . DIV B 7  ? 0.1361 0.1018 0.1224 -0.0030 -0.0267 -0.0040 7   DIV B O   
391 N N   . PRO B 8  ? 0.1224 0.0976 0.0981 0.0014  -0.0136 -0.0063 8   PRO B N   
392 C CA  . PRO B 8  ? 0.1606 0.1043 0.1061 -0.0045 -0.0287 -0.0037 8   PRO B CA  
393 C C   . PRO B 8  ? 0.1407 0.1067 0.0995 -0.0085 -0.0265 -0.0034 8   PRO B C   
394 O O   . PRO B 8  ? 0.1751 0.1035 0.1157 0.0024  -0.0522 -0.0081 8   PRO B O   
395 C CB  . PRO B 8  ? 0.1500 0.1028 0.1081 -0.0038 -0.0185 -0.0039 8   PRO B CB  
396 C CG  . PRO B 8  ? 0.1319 0.0985 0.1079 -0.0082 -0.0125 -0.0015 8   PRO B CG  
397 C CD  . PRO B 8  ? 0.1326 0.0999 0.1002 -0.0047 -0.0105 -0.0043 8   PRO B CD  
405 N N   . ALA B 9  ? 0.1424 0.1036 0.0991 -0.0096 -0.0244 -0.0160 9   ALA B N   
406 C CA  . ALA B 9  ? 0.1579 0.1107 0.1077 -0.0073 -0.0110 -0.0177 9   ALA B CA  
407 C C   . ALA B 9  ? 0.1415 0.1048 0.1135 0.0049  -0.0153 -0.0148 9   ALA B C   
408 O O   . ALA B 9  ? 0.1442 0.1141 0.1169 0.0122  -0.0161 -0.0209 9   ALA B O   
409 C CB  . ALA B 9  ? 0.1558 0.1793 0.1228 -0.0044 -0.0076 -0.0290 9   ALA B CB  
415 N N   . AIB B 10 ? 0.1478 0.0901 0.1224 0.0135  -0.0056 -0.0128 10  AIB B N   
416 C CA  . AIB B 10 ? 0.1575 0.0918 0.1280 0.0073  -0.0092 -0.0139 10  AIB B CA  
417 C C   . AIB B 10 ? 0.1470 0.0942 0.1175 0.0113  0.0007  -0.0227 10  AIB B C   
418 O O   . AIB B 10 ? 0.1918 0.0996 0.1133 -0.0123 0.0122  -0.0244 10  AIB B O   
419 C CB1 . AIB B 10 ? 0.1540 0.1078 0.1318 0.0051  -0.0105 -0.0080 10  AIB B CB1 
420 C CB2 . AIB B 10 ? 0.1687 0.0995 0.1710 0.0155  0.0017  -0.0078 10  AIB B CB2 
428 N N   . BAL B 11 ? 0.1402 0.0935 0.1047 0.0063  -0.0134 -0.0304 11  BAL B N   
429 C CB  . BAL B 11 ? 0.1282 0.1108 0.1025 0.0001  -0.0068 -0.0215 11  BAL B CB  
430 C CA  . BAL B 11 ? 0.1227 0.1058 0.1035 0.0097  -0.0066 -0.0195 11  BAL B CA  
431 C C   . BAL B 11 ? 0.1235 0.0969 0.0983 0.0073  -0.0006 -0.0139 11  BAL B C   
432 O O   . BAL B 11 ? 0.1390 0.1086 0.0989 0.0001  -0.0045 -0.0168 11  BAL B O   
438 N N   . ALA B 12 ? 0.1206 0.0836 0.1045 0.0050  0.0016  -0.0076 12  ALA B N   
439 C CA  . ALA B 12 ? 0.1135 0.0945 0.1221 0.0035  0.0061  -0.0198 12  ALA B CA  
440 C C   . ALA B 12 ? 0.1134 0.0934 0.1100 0.0042  -0.0013 -0.0158 12  ALA B C   
441 O O   . ALA B 12 ? 0.1206 0.1021 0.1164 0.0077  -0.0004 -0.0233 12  ALA B O   
442 C CB  . ALA B 12 ? 0.1174 0.1032 0.1525 0.0158  -0.0048 -0.0383 12  ALA B CB  
448 N N   . DIV B 13 ? 0.1167 0.0877 0.1012 -0.0010 -0.0050 -0.0182 13  DIV B N   
449 C CA  . DIV B 13 ? 0.1271 0.0889 0.1017 -0.0042 -0.0004 -0.0168 13  DIV B CA  
450 C CB1 . DIV B 13 ? 0.1330 0.0947 0.1244 0.0034  -0.0048 -0.0159 13  DIV B CB1 
451 C CG1 . DIV B 13 ? 0.1766 0.1194 0.1356 0.0280  -0.0277 -0.0280 13  DIV B CG1 
452 C CB2 . DIV B 13 ? 0.1301 0.0911 0.1070 -0.0039 0.0035  -0.0069 13  DIV B CB2 
453 C C   . DIV B 13 ? 0.1146 0.0957 0.0976 0.0010  0.0053  -0.0235 13  DIV B C   
454 O O   . DIV B 13 ? 0.1484 0.1010 0.1034 -0.0016 0.0022  -0.0308 13  DIV B O   
464 N N   . BAL B 14 ? 0.1143 0.0945 0.1033 -0.0032 -0.0066 -0.0244 14  BAL B N   
465 C CB  . BAL B 14 ? 0.1127 0.1159 0.1021 -0.0005 -0.0044 -0.0232 14  BAL B CB  
466 C CA  . BAL B 14 ? 0.1182 0.1004 0.1099 0.0113  0.0021  -0.0202 14  BAL B CA  
467 C C   . BAL B 14 ? 0.1180 0.0899 0.0964 0.0109  -0.0019 -0.0105 14  BAL B C   
468 O O   . BAL B 14 ? 0.1215 0.0907 0.0989 0.0112  -0.0060 -0.0099 14  BAL B O   
474 N N   . LEU B 15 ? 0.1205 0.0820 0.0961 0.0099  -0.0057 -0.0148 15  LEU B N   
475 C CA  . LEU B 15 ? 0.1225 0.0821 0.0974 0.0077  0.0012  -0.0108 15  LEU B CA  
476 C C   . LEU B 15 ? 0.1220 0.0748 0.0905 0.0123  -0.0068 -0.0046 15  LEU B C   
477 O O   . LEU B 15 ? 0.1226 0.0894 0.1012 0.0010  0.0006  -0.0171 15  LEU B O   
478 C CB  . LEU B 15 ? 0.1255 0.0957 0.0999 0.0108  -0.0038 -0.0093 15  LEU B CB  
479 C CG  . LEU B 15 ? 0.1256 0.0969 0.1009 0.0087  0.0009  -0.0137 15  LEU B CG  
480 C CD1 . LEU B 15 ? 0.1321 0.1159 0.1116 -0.0020 -0.0062 0.0017  15  LEU B CD1 
481 C CD2 . LEU B 15 ? 0.1228 0.1116 0.1014 0.0051  -0.0008 -0.0126 15  LEU B CD2 
493 N N   . AIB B 16 ? 0.1307 0.0865 0.0964 0.0000  0.0016  -0.0163 16  AIB B N   
494 C CA  . AIB B 16 ? 0.1404 0.0917 0.0953 -0.0080 -0.0015 -0.0093 16  AIB B CA  
495 C C   . AIB B 16 ? 0.1050 0.0919 0.0920 -0.0013 0.0122  -0.0096 16  AIB B C   
496 O O   . AIB B 16 ? 0.1238 0.0938 0.1067 0.0001  -0.0008 -0.0151 16  AIB B O   
497 C CB1 . AIB B 16 ? 0.1388 0.1159 0.0948 -0.0065 -0.0014 -0.0073 16  AIB B CB1 
498 C CB2 . AIB B 16 ? 0.1472 0.0958 0.1107 -0.0026 -0.0134 -0.0115 16  AIB B CB2 
506 N N   . BAL B 17 ? 0.1442 0.0950 0.0944 0.0040  0.0000  -0.0092 17  BAL B N   
507 C CB  . BAL B 17 ? 0.1301 0.0984 0.0952 0.0014  0.0041  -0.0060 17  BAL B CB  
508 C CA  . BAL B 17 ? 0.1323 0.0823 0.0998 -0.0004 0.0051  -0.0101 17  BAL B CA  
509 C C   . BAL B 17 ? 0.1290 0.0793 0.0912 -0.0023 0.0018  -0.0061 17  BAL B C   
510 O O   . BAL B 17 ? 0.1373 0.1031 0.0979 0.0062  -0.0038 -0.0182 17  BAL B O   
516 N N   . LEU B 18 ? 0.1313 0.0877 0.0887 0.0047  0.0002  -0.0113 18  LEU B N   
517 C CA  . LEU B 18 ? 0.1291 0.0820 0.0857 0.0028  0.0020  -0.0073 18  LEU B CA  
518 C C   . LEU B 18 ? 0.1395 0.0786 0.0782 0.0029  -0.0041 0.0004  18  LEU B C   
519 O O   . LEU B 18 ? 0.1412 0.1005 0.0920 0.0015  -0.0022 -0.0173 18  LEU B O   
520 C CB  . LEU B 18 ? 0.1328 0.0999 0.0912 0.0067  -0.0003 -0.0045 18  LEU B CB  
521 C CG  . LEU B 18 ? 0.1315 0.1019 0.1011 0.0054  -0.0024 -0.0032 18  LEU B CG  
522 C CD1 . LEU B 18 ? 0.1348 0.1103 0.1018 0.0049  -0.0041 -0.0032 18  LEU B CD1 
523 C CD2 . LEU B 18 ? 0.1314 0.1123 0.1056 -0.0004 0.0023  -0.0098 18  LEU B CD2 
535 N N   . AIB B 19 ? 0.1507 0.0931 0.0906 -0.0096 0.0084  -0.0135 19  AIB B N   
536 C CA  . AIB B 19 ? 0.1744 0.1066 0.0996 -0.0282 0.0073  -0.0131 19  AIB B CA  
537 C C   . AIB B 19 ? 0.1454 0.0939 0.1007 -0.0115 0.0118  -0.0179 19  AIB B C   
538 O O   . AIB B 19 ? 0.1633 0.0989 0.1099 -0.0182 0.0159  -0.0270 19  AIB B O   
539 C CB1 . AIB B 19 ? 0.1852 0.1417 0.1317 -0.0381 0.0263  -0.0369 19  AIB B CB1 
540 C CB2 . AIB B 19 ? 0.1938 0.1131 0.1082 -0.0183 0.0056  -0.0077 19  AIB B CB2 
548 N N   . AIB B 20 ? 0.1318 0.0943 0.1035 -0.0131 0.0062  -0.0146 20  AIB B N   
549 C CA  . AIB B 20 ? 0.1321 0.0924 0.1037 0.0021  0.0039  -0.0146 20  AIB B CA  
550 C C   . AIB B 20 ? 0.1355 0.0969 0.1018 0.0095  -0.0054 -0.0150 20  AIB B C   
551 O O   . AIB B 20 ? 0.1638 0.1104 0.1073 0.0122  -0.0199 -0.0190 20  AIB B O   
552 C CB1 . AIB B 20 ? 0.1331 0.1091 0.1467 0.0050  -0.0025 -0.0304 20  AIB B CB1 
553 C CB2 . AIB B 20 ? 0.1345 0.1025 0.1126 0.0000  -0.0005 -0.0043 20  AIB B CB2 
561 N N   . LEU B 21 ? 0.1381 0.0982 0.0951 0.0146  -0.0029 -0.0183 21  LEU B N   
562 C CA  . LEU B 21 ? 0.1414 0.0895 0.1114 0.0102  0.0099  -0.0189 21  LEU B CA  
563 C C   . LEU B 21 ? 0.1062 0.0910 0.1531 0.0184  0.0106  -0.0102 21  LEU B C   
564 O O   . LEU B 21 ? 0.1762 0.1008 0.2095 0.0118  0.0711  -0.0191 21  LEU B O   
565 C CB  . LEU B 21 ? 0.1480 0.1427 0.1610 -0.0042 0.0033  -0.0245 21  LEU B CB  
566 C CG  . LEU B 21 ? 0.1668 0.1581 0.2105 -0.0128 0.0134  -0.0074 21  LEU B CG  
567 C CD1 . LEU B 21 ? 0.2358 0.1677 0.1571 0.0207  0.0551  0.0101  21  LEU B CD1 
568 C CD2 . LEU B 21 ? 0.1800 0.1471 0.2645 -0.0053 -0.0115 -0.0240 21  LEU B CD2 
580 N N   . BAL B 22 ? 0.1114 0.0980 0.1510 0.0164  0.0090  -0.0076 22  BAL B N   
581 C CB  . BAL B 22 ? 0.1691 0.1170 0.2431 0.0356  0.0605  0.0309  22  BAL B CB  
582 C CA  . BAL B 22 ? 0.2172 0.1615 0.3157 0.0292  0.0399  -0.0264 22  BAL B CA  
583 C C   . BAL B 22 ? 0.2152 0.1678 0.3117 0.0234  0.0341  0.0137  22  BAL B C   
584 O O   . BAL B 22 ? 0.2359 0.1447 0.4176 0.0050  0.1137  0.0224  22  BAL B O   
590 N N   . GLY B 23 ? 0.2183 0.1567 0.3473 0.0401  -0.0183 0.0231  23  GLY B N   
591 C CA  . GLY B 23 ? 0.2114 0.1368 0.2537 0.0444  0.0029  0.0280  23  GLY B CA  
592 C C   . GLY B 23 ? 0.1818 0.1773 0.2154 0.0133  -0.0418 0.0137  23  GLY B C   
593 O OXT A GLY B 23 ? 0.1748 0.1845 0.1546 0.0095  -0.0321 0.0219  23  GLY B OXT 
594 O OXT B GLY B 23 ? 0.0929 0.0663 0.0232 -0.0271 0.0151  -0.0079 23  GLY B OXT 
600 O O   . HOH C .  ? 0.2027 0.2010 0.2072 0.0024  -0.0005 -0.0015 101 HOH A O   
601 O O   . HOH C .  ? 0.2179 0.2086 0.2073 -0.0004 -0.0017 -0.0043 102 HOH A O   
602 O O   . HOH D .  ? 0.2151 0.2067 0.2076 -0.0002 0.0044  0.0027  101 HOH B O   
603 O O   . HOH D .  ? 0.2371 0.2314 0.2401 -0.0095 -0.0100 -0.0036 102 HOH B O   
604 O O   . HOH D .  ? 0.1462 0.1327 0.1541 -0.0048 -0.0055 -0.0034 103 HOH B O   
605 O O   . HOH D .  ? 0.2078 0.2095 0.1963 0.0053  0.0044  -0.0023 104 HOH B O   
606 O O   . HOH D .  ? 0.2087 0.1931 0.2062 0.0009  0.0013  0.0006  105 HOH B O   
607 O O   . HOH D .  ? 0.2130 0.2118 0.2062 -0.0002 -0.0025 -0.0045 106 HOH B O   
608 O O   . HOH D .  ? 0.2783 0.2750 0.2752 0.0009  -0.0015 -0.0022 107 HOH B O   
# 
